data_1QS1
#
_entry.id   1QS1
#
_cell.length_a   53.900
_cell.length_b   78.700
_cell.length_c   105.900
_cell.angle_alpha   108.65
_cell.angle_beta   89.96
_cell.angle_gamma   90.02
#
_symmetry.space_group_name_H-M   'P 1'
#
loop_
_entity.id
_entity.type
_entity.pdbx_description
1 polymer ADP-RIBOSYLTRANSFERASE
2 water water
#
_entity_poly.entity_id   1
_entity_poly.type   'polypeptide(L)'
_entity_poly.pdbx_seq_one_letter_code
;MKRMEGKLFMVSKKLQVVTKTVLLSTVFSISLLNNEVIKAEQLNINSQSKYTNLQNLKITDKVEDFKEDKEKAKEWGKEK
EKEWKLTATEKGKMNNFLDNKNDIKTNYKEITFSMAGSFEDEIKDLKEIDKMFDKTNLSNSIITYKNVEPTTIGFNKSLT
EGNTINSDAMAQFKEQFLDRDIKFDSYLDTHLTAQQVSSKERVILKVTVPSGKGSTTPTKAGVILNNSEYKMLIDNGYMV
HVDKVSKVVKKGVECLQIEGTLKKSLDFKNDINAEAHSWGMKNYEEWAKDLTDSQREALDGYARQDYKEINNYLRNQGGS
GNEKLDAQIKNISDALGKKPIPENITVYRWCGMPEFGYQISDPLPSLKDFEEQFLNTIKEDKGYMSTSLSSERLAAFGSR
KIILRLQVPKGSTGAYLSAIGGFASEKEILLDKDSKYHIDKVTEVIIKGVKRYVVDATLLTN
;
_entity_poly.pdbx_strand_id   A,B,C,D
#
# COMPACT_ATOMS: atom_id res chain seq x y z
N THR A 60 10.50 -3.08 -65.68
CA THR A 60 9.79 -2.33 -64.60
C THR A 60 8.38 -1.94 -65.03
N ASP A 61 7.38 -2.54 -64.37
CA ASP A 61 5.98 -2.29 -64.67
C ASP A 61 5.56 -0.84 -64.49
N LYS A 62 4.49 -0.47 -65.16
CA LYS A 62 3.94 0.88 -65.08
C LYS A 62 3.35 1.03 -63.68
N VAL A 63 3.84 2.00 -62.93
CA VAL A 63 3.35 2.23 -61.57
C VAL A 63 3.27 3.72 -61.27
N GLU A 64 2.17 4.13 -60.63
CA GLU A 64 1.98 5.53 -60.26
C GLU A 64 2.68 5.76 -58.93
N ASP A 65 3.14 6.99 -58.70
CA ASP A 65 3.78 7.37 -57.46
C ASP A 65 3.71 8.89 -57.35
N PHE A 66 2.75 9.38 -56.59
CA PHE A 66 2.58 10.82 -56.45
C PHE A 66 3.55 11.52 -55.52
N LYS A 67 4.37 10.75 -54.83
CA LYS A 67 5.36 11.31 -53.91
C LYS A 67 4.72 12.23 -52.86
N GLU A 68 4.90 13.54 -52.99
CA GLU A 68 4.33 14.48 -52.01
C GLU A 68 3.21 15.35 -52.57
N ASP A 69 2.78 15.09 -53.81
CA ASP A 69 1.73 15.88 -54.45
C ASP A 69 0.33 15.41 -54.08
N LYS A 70 -0.25 15.98 -53.02
CA LYS A 70 -1.59 15.59 -52.58
C LYS A 70 -2.68 15.93 -53.60
N GLU A 71 -2.51 17.02 -54.32
CA GLU A 71 -3.51 17.43 -55.30
C GLU A 71 -3.64 16.46 -56.47
N LYS A 72 -2.52 16.01 -57.00
CA LYS A 72 -2.57 15.07 -58.11
C LYS A 72 -3.08 13.74 -57.58
N ALA A 73 -2.71 13.40 -56.35
CA ALA A 73 -3.14 12.14 -55.74
C ALA A 73 -4.65 12.14 -55.47
N LYS A 74 -5.18 13.27 -55.03
CA LYS A 74 -6.61 13.39 -54.75
C LYS A 74 -7.43 13.16 -56.01
N GLU A 75 -6.98 13.73 -57.13
CA GLU A 75 -7.68 13.56 -58.39
C GLU A 75 -7.72 12.09 -58.77
N TRP A 76 -6.59 11.41 -58.64
CA TRP A 76 -6.50 9.99 -58.96
C TRP A 76 -7.41 9.22 -58.00
N GLY A 77 -7.34 9.57 -56.72
CA GLY A 77 -8.16 8.89 -55.73
C GLY A 77 -9.65 9.03 -55.99
N LYS A 78 -10.08 10.25 -56.30
CA LYS A 78 -11.49 10.53 -56.57
C LYS A 78 -12.07 9.58 -57.62
N GLU A 79 -11.29 9.32 -58.67
CA GLU A 79 -11.76 8.46 -59.74
C GLU A 79 -11.66 6.96 -59.42
N LYS A 80 -10.66 6.56 -58.63
CA LYS A 80 -10.52 5.14 -58.32
C LYS A 80 -11.54 4.72 -57.25
N GLU A 81 -11.93 5.66 -56.40
CA GLU A 81 -12.90 5.40 -55.34
C GLU A 81 -14.21 4.91 -55.93
N LYS A 82 -14.55 5.43 -57.11
CA LYS A 82 -15.79 5.06 -57.77
C LYS A 82 -15.78 3.63 -58.29
N GLU A 83 -14.58 3.10 -58.59
CA GLU A 83 -14.47 1.75 -59.13
C GLU A 83 -14.74 0.58 -58.18
N TRP A 84 -14.62 0.79 -56.87
CA TRP A 84 -14.89 -0.30 -55.93
C TRP A 84 -16.41 -0.54 -55.93
N LYS A 85 -17.17 0.53 -56.08
CA LYS A 85 -18.64 0.46 -56.13
C LYS A 85 -19.29 -0.07 -54.86
N LEU A 86 -18.79 0.37 -53.71
CA LEU A 86 -19.36 -0.05 -52.43
C LEU A 86 -20.65 0.73 -52.24
N THR A 87 -21.64 0.12 -51.59
CA THR A 87 -22.90 0.82 -51.33
C THR A 87 -22.65 1.79 -50.17
N ALA A 88 -23.62 2.63 -49.88
CA ALA A 88 -23.46 3.58 -48.79
C ALA A 88 -23.39 2.84 -47.45
N THR A 89 -24.10 1.72 -47.35
CA THR A 89 -24.09 0.93 -46.13
C THR A 89 -22.71 0.32 -45.93
N GLU A 90 -22.18 -0.25 -47.01
CA GLU A 90 -20.85 -0.85 -46.97
C GLU A 90 -19.78 0.16 -46.58
N LYS A 91 -19.82 1.34 -47.20
CA LYS A 91 -18.85 2.37 -46.87
C LYS A 91 -18.94 2.73 -45.39
N GLY A 92 -20.16 2.76 -44.86
CA GLY A 92 -20.35 3.08 -43.45
C GLY A 92 -19.68 2.10 -42.52
N LYS A 93 -19.81 0.81 -42.81
CA LYS A 93 -19.22 -0.22 -41.98
C LYS A 93 -17.70 -0.20 -42.10
N MET A 94 -17.18 0.03 -43.30
CA MET A 94 -15.72 0.06 -43.50
C MET A 94 -15.13 1.26 -42.76
N ASN A 95 -15.80 2.41 -42.85
CA ASN A 95 -15.31 3.58 -42.16
C ASN A 95 -15.43 3.40 -40.64
N ASN A 96 -16.48 2.74 -40.18
CA ASN A 96 -16.64 2.50 -38.75
C ASN A 96 -15.46 1.66 -38.26
N PHE A 97 -15.00 0.73 -39.08
CA PHE A 97 -13.86 -0.11 -38.70
C PHE A 97 -12.60 0.74 -38.63
N LEU A 98 -12.32 1.47 -39.70
CA LEU A 98 -11.13 2.31 -39.74
C LEU A 98 -11.11 3.37 -38.62
N ASP A 99 -12.29 3.80 -38.18
CA ASP A 99 -12.37 4.80 -37.12
C ASP A 99 -12.43 4.18 -35.73
N ASN A 100 -12.27 2.86 -35.67
CA ASN A 100 -12.28 2.13 -34.41
C ASN A 100 -13.55 2.30 -33.58
N LYS A 101 -14.70 2.34 -34.25
CA LYS A 101 -15.99 2.48 -33.56
C LYS A 101 -16.17 1.27 -32.64
N ASN A 102 -16.51 1.52 -31.38
CA ASN A 102 -16.71 0.46 -30.39
C ASN A 102 -15.45 -0.40 -30.23
N ASP A 103 -14.28 0.20 -30.47
CA ASP A 103 -12.98 -0.48 -30.35
C ASP A 103 -12.83 -1.73 -31.20
N ILE A 104 -13.56 -1.82 -32.30
CA ILE A 104 -13.47 -2.99 -33.16
C ILE A 104 -12.06 -3.14 -33.77
N LYS A 105 -11.38 -2.03 -34.01
CA LYS A 105 -10.05 -2.08 -34.60
C LYS A 105 -9.01 -2.46 -33.54
N THR A 106 -9.18 -1.94 -32.33
CA THR A 106 -8.29 -2.25 -31.21
C THR A 106 -8.42 -3.73 -30.84
N ASN A 107 -9.64 -4.25 -30.90
CA ASN A 107 -9.91 -5.63 -30.55
C ASN A 107 -9.76 -6.64 -31.68
N TYR A 108 -9.53 -6.17 -32.91
CA TYR A 108 -9.44 -7.06 -34.07
C TYR A 108 -8.49 -8.24 -33.92
N LYS A 109 -7.26 -8.01 -33.52
CA LYS A 109 -6.31 -9.14 -33.40
C LYS A 109 -6.84 -10.21 -32.45
N GLU A 110 -7.32 -9.80 -31.26
CA GLU A 110 -7.87 -10.76 -30.32
C GLU A 110 -9.06 -11.49 -30.94
N ILE A 111 -9.94 -10.73 -31.59
CA ILE A 111 -11.11 -11.32 -32.23
C ILE A 111 -10.73 -12.46 -33.17
N THR A 112 -9.71 -12.24 -34.00
CA THR A 112 -9.31 -13.29 -34.94
C THR A 112 -8.75 -14.54 -34.30
N PHE A 113 -8.37 -14.46 -33.02
CA PHE A 113 -7.87 -15.64 -32.30
C PHE A 113 -8.82 -16.03 -31.17
N SER A 114 -10.08 -15.63 -31.30
CA SER A 114 -11.06 -15.93 -30.27
C SER A 114 -11.88 -17.19 -30.47
N MET A 115 -12.55 -17.60 -29.41
CA MET A 115 -13.39 -18.78 -29.46
C MET A 115 -14.73 -18.40 -30.06
N ALA A 116 -15.36 -19.35 -30.76
CA ALA A 116 -16.65 -19.12 -31.39
C ALA A 116 -17.66 -18.56 -30.38
N GLY A 117 -18.35 -17.50 -30.78
CA GLY A 117 -19.34 -16.91 -29.88
C GLY A 117 -18.88 -15.59 -29.28
N SER A 118 -17.56 -15.38 -29.23
CA SER A 118 -17.02 -14.14 -28.68
C SER A 118 -17.17 -13.00 -29.68
N PHE A 119 -17.34 -11.79 -29.16
CA PHE A 119 -17.49 -10.59 -29.98
C PHE A 119 -18.46 -10.83 -31.14
N GLU A 120 -19.64 -11.36 -30.87
CA GLU A 120 -20.52 -11.63 -32.01
C GLU A 120 -21.07 -10.40 -32.74
N ASP A 121 -21.21 -9.27 -32.06
CA ASP A 121 -21.71 -8.07 -32.76
C ASP A 121 -20.63 -7.62 -33.76
N GLU A 122 -19.37 -7.65 -33.33
CA GLU A 122 -18.26 -7.23 -34.19
C GLU A 122 -18.10 -8.19 -35.37
N ILE A 123 -18.28 -9.47 -35.12
CA ILE A 123 -18.17 -10.48 -36.18
C ILE A 123 -19.15 -10.23 -37.33
N LYS A 124 -20.37 -9.78 -37.01
CA LYS A 124 -21.34 -9.52 -38.07
C LYS A 124 -20.79 -8.46 -39.03
N ASP A 125 -20.19 -7.42 -38.48
CA ASP A 125 -19.60 -6.36 -39.29
C ASP A 125 -18.38 -6.86 -40.07
N LEU A 126 -17.56 -7.67 -39.42
CA LEU A 126 -16.37 -8.20 -40.06
C LEU A 126 -16.71 -9.14 -41.22
N LYS A 127 -17.85 -9.82 -41.14
CA LYS A 127 -18.26 -10.72 -42.21
C LYS A 127 -18.58 -9.91 -43.46
N GLU A 128 -19.24 -8.77 -43.28
CA GLU A 128 -19.61 -7.91 -44.41
C GLU A 128 -18.37 -7.26 -45.02
N ILE A 129 -17.43 -6.85 -44.16
CA ILE A 129 -16.20 -6.22 -44.62
C ILE A 129 -15.37 -7.20 -45.47
N ASP A 130 -15.28 -8.45 -45.02
CA ASP A 130 -14.55 -9.47 -45.74
C ASP A 130 -15.15 -9.61 -47.16
N LYS A 131 -16.48 -9.61 -47.25
CA LYS A 131 -17.14 -9.73 -48.55
C LYS A 131 -16.90 -8.54 -49.47
N MET A 132 -16.62 -7.37 -48.89
CA MET A 132 -16.38 -6.19 -49.72
C MET A 132 -15.13 -6.36 -50.56
N PHE A 133 -14.13 -7.08 -50.04
CA PHE A 133 -12.92 -7.26 -50.83
C PHE A 133 -13.07 -8.16 -52.05
N ASP A 134 -14.23 -8.81 -52.18
CA ASP A 134 -14.49 -9.65 -53.35
C ASP A 134 -15.09 -8.76 -54.45
N LYS A 135 -15.34 -7.49 -54.12
CA LYS A 135 -15.92 -6.53 -55.06
C LYS A 135 -14.89 -5.55 -55.63
N THR A 136 -13.62 -5.75 -55.31
CA THR A 136 -12.56 -4.87 -55.76
C THR A 136 -12.27 -4.95 -57.27
N ASN A 137 -11.72 -3.86 -57.81
CA ASN A 137 -11.36 -3.79 -59.22
C ASN A 137 -10.34 -2.67 -59.38
N LEU A 138 -9.11 -2.93 -58.95
CA LEU A 138 -8.03 -1.93 -59.03
C LEU A 138 -7.57 -1.77 -60.48
N SER A 139 -7.71 -0.57 -61.03
CA SER A 139 -7.35 -0.32 -62.42
C SER A 139 -5.89 0.00 -62.71
N ASN A 140 -5.15 0.53 -61.73
CA ASN A 140 -3.74 0.83 -61.93
C ASN A 140 -2.87 0.53 -60.72
N SER A 141 -1.61 0.17 -60.96
CA SER A 141 -0.65 -0.11 -59.89
C SER A 141 -0.16 1.22 -59.35
N ILE A 142 0.17 1.25 -58.06
CA ILE A 142 0.61 2.48 -57.45
C ILE A 142 1.47 2.20 -56.22
N ILE A 143 2.33 3.16 -55.89
CA ILE A 143 3.17 3.06 -54.72
C ILE A 143 2.43 3.80 -53.61
N THR A 144 2.25 3.15 -52.47
CA THR A 144 1.54 3.77 -51.35
C THR A 144 2.48 3.93 -50.16
N TYR A 145 2.06 4.74 -49.20
CA TYR A 145 2.89 5.04 -48.04
C TYR A 145 2.19 4.88 -46.70
N LYS A 146 2.93 4.41 -45.70
CA LYS A 146 2.39 4.28 -44.35
C LYS A 146 3.52 4.30 -43.35
N ASN A 147 3.44 5.21 -42.38
CA ASN A 147 4.47 5.28 -41.35
C ASN A 147 3.96 4.50 -40.15
N VAL A 148 4.81 3.63 -39.61
CA VAL A 148 4.40 2.83 -38.47
C VAL A 148 5.43 2.78 -37.35
N GLU A 149 4.94 2.48 -36.15
CA GLU A 149 5.80 2.37 -34.98
C GLU A 149 6.42 0.96 -35.13
N PRO A 150 7.73 0.83 -34.87
CA PRO A 150 8.40 -0.47 -35.00
C PRO A 150 7.76 -1.71 -34.39
N THR A 151 7.21 -1.60 -33.18
CA THR A 151 6.63 -2.80 -32.58
C THR A 151 5.41 -3.31 -33.35
N THR A 152 4.77 -2.44 -34.13
CA THR A 152 3.59 -2.89 -34.88
C THR A 152 3.97 -3.95 -35.93
N ILE A 153 5.21 -3.95 -36.39
CA ILE A 153 5.64 -4.96 -37.35
C ILE A 153 6.63 -5.96 -36.73
N GLY A 154 6.62 -6.05 -35.42
CA GLY A 154 7.48 -7.01 -34.75
C GLY A 154 8.95 -6.68 -34.53
N PHE A 155 9.34 -5.40 -34.64
CA PHE A 155 10.72 -5.07 -34.35
C PHE A 155 10.67 -4.62 -32.90
N ASN A 156 11.22 -5.45 -32.01
CA ASN A 156 11.16 -5.21 -30.58
C ASN A 156 12.40 -4.66 -29.89
N LYS A 157 13.33 -4.13 -30.66
CA LYS A 157 14.51 -3.51 -30.05
C LYS A 157 14.38 -2.01 -30.16
N SER A 158 15.23 -1.30 -29.42
CA SER A 158 15.23 0.15 -29.47
C SER A 158 15.65 0.54 -30.89
N LEU A 159 14.90 1.43 -31.51
CA LEU A 159 15.21 1.87 -32.87
C LEU A 159 15.79 3.28 -32.94
N THR A 160 15.22 4.19 -32.15
CA THR A 160 15.62 5.58 -32.18
C THR A 160 16.27 6.12 -30.92
N GLU A 161 16.97 7.25 -31.09
CA GLU A 161 17.63 7.99 -30.02
C GLU A 161 17.29 9.42 -30.43
N GLY A 162 16.13 9.89 -30.01
CA GLY A 162 15.71 11.22 -30.40
C GLY A 162 15.48 11.19 -31.90
N ASN A 163 16.01 12.17 -32.63
CA ASN A 163 15.82 12.23 -34.08
C ASN A 163 16.82 11.42 -34.90
N THR A 164 17.61 10.57 -34.26
CA THR A 164 18.59 9.75 -34.98
C THR A 164 18.29 8.26 -34.81
N ILE A 165 18.78 7.46 -35.73
CA ILE A 165 18.58 6.01 -35.68
C ILE A 165 19.82 5.34 -35.11
N ASN A 166 19.60 4.46 -34.13
CA ASN A 166 20.69 3.74 -33.51
C ASN A 166 21.42 2.95 -34.60
N SER A 167 22.74 3.11 -34.66
CA SER A 167 23.57 2.43 -35.66
C SER A 167 23.38 0.90 -35.61
N ASP A 168 23.43 0.34 -34.41
CA ASP A 168 23.26 -1.10 -34.24
C ASP A 168 21.84 -1.50 -34.59
N ALA A 169 20.89 -0.58 -34.42
CA ALA A 169 19.48 -0.85 -34.70
C ALA A 169 19.24 -1.21 -36.15
N MET A 170 19.82 -0.44 -37.08
CA MET A 170 19.63 -0.74 -38.49
C MET A 170 20.15 -2.12 -38.84
N ALA A 171 21.32 -2.46 -38.32
CA ALA A 171 21.90 -3.76 -38.58
C ALA A 171 20.93 -4.86 -38.14
N GLN A 172 20.39 -4.74 -36.94
CA GLN A 172 19.44 -5.73 -36.43
C GLN A 172 18.18 -5.74 -37.29
N PHE A 173 17.71 -4.55 -37.67
CA PHE A 173 16.51 -4.43 -38.48
C PHE A 173 16.66 -5.10 -39.84
N LYS A 174 17.79 -4.86 -40.51
CA LYS A 174 18.03 -5.46 -41.81
C LYS A 174 18.16 -6.98 -41.73
N GLU A 175 18.85 -7.46 -40.71
CA GLU A 175 19.02 -8.90 -40.58
C GLU A 175 17.68 -9.58 -40.34
N GLN A 176 16.76 -8.89 -39.66
CA GLN A 176 15.46 -9.47 -39.39
C GLN A 176 14.45 -9.36 -40.54
N PHE A 177 14.50 -8.27 -41.30
CA PHE A 177 13.52 -8.06 -42.37
C PHE A 177 13.94 -8.07 -43.83
N LEU A 178 15.19 -7.77 -44.15
CA LEU A 178 15.55 -7.74 -45.57
C LEU A 178 15.35 -9.08 -46.28
N ASP A 179 14.69 -9.02 -47.44
CA ASP A 179 14.41 -10.20 -48.25
C ASP A 179 13.40 -11.18 -47.68
N ARG A 180 12.69 -10.73 -46.65
CA ARG A 180 11.66 -11.58 -46.06
C ARG A 180 10.30 -10.92 -46.21
N ASP A 181 9.26 -11.64 -45.84
CA ASP A 181 7.88 -11.14 -45.94
C ASP A 181 7.36 -10.73 -44.58
N ILE A 182 6.65 -9.60 -44.54
CA ILE A 182 6.06 -9.11 -43.30
C ILE A 182 4.55 -9.37 -43.33
N LYS A 183 4.08 -10.15 -42.36
CA LYS A 183 2.67 -10.48 -42.23
C LYS A 183 2.07 -9.50 -41.21
N PHE A 184 0.99 -8.80 -41.60
CA PHE A 184 0.34 -7.86 -40.71
C PHE A 184 -0.84 -8.50 -39.98
N ASP A 185 -1.31 -7.87 -38.91
CA ASP A 185 -2.41 -8.41 -38.12
C ASP A 185 -3.79 -7.96 -38.57
N SER A 186 -3.84 -6.92 -39.40
CA SER A 186 -5.11 -6.37 -39.85
C SER A 186 -4.98 -5.79 -41.25
N TYR A 187 -6.10 -5.34 -41.80
CA TYR A 187 -6.11 -4.75 -43.13
C TYR A 187 -5.09 -3.63 -43.21
N LEU A 188 -4.31 -3.63 -44.28
CA LEU A 188 -3.29 -2.60 -44.44
C LEU A 188 -3.88 -1.36 -45.12
N ASP A 189 -4.04 -0.29 -44.36
CA ASP A 189 -4.57 0.96 -44.88
C ASP A 189 -3.43 1.94 -45.14
N THR A 190 -3.17 2.19 -46.42
CA THR A 190 -2.08 3.07 -46.82
C THR A 190 -2.52 4.36 -47.51
N HIS A 191 -1.60 5.32 -47.57
CA HIS A 191 -1.85 6.64 -48.16
C HIS A 191 -1.30 6.77 -49.58
N LEU A 192 -1.84 7.72 -50.34
CA LEU A 192 -1.40 7.90 -51.71
C LEU A 192 -0.20 8.83 -51.88
N THR A 193 0.26 9.41 -50.78
CA THR A 193 1.42 10.30 -50.77
C THR A 193 2.19 10.10 -49.49
N ALA A 194 3.48 10.46 -49.52
CA ALA A 194 4.34 10.36 -48.36
C ALA A 194 3.73 11.14 -47.20
N GLN A 195 3.77 10.55 -46.02
CA GLN A 195 3.20 11.13 -44.82
C GLN A 195 4.20 11.78 -43.89
N GLN A 196 3.77 12.84 -43.21
CA GLN A 196 4.63 13.54 -42.26
C GLN A 196 5.01 12.56 -41.15
N VAL A 197 6.26 12.62 -40.73
CA VAL A 197 6.77 11.74 -39.69
C VAL A 197 6.47 12.24 -38.28
N SER A 198 6.01 11.34 -37.42
CA SER A 198 5.73 11.69 -36.03
C SER A 198 6.95 11.25 -35.22
N SER A 199 6.85 11.32 -33.90
CA SER A 199 7.96 10.94 -33.04
C SER A 199 8.21 9.44 -32.97
N LYS A 200 7.13 8.65 -32.88
CA LYS A 200 7.25 7.20 -32.75
C LYS A 200 7.06 6.34 -34.00
N GLU A 201 6.27 6.82 -34.96
CA GLU A 201 6.05 6.06 -36.19
C GLU A 201 7.20 6.38 -37.12
N ARG A 202 8.36 5.79 -36.80
CA ARG A 202 9.61 6.02 -37.51
C ARG A 202 10.01 5.02 -38.60
N VAL A 203 9.13 4.07 -38.90
CA VAL A 203 9.42 3.11 -39.95
C VAL A 203 8.49 3.50 -41.11
N ILE A 204 9.08 3.85 -42.25
CA ILE A 204 8.28 4.25 -43.40
C ILE A 204 8.10 3.08 -44.36
N LEU A 205 6.84 2.70 -44.60
CA LEU A 205 6.54 1.60 -45.52
C LEU A 205 6.16 2.19 -46.87
N LYS A 206 7.00 1.95 -47.86
CA LYS A 206 6.77 2.42 -49.23
C LYS A 206 6.44 1.13 -49.98
N VAL A 207 5.15 0.86 -50.08
CA VAL A 207 4.66 -0.38 -50.65
C VAL A 207 4.07 -0.31 -52.05
N THR A 208 4.64 -1.10 -52.97
CA THR A 208 4.14 -1.16 -54.33
C THR A 208 2.93 -2.08 -54.34
N VAL A 209 1.80 -1.56 -54.81
CA VAL A 209 0.56 -2.31 -54.89
C VAL A 209 0.28 -2.59 -56.37
N PRO A 210 0.61 -3.80 -56.84
CA PRO A 210 0.35 -4.14 -58.24
C PRO A 210 -1.15 -4.30 -58.46
N SER A 211 -1.63 -3.95 -59.65
CA SER A 211 -3.05 -4.09 -59.94
C SER A 211 -3.40 -5.52 -60.25
N GLY A 212 -2.48 -6.21 -60.95
CA GLY A 212 -2.73 -7.58 -61.34
C GLY A 212 -3.79 -7.61 -62.43
N LYS A 213 -4.05 -6.44 -63.02
CA LYS A 213 -5.06 -6.29 -64.07
C LYS A 213 -5.22 -7.40 -65.12
N GLY A 214 -4.16 -7.69 -65.85
CA GLY A 214 -4.25 -8.72 -66.87
C GLY A 214 -3.83 -10.11 -66.43
N SER A 215 -4.07 -10.43 -65.16
CA SER A 215 -3.69 -11.73 -64.61
C SER A 215 -4.89 -12.50 -64.08
N THR A 216 -4.63 -13.73 -63.64
CA THR A 216 -5.69 -14.57 -63.09
C THR A 216 -5.99 -14.23 -61.65
N THR A 217 -5.10 -13.43 -61.04
CA THR A 217 -5.28 -13.04 -59.65
C THR A 217 -5.24 -11.53 -59.43
N PRO A 218 -6.31 -10.82 -59.83
CA PRO A 218 -6.32 -9.38 -59.64
C PRO A 218 -6.17 -9.08 -58.15
N THR A 219 -5.50 -7.98 -57.83
CA THR A 219 -5.27 -7.62 -56.45
C THR A 219 -6.52 -7.18 -55.69
N LYS A 220 -6.77 -7.81 -54.55
CA LYS A 220 -7.91 -7.46 -53.72
C LYS A 220 -7.58 -6.25 -52.84
N ALA A 221 -7.64 -5.08 -53.45
CA ALA A 221 -7.36 -3.80 -52.81
C ALA A 221 -8.23 -2.75 -53.49
N GLY A 222 -8.52 -1.68 -52.77
CA GLY A 222 -9.34 -0.62 -53.35
C GLY A 222 -9.22 0.69 -52.61
N VAL A 223 -9.64 1.76 -53.28
CA VAL A 223 -9.58 3.09 -52.68
C VAL A 223 -10.88 3.45 -51.96
N ILE A 224 -10.73 4.02 -50.78
CA ILE A 224 -11.86 4.44 -49.98
C ILE A 224 -11.63 5.86 -49.47
N LEU A 225 -12.73 6.59 -49.30
CA LEU A 225 -12.65 7.95 -48.78
C LEU A 225 -12.88 7.85 -47.27
N ASN A 226 -11.84 8.16 -46.51
CA ASN A 226 -11.94 8.10 -45.05
C ASN A 226 -11.19 9.25 -44.41
N ASN A 227 -11.85 9.90 -43.46
CA ASN A 227 -11.26 11.02 -42.74
C ASN A 227 -10.82 12.14 -43.70
N SER A 228 -11.65 12.39 -44.72
CA SER A 228 -11.38 13.45 -45.70
C SER A 228 -10.17 13.16 -46.59
N GLU A 229 -9.81 11.89 -46.72
CA GLU A 229 -8.66 11.52 -47.54
C GLU A 229 -8.89 10.21 -48.27
N TYR A 230 -8.41 10.13 -49.50
CA TYR A 230 -8.53 8.90 -50.27
C TYR A 230 -7.37 8.00 -49.88
N LYS A 231 -7.69 6.79 -49.43
CA LYS A 231 -6.67 5.84 -49.01
C LYS A 231 -6.84 4.47 -49.65
N MET A 232 -5.74 3.74 -49.73
CA MET A 232 -5.76 2.40 -50.31
C MET A 232 -5.95 1.36 -49.21
N LEU A 233 -6.97 0.52 -49.36
CA LEU A 233 -7.25 -0.53 -48.40
C LEU A 233 -6.88 -1.85 -49.07
N ILE A 234 -6.05 -2.63 -48.39
CA ILE A 234 -5.57 -3.91 -48.91
C ILE A 234 -6.06 -5.08 -48.05
N ASP A 235 -6.54 -6.13 -48.70
CA ASP A 235 -7.03 -7.30 -47.97
C ASP A 235 -5.97 -8.00 -47.11
N ASN A 236 -6.42 -8.80 -46.15
CA ASN A 236 -5.53 -9.56 -45.26
C ASN A 236 -4.70 -10.62 -45.98
N GLY A 237 -5.13 -11.00 -47.17
CA GLY A 237 -4.42 -12.03 -47.92
C GLY A 237 -3.18 -11.58 -48.64
N TYR A 238 -2.47 -10.60 -48.08
CA TYR A 238 -1.24 -10.08 -48.67
C TYR A 238 -0.22 -9.72 -47.61
N MET A 239 1.04 -10.03 -47.91
CA MET A 239 2.17 -9.70 -47.05
C MET A 239 3.00 -8.72 -47.86
N VAL A 240 3.92 -8.04 -47.19
CA VAL A 240 4.80 -7.09 -47.87
C VAL A 240 6.18 -7.73 -47.92
N HIS A 241 6.65 -8.03 -49.13
CA HIS A 241 7.97 -8.61 -49.31
C HIS A 241 8.96 -7.44 -49.27
N VAL A 242 9.94 -7.51 -48.38
CA VAL A 242 10.90 -6.42 -48.24
C VAL A 242 12.02 -6.48 -49.27
N ASP A 243 12.02 -5.53 -50.20
CA ASP A 243 13.00 -5.45 -51.28
C ASP A 243 14.26 -4.68 -50.88
N LYS A 244 14.07 -3.65 -50.06
CA LYS A 244 15.19 -2.82 -49.64
C LYS A 244 14.93 -2.11 -48.32
N VAL A 245 16.00 -1.87 -47.57
CA VAL A 245 15.91 -1.16 -46.30
C VAL A 245 17.01 -0.10 -46.29
N SER A 246 16.63 1.15 -46.01
CA SER A 246 17.62 2.22 -45.98
C SER A 246 17.24 3.31 -45.00
N LYS A 247 18.23 4.09 -44.57
CA LYS A 247 17.98 5.18 -43.64
C LYS A 247 17.71 6.43 -44.47
N VAL A 248 16.63 7.14 -44.15
CA VAL A 248 16.29 8.37 -44.85
C VAL A 248 16.08 9.48 -43.81
N VAL A 249 16.10 10.73 -44.25
CA VAL A 249 15.92 11.84 -43.33
C VAL A 249 14.77 12.73 -43.81
N LYS A 250 13.83 13.00 -42.89
CA LYS A 250 12.68 13.83 -43.19
C LYS A 250 12.61 14.96 -42.17
N LYS A 251 12.82 16.19 -42.63
CA LYS A 251 12.81 17.36 -41.74
C LYS A 251 13.85 17.17 -40.64
N GLY A 252 15.00 16.62 -40.99
CA GLY A 252 16.05 16.41 -40.01
C GLY A 252 15.85 15.22 -39.09
N VAL A 253 14.78 14.46 -39.31
CA VAL A 253 14.50 13.29 -38.49
C VAL A 253 14.80 12.01 -39.26
N GLU A 254 15.71 11.19 -38.72
CA GLU A 254 16.09 9.95 -39.38
C GLU A 254 15.04 8.87 -39.18
N CYS A 255 14.69 8.18 -40.27
CA CYS A 255 13.71 7.10 -40.24
C CYS A 255 14.25 5.94 -41.05
N LEU A 256 13.66 4.76 -40.89
CA LEU A 256 14.10 3.62 -41.68
C LEU A 256 13.01 3.40 -42.70
N GLN A 257 13.40 3.34 -43.97
CA GLN A 257 12.44 3.14 -45.05
C GLN A 257 12.50 1.75 -45.63
N ILE A 258 11.34 1.09 -45.62
CA ILE A 258 11.18 -0.24 -46.19
C ILE A 258 10.50 -0.08 -47.53
N GLU A 259 11.13 -0.60 -48.57
CA GLU A 259 10.51 -0.56 -49.89
C GLU A 259 10.14 -2.02 -50.13
N GLY A 260 8.84 -2.27 -50.31
CA GLY A 260 8.40 -3.62 -50.54
C GLY A 260 7.29 -3.71 -51.55
N THR A 261 6.91 -4.94 -51.88
CA THR A 261 5.87 -5.21 -52.86
C THR A 261 4.92 -6.25 -52.28
N LEU A 262 3.63 -6.14 -52.60
CA LEU A 262 2.65 -7.09 -52.09
C LEU A 262 2.91 -8.49 -52.60
N LYS A 263 2.73 -9.47 -51.72
CA LYS A 263 2.90 -10.88 -52.03
C LYS A 263 1.66 -11.58 -51.51
N LYS A 264 0.96 -12.29 -52.39
CA LYS A 264 -0.27 -12.96 -52.01
C LYS A 264 -0.07 -14.21 -51.15
N SER A 265 -0.93 -14.35 -50.15
CA SER A 265 -0.93 -15.51 -49.24
C SER A 265 -2.33 -15.60 -48.62
N LEU A 266 -3.08 -16.63 -48.97
CA LEU A 266 -4.42 -16.76 -48.42
C LEU A 266 -4.42 -16.89 -46.90
N ASP A 267 -5.29 -16.14 -46.24
CA ASP A 267 -5.39 -16.20 -44.79
C ASP A 267 -6.85 -16.13 -44.38
N PHE A 268 -7.40 -17.26 -43.96
CA PHE A 268 -8.79 -17.30 -43.56
C PHE A 268 -9.08 -16.83 -42.13
N LYS A 269 -8.02 -16.46 -41.39
CA LYS A 269 -8.19 -16.00 -40.01
C LYS A 269 -9.07 -17.01 -39.27
N ASN A 270 -10.07 -16.53 -38.54
CA ASN A 270 -10.94 -17.45 -37.82
C ASN A 270 -12.14 -17.93 -38.66
N ASP A 271 -11.99 -17.80 -39.98
CA ASP A 271 -12.96 -18.27 -40.98
C ASP A 271 -14.42 -17.92 -40.70
N ILE A 272 -14.67 -16.63 -40.51
CA ILE A 272 -16.02 -16.15 -40.20
C ILE A 272 -17.05 -16.27 -41.31
N ASN A 273 -16.61 -16.45 -42.55
CA ASN A 273 -17.56 -16.63 -43.65
C ASN A 273 -17.59 -18.06 -44.20
N ALA A 274 -16.97 -18.98 -43.47
CA ALA A 274 -16.97 -20.40 -43.84
C ALA A 274 -16.53 -20.64 -45.28
N GLU A 275 -15.34 -20.14 -45.62
CA GLU A 275 -14.81 -20.31 -46.97
C GLU A 275 -13.61 -21.26 -46.98
N ALA A 276 -13.01 -21.48 -45.81
CA ALA A 276 -11.83 -22.33 -45.71
C ALA A 276 -12.03 -23.75 -46.23
N HIS A 277 -13.10 -24.41 -45.79
CA HIS A 277 -13.36 -25.78 -46.22
C HIS A 277 -13.60 -25.88 -47.74
N SER A 278 -14.31 -24.90 -48.30
CA SER A 278 -14.58 -24.91 -49.73
C SER A 278 -13.27 -24.83 -50.52
N TRP A 279 -12.35 -23.98 -50.05
CA TRP A 279 -11.05 -23.87 -50.72
C TRP A 279 -10.37 -25.23 -50.64
N GLY A 280 -10.39 -25.82 -49.45
CA GLY A 280 -9.76 -27.11 -49.25
C GLY A 280 -10.29 -28.19 -50.17
N MET A 281 -11.61 -28.26 -50.28
CA MET A 281 -12.23 -29.25 -51.15
C MET A 281 -11.97 -28.95 -52.63
N LYS A 282 -12.08 -27.68 -53.02
CA LYS A 282 -11.86 -27.32 -54.41
C LYS A 282 -10.47 -27.75 -54.87
N ASN A 283 -9.48 -27.63 -53.97
CA ASN A 283 -8.12 -28.00 -54.32
C ASN A 283 -7.70 -29.44 -53.99
N TYR A 284 -8.36 -30.08 -53.04
CA TYR A 284 -7.98 -31.46 -52.70
C TYR A 284 -9.04 -32.56 -52.78
N GLU A 285 -10.24 -32.25 -53.26
CA GLU A 285 -11.25 -33.30 -53.35
C GLU A 285 -10.82 -34.37 -54.34
N GLU A 286 -10.13 -33.95 -55.41
CA GLU A 286 -9.67 -34.88 -56.44
C GLU A 286 -8.51 -35.74 -55.90
N TRP A 287 -7.67 -35.11 -55.09
CA TRP A 287 -6.52 -35.77 -54.46
C TRP A 287 -7.01 -36.94 -53.62
N ALA A 288 -7.98 -36.68 -52.75
CA ALA A 288 -8.55 -37.69 -51.86
C ALA A 288 -9.20 -38.82 -52.62
N LYS A 289 -9.83 -38.50 -53.75
CA LYS A 289 -10.50 -39.50 -54.58
C LYS A 289 -9.51 -40.44 -55.27
N ASP A 290 -8.35 -39.90 -55.65
CA ASP A 290 -7.34 -40.72 -56.33
C ASP A 290 -6.35 -41.42 -55.40
N LEU A 291 -6.59 -41.36 -54.10
CA LEU A 291 -5.70 -42.03 -53.17
C LEU A 291 -5.79 -43.53 -53.39
N THR A 292 -4.65 -44.21 -53.37
CA THR A 292 -4.65 -45.65 -53.56
C THR A 292 -5.23 -46.26 -52.29
N ASP A 293 -5.56 -47.55 -52.34
CA ASP A 293 -6.13 -48.24 -51.19
C ASP A 293 -5.22 -48.17 -49.97
N SER A 294 -3.93 -48.45 -50.16
CA SER A 294 -2.96 -48.42 -49.07
C SER A 294 -2.75 -47.03 -48.49
N GLN A 295 -2.78 -46.02 -49.36
CA GLN A 295 -2.60 -44.63 -48.92
C GLN A 295 -3.82 -44.20 -48.12
N ARG A 296 -5.00 -44.54 -48.63
CA ARG A 296 -6.26 -44.21 -47.98
C ARG A 296 -6.31 -44.89 -46.62
N GLU A 297 -5.91 -46.16 -46.57
CA GLU A 297 -5.91 -46.91 -45.32
C GLU A 297 -4.95 -46.27 -44.31
N ALA A 298 -3.75 -45.93 -44.78
CA ALA A 298 -2.74 -45.32 -43.93
C ALA A 298 -3.16 -43.97 -43.35
N LEU A 299 -3.81 -43.15 -44.16
CA LEU A 299 -4.27 -41.83 -43.70
C LEU A 299 -5.43 -41.93 -42.73
N ASP A 300 -6.32 -42.88 -42.94
CA ASP A 300 -7.47 -43.04 -42.05
C ASP A 300 -6.97 -43.49 -40.68
N GLY A 301 -6.06 -44.45 -40.67
CA GLY A 301 -5.50 -44.92 -39.41
C GLY A 301 -4.84 -43.78 -38.66
N TYR A 302 -3.96 -43.06 -39.36
CA TYR A 302 -3.25 -41.93 -38.78
C TYR A 302 -4.17 -41.00 -38.00
N ALA A 303 -5.19 -40.49 -38.69
CA ALA A 303 -6.14 -39.57 -38.08
C ALA A 303 -6.94 -40.19 -36.94
N ARG A 304 -7.42 -41.42 -37.13
CA ARG A 304 -8.21 -42.08 -36.10
C ARG A 304 -7.47 -42.20 -34.77
N GLN A 305 -6.25 -42.70 -34.78
CA GLN A 305 -5.48 -42.83 -33.54
C GLN A 305 -3.99 -43.06 -33.74
N ASP A 306 -3.61 -43.50 -34.93
CA ASP A 306 -2.22 -43.80 -35.25
C ASP A 306 -1.24 -42.63 -35.16
N TYR A 307 -1.75 -41.40 -35.26
CA TYR A 307 -0.88 -40.22 -35.21
C TYR A 307 -0.09 -40.16 -33.90
N LYS A 308 -0.70 -40.57 -32.80
CA LYS A 308 -0.06 -40.55 -31.50
C LYS A 308 1.23 -41.37 -31.52
N GLU A 309 1.10 -42.63 -31.89
CA GLU A 309 2.22 -43.55 -31.97
C GLU A 309 3.20 -43.20 -33.07
N ILE A 310 2.68 -42.91 -34.25
CA ILE A 310 3.52 -42.55 -35.39
C ILE A 310 4.47 -41.38 -35.12
N ASN A 311 3.95 -40.27 -34.62
CA ASN A 311 4.82 -39.13 -34.35
C ASN A 311 5.78 -39.38 -33.20
N ASN A 312 5.37 -40.22 -32.25
CA ASN A 312 6.24 -40.53 -31.12
C ASN A 312 7.42 -41.33 -31.68
N TYR A 313 7.10 -42.25 -32.58
CA TYR A 313 8.09 -43.10 -33.22
C TYR A 313 9.12 -42.25 -33.98
N LEU A 314 8.63 -41.31 -34.77
CA LEU A 314 9.50 -40.43 -35.56
C LEU A 314 10.28 -39.42 -34.72
N ARG A 315 9.58 -38.70 -33.86
CA ARG A 315 10.20 -37.67 -33.02
C ARG A 315 11.08 -38.25 -31.92
N ASN A 316 10.95 -39.55 -31.68
CA ASN A 316 11.76 -40.21 -30.65
C ASN A 316 12.46 -41.43 -31.19
N GLN A 317 13.70 -41.25 -31.63
CA GLN A 317 14.50 -42.34 -32.17
C GLN A 317 13.72 -43.01 -33.30
N GLY A 318 13.37 -42.22 -34.31
CA GLY A 318 12.60 -42.72 -35.43
C GLY A 318 13.38 -43.49 -36.47
N GLY A 319 12.66 -44.16 -37.38
CA GLY A 319 13.31 -44.93 -38.40
C GLY A 319 14.11 -46.08 -37.81
N SER A 320 13.53 -46.75 -36.82
CA SER A 320 14.18 -47.87 -36.17
C SER A 320 13.61 -49.18 -36.67
N GLY A 321 13.44 -50.15 -35.76
CA GLY A 321 12.91 -51.44 -36.15
C GLY A 321 11.42 -51.59 -35.94
N ASN A 322 10.65 -51.40 -37.00
CA ASN A 322 9.20 -51.53 -36.95
C ASN A 322 8.63 -51.36 -38.35
N GLU A 323 8.81 -52.38 -39.19
CA GLU A 323 8.33 -52.33 -40.56
C GLU A 323 6.84 -51.99 -40.63
N LYS A 324 6.10 -52.28 -39.56
CA LYS A 324 4.67 -51.98 -39.52
C LYS A 324 4.43 -50.48 -39.66
N LEU A 325 5.09 -49.70 -38.81
CA LEU A 325 4.94 -48.25 -38.85
C LEU A 325 5.64 -47.67 -40.07
N ASP A 326 6.82 -48.20 -40.40
CA ASP A 326 7.57 -47.73 -41.55
C ASP A 326 6.75 -47.84 -42.83
N ALA A 327 5.98 -48.91 -42.93
CA ALA A 327 5.15 -49.14 -44.11
C ALA A 327 4.04 -48.09 -44.18
N GLN A 328 3.39 -47.86 -43.04
CA GLN A 328 2.31 -46.87 -42.97
C GLN A 328 2.86 -45.46 -43.17
N ILE A 329 4.00 -45.17 -42.56
CA ILE A 329 4.62 -43.86 -42.69
C ILE A 329 4.95 -43.61 -44.17
N LYS A 330 5.39 -44.65 -44.85
CA LYS A 330 5.72 -44.53 -46.26
C LYS A 330 4.47 -44.13 -47.03
N ASN A 331 3.37 -44.85 -46.79
CA ASN A 331 2.11 -44.57 -47.47
C ASN A 331 1.62 -43.15 -47.21
N ILE A 332 1.78 -42.68 -45.99
CA ILE A 332 1.36 -41.33 -45.63
C ILE A 332 2.17 -40.28 -46.37
N SER A 333 3.49 -40.41 -46.32
CA SER A 333 4.37 -39.45 -47.00
C SER A 333 4.21 -39.47 -48.50
N ASP A 334 3.89 -40.64 -49.06
CA ASP A 334 3.70 -40.72 -50.50
C ASP A 334 2.44 -39.95 -50.88
N ALA A 335 1.40 -40.11 -50.08
CA ALA A 335 0.14 -39.41 -50.34
C ALA A 335 0.31 -37.90 -50.20
N LEU A 336 1.06 -37.48 -49.18
CA LEU A 336 1.27 -36.06 -48.96
C LEU A 336 2.13 -35.40 -50.02
N GLY A 337 2.81 -36.20 -50.83
CA GLY A 337 3.65 -35.63 -51.88
C GLY A 337 2.99 -35.61 -53.24
N LYS A 338 1.81 -36.21 -53.35
CA LYS A 338 1.11 -36.28 -54.62
C LYS A 338 0.62 -34.94 -55.16
N LYS A 339 0.30 -34.00 -54.28
CA LYS A 339 -0.16 -32.70 -54.74
C LYS A 339 0.43 -31.59 -53.90
N PRO A 340 1.45 -30.91 -54.41
CA PRO A 340 2.06 -29.81 -53.67
C PRO A 340 1.04 -28.70 -53.40
N ILE A 341 1.20 -28.00 -52.27
CA ILE A 341 0.30 -26.91 -51.93
C ILE A 341 0.24 -26.04 -53.19
N PRO A 342 -0.96 -25.88 -53.77
CA PRO A 342 -1.16 -25.09 -54.99
C PRO A 342 -0.90 -23.58 -55.00
N GLU A 343 -0.95 -22.92 -53.84
CA GLU A 343 -0.69 -21.49 -53.78
C GLU A 343 -0.22 -21.11 -52.38
N ASN A 344 0.33 -19.91 -52.22
CA ASN A 344 0.80 -19.49 -50.90
C ASN A 344 -0.39 -19.41 -49.94
N ILE A 345 -0.27 -20.03 -48.77
CA ILE A 345 -1.33 -19.96 -47.76
C ILE A 345 -0.73 -19.74 -46.37
N THR A 346 -1.60 -19.37 -45.44
CA THR A 346 -1.25 -19.15 -44.04
C THR A 346 -1.99 -20.22 -43.24
N VAL A 347 -1.29 -20.88 -42.33
CA VAL A 347 -1.90 -21.90 -41.47
C VAL A 347 -1.59 -21.60 -40.01
N TYR A 348 -2.36 -22.20 -39.11
CA TYR A 348 -2.22 -21.96 -37.68
C TYR A 348 -2.07 -23.18 -36.80
N ARG A 349 -1.32 -23.01 -35.70
CA ARG A 349 -1.10 -24.07 -34.73
C ARG A 349 -0.94 -23.49 -33.34
N TRP A 350 -1.79 -23.94 -32.42
CA TRP A 350 -1.70 -23.50 -31.04
C TRP A 350 -0.76 -24.50 -30.37
N CYS A 351 0.33 -23.97 -29.79
CA CYS A 351 1.37 -24.79 -29.18
C CYS A 351 1.52 -24.70 -27.67
N GLY A 352 1.88 -25.83 -27.05
CA GLY A 352 2.09 -25.86 -25.63
C GLY A 352 3.52 -25.42 -25.32
N MET A 353 3.81 -25.04 -24.08
CA MET A 353 5.14 -24.59 -23.69
C MET A 353 6.25 -25.59 -24.03
N PRO A 354 6.02 -26.88 -23.76
CA PRO A 354 7.07 -27.86 -24.08
C PRO A 354 7.48 -27.88 -25.55
N GLU A 355 6.55 -27.56 -26.44
CA GLU A 355 6.86 -27.54 -27.86
C GLU A 355 7.91 -26.47 -28.14
N PHE A 356 8.00 -25.47 -27.28
CA PHE A 356 9.02 -24.43 -27.44
C PHE A 356 10.12 -24.50 -26.40
N GLY A 357 10.29 -25.69 -25.83
CA GLY A 357 11.35 -25.91 -24.86
C GLY A 357 11.19 -25.37 -23.45
N TYR A 358 9.97 -25.04 -23.05
CA TYR A 358 9.72 -24.54 -21.70
C TYR A 358 8.94 -25.56 -20.91
N GLN A 359 8.81 -25.33 -19.60
CA GLN A 359 8.07 -26.23 -18.74
C GLN A 359 6.63 -25.74 -18.63
N ILE A 360 5.77 -26.50 -17.98
CA ILE A 360 4.37 -26.08 -17.83
C ILE A 360 4.19 -25.03 -16.74
N SER A 361 5.07 -25.05 -15.74
CA SER A 361 4.98 -24.10 -14.63
C SER A 361 5.66 -22.77 -14.91
N ASP A 362 6.38 -22.68 -16.03
CA ASP A 362 7.08 -21.44 -16.34
C ASP A 362 6.20 -20.33 -16.91
N PRO A 363 6.43 -19.09 -16.46
CA PRO A 363 5.63 -17.99 -16.99
C PRO A 363 6.18 -17.72 -18.39
N LEU A 364 5.39 -17.07 -19.23
CA LEU A 364 5.87 -16.78 -20.57
C LEU A 364 7.11 -15.88 -20.40
N PRO A 365 8.23 -16.22 -21.04
CA PRO A 365 9.43 -15.39 -20.90
C PRO A 365 9.23 -13.99 -21.49
N SER A 366 10.07 -13.04 -21.09
CA SER A 366 9.97 -11.68 -21.62
C SER A 366 10.13 -11.79 -23.13
N LEU A 367 9.68 -10.78 -23.85
CA LEU A 367 9.80 -10.79 -25.29
C LEU A 367 11.27 -10.84 -25.70
N LYS A 368 12.10 -10.12 -24.95
CA LYS A 368 13.54 -10.09 -25.21
C LYS A 368 14.17 -11.47 -25.13
N ASP A 369 13.87 -12.21 -24.05
CA ASP A 369 14.43 -13.54 -23.90
C ASP A 369 13.86 -14.52 -24.91
N PHE A 370 12.59 -14.35 -25.27
CA PHE A 370 11.98 -15.25 -26.24
C PHE A 370 12.68 -15.07 -27.58
N GLU A 371 12.91 -13.82 -28.00
CA GLU A 371 13.57 -13.56 -29.27
C GLU A 371 15.01 -14.09 -29.28
N GLU A 372 15.71 -13.90 -28.18
CA GLU A 372 17.09 -14.37 -28.09
C GLU A 372 17.16 -15.89 -28.28
N GLN A 373 16.11 -16.58 -27.84
CA GLN A 373 16.08 -18.03 -27.98
C GLN A 373 15.58 -18.49 -29.35
N PHE A 374 14.60 -17.77 -29.93
CA PHE A 374 14.00 -18.17 -31.19
C PHE A 374 14.04 -17.30 -32.45
N LEU A 375 14.17 -15.99 -32.30
CA LEU A 375 14.17 -15.14 -33.49
C LEU A 375 15.27 -15.53 -34.45
N ASN A 376 14.92 -15.61 -35.73
CA ASN A 376 15.86 -15.98 -36.78
C ASN A 376 16.52 -17.35 -36.64
N THR A 377 15.78 -18.34 -36.14
CA THR A 377 16.30 -19.70 -36.00
C THR A 377 15.40 -20.60 -36.84
N ILE A 378 15.83 -21.85 -37.02
CA ILE A 378 15.05 -22.81 -37.79
C ILE A 378 14.54 -23.86 -36.82
N LYS A 379 13.22 -24.04 -36.78
CA LYS A 379 12.60 -25.02 -35.89
C LYS A 379 12.14 -26.17 -36.75
N GLU A 380 12.44 -27.39 -36.32
CA GLU A 380 12.06 -28.56 -37.12
C GLU A 380 11.37 -29.67 -36.35
N ASP A 381 10.70 -30.55 -37.10
CA ASP A 381 9.97 -31.67 -36.53
C ASP A 381 10.06 -32.91 -37.40
N LYS A 382 10.54 -34.01 -36.81
CA LYS A 382 10.69 -35.26 -37.53
C LYS A 382 9.34 -35.95 -37.74
N GLY A 383 8.33 -35.53 -36.98
CA GLY A 383 7.01 -36.11 -37.12
C GLY A 383 6.19 -35.27 -38.06
N TYR A 384 4.91 -35.60 -38.21
CA TYR A 384 4.03 -34.84 -39.10
C TYR A 384 3.43 -33.68 -38.33
N MET A 385 3.43 -32.49 -38.92
CA MET A 385 2.89 -31.31 -38.24
C MET A 385 1.49 -30.97 -38.71
N SER A 386 0.54 -31.07 -37.79
CA SER A 386 -0.86 -30.75 -38.07
C SER A 386 -1.10 -29.25 -37.87
N THR A 387 -1.75 -28.63 -38.85
CA THR A 387 -2.05 -27.20 -38.77
C THR A 387 -3.47 -27.00 -39.29
N SER A 388 -4.02 -25.81 -39.05
CA SER A 388 -5.37 -25.50 -39.51
C SER A 388 -5.43 -24.20 -40.31
N LEU A 389 -6.37 -24.16 -41.25
CA LEU A 389 -6.58 -22.98 -42.08
C LEU A 389 -7.23 -21.91 -41.22
N SER A 390 -7.79 -22.31 -40.08
CA SER A 390 -8.46 -21.39 -39.17
C SER A 390 -7.69 -21.12 -37.89
N SER A 391 -7.72 -19.86 -37.45
CA SER A 391 -7.06 -19.46 -36.22
C SER A 391 -8.03 -19.48 -35.03
N GLU A 392 -9.25 -19.95 -35.28
CA GLU A 392 -10.26 -20.02 -34.22
C GLU A 392 -9.71 -20.79 -33.04
N ARG A 393 -10.02 -20.33 -31.84
CA ARG A 393 -9.54 -21.00 -30.64
C ARG A 393 -10.55 -22.04 -30.18
N LEU A 394 -10.08 -23.26 -29.96
CA LEU A 394 -10.93 -24.36 -29.51
C LEU A 394 -10.64 -24.67 -28.05
N ALA A 395 -11.65 -25.13 -27.32
CA ALA A 395 -11.50 -25.42 -25.90
C ALA A 395 -10.37 -26.43 -25.63
N ALA A 396 -10.22 -27.39 -26.52
CA ALA A 396 -9.20 -28.43 -26.38
C ALA A 396 -7.79 -27.87 -26.19
N PHE A 397 -7.52 -26.71 -26.77
CA PHE A 397 -6.20 -26.09 -26.66
C PHE A 397 -6.25 -24.58 -26.50
N GLY A 398 -7.40 -24.05 -26.13
CA GLY A 398 -7.57 -22.62 -25.97
C GLY A 398 -6.75 -21.95 -24.87
N SER A 399 -6.04 -22.75 -24.09
CA SER A 399 -5.24 -22.20 -23.00
C SER A 399 -3.75 -22.05 -23.36
N ARG A 400 -3.33 -22.67 -24.46
CA ARG A 400 -1.94 -22.61 -24.90
C ARG A 400 -1.51 -21.16 -25.09
N LYS A 401 -0.26 -20.86 -24.72
CA LYS A 401 0.29 -19.51 -24.77
C LYS A 401 1.02 -19.10 -26.05
N ILE A 402 1.36 -20.06 -26.91
CA ILE A 402 2.09 -19.75 -28.13
C ILE A 402 1.32 -20.12 -29.40
N ILE A 403 1.05 -19.12 -30.23
CA ILE A 403 0.30 -19.33 -31.47
C ILE A 403 1.21 -19.20 -32.68
N LEU A 404 1.35 -20.29 -33.43
CA LEU A 404 2.19 -20.28 -34.63
C LEU A 404 1.36 -19.83 -35.85
N ARG A 405 1.82 -18.81 -36.55
CA ARG A 405 1.15 -18.32 -37.76
C ARG A 405 2.20 -18.61 -38.83
N LEU A 406 2.02 -19.72 -39.53
CA LEU A 406 2.96 -20.24 -40.51
C LEU A 406 2.66 -20.02 -41.99
N GLN A 407 3.63 -19.47 -42.70
CA GLN A 407 3.51 -19.25 -44.14
C GLN A 407 3.95 -20.54 -44.84
N VAL A 408 3.03 -21.11 -45.60
CA VAL A 408 3.26 -22.34 -46.36
C VAL A 408 3.33 -21.90 -47.82
N PRO A 409 4.54 -21.81 -48.38
CA PRO A 409 4.72 -21.40 -49.78
C PRO A 409 4.14 -22.37 -50.81
N LYS A 410 3.83 -21.84 -51.99
CA LYS A 410 3.33 -22.67 -53.08
C LYS A 410 4.42 -23.71 -53.29
N GLY A 411 4.03 -24.97 -53.48
CA GLY A 411 5.01 -26.02 -53.69
C GLY A 411 5.39 -26.81 -52.45
N SER A 412 4.87 -26.42 -51.28
CA SER A 412 5.17 -27.14 -50.05
C SER A 412 4.59 -28.55 -50.09
N THR A 413 5.17 -29.43 -49.28
CA THR A 413 4.75 -30.82 -49.21
C THR A 413 3.72 -31.05 -48.11
N GLY A 414 2.46 -31.18 -48.52
CA GLY A 414 1.38 -31.39 -47.57
C GLY A 414 0.05 -31.55 -48.27
N ALA A 415 -1.04 -31.63 -47.53
CA ALA A 415 -2.34 -31.78 -48.15
C ALA A 415 -3.48 -31.39 -47.22
N TYR A 416 -4.65 -31.09 -47.80
CA TYR A 416 -5.82 -30.74 -47.01
C TYR A 416 -6.38 -32.08 -46.56
N LEU A 417 -5.89 -32.57 -45.43
CA LEU A 417 -6.31 -33.86 -44.90
C LEU A 417 -7.82 -34.00 -44.72
N SER A 418 -8.51 -32.90 -44.42
CA SER A 418 -9.95 -32.95 -44.20
C SER A 418 -10.76 -33.45 -45.39
N ALA A 419 -10.17 -33.46 -46.58
CA ALA A 419 -10.88 -33.94 -47.76
C ALA A 419 -11.15 -35.45 -47.74
N ILE A 420 -10.56 -36.15 -46.78
CA ILE A 420 -10.77 -37.60 -46.70
C ILE A 420 -11.87 -37.97 -45.70
N GLY A 421 -12.46 -36.96 -45.07
CA GLY A 421 -13.51 -37.23 -44.09
C GLY A 421 -13.01 -38.13 -42.98
N GLY A 422 -13.93 -38.85 -42.34
CA GLY A 422 -13.54 -39.76 -41.27
C GLY A 422 -13.18 -39.06 -39.97
N PHE A 423 -12.08 -39.48 -39.37
CA PHE A 423 -11.62 -38.90 -38.11
C PHE A 423 -10.68 -37.71 -38.31
N ALA A 424 -10.59 -37.22 -39.54
CA ALA A 424 -9.73 -36.08 -39.85
C ALA A 424 -10.19 -34.84 -39.07
N SER A 425 -9.24 -33.98 -38.70
CA SER A 425 -9.57 -32.77 -37.97
C SER A 425 -10.20 -31.74 -38.90
N GLU A 426 -10.84 -30.74 -38.30
CA GLU A 426 -11.52 -29.69 -39.06
C GLU A 426 -10.56 -28.72 -39.77
N LYS A 427 -10.83 -28.46 -41.04
CA LYS A 427 -10.02 -27.51 -41.82
C LYS A 427 -8.53 -27.77 -41.66
N GLU A 428 -8.14 -29.04 -41.71
CA GLU A 428 -6.74 -29.42 -41.49
C GLU A 428 -5.80 -29.57 -42.68
N ILE A 429 -4.63 -28.99 -42.53
CA ILE A 429 -3.55 -29.08 -43.51
C ILE A 429 -2.48 -29.89 -42.79
N LEU A 430 -2.15 -31.05 -43.33
CA LEU A 430 -1.14 -31.90 -42.72
C LEU A 430 0.16 -31.77 -43.53
N LEU A 431 1.23 -31.37 -42.85
CA LEU A 431 2.53 -31.22 -43.51
C LEU A 431 3.37 -32.47 -43.33
N ASP A 432 4.14 -32.80 -44.35
CA ASP A 432 4.97 -33.99 -44.32
C ASP A 432 6.05 -33.92 -43.24
N LYS A 433 6.49 -35.09 -42.78
CA LYS A 433 7.51 -35.18 -41.75
C LYS A 433 8.81 -34.50 -42.17
N ASP A 434 9.65 -34.19 -41.19
CA ASP A 434 10.93 -33.51 -41.44
C ASP A 434 10.73 -32.08 -41.91
N SER A 435 9.75 -31.41 -41.31
CA SER A 435 9.46 -30.02 -41.64
C SER A 435 10.42 -29.09 -40.92
N LYS A 436 10.71 -27.95 -41.53
CA LYS A 436 11.60 -26.95 -40.96
C LYS A 436 11.01 -25.59 -41.27
N TYR A 437 11.01 -24.69 -40.30
CA TYR A 437 10.51 -23.35 -40.55
C TYR A 437 11.36 -22.29 -39.87
N HIS A 438 11.49 -21.15 -40.54
CA HIS A 438 12.27 -20.03 -40.07
C HIS A 438 11.38 -19.06 -39.31
N ILE A 439 11.76 -18.76 -38.08
CA ILE A 439 10.99 -17.82 -37.26
C ILE A 439 11.31 -16.39 -37.67
N ASP A 440 10.30 -15.72 -38.24
CA ASP A 440 10.42 -14.37 -38.76
C ASP A 440 10.28 -13.23 -37.74
N LYS A 441 9.28 -13.32 -36.88
CA LYS A 441 9.07 -12.30 -35.87
C LYS A 441 8.10 -12.80 -34.81
N VAL A 442 8.05 -12.07 -33.70
CA VAL A 442 7.18 -12.40 -32.57
C VAL A 442 6.45 -11.14 -32.09
N THR A 443 5.14 -11.25 -31.90
CA THR A 443 4.31 -10.15 -31.43
C THR A 443 3.37 -10.66 -30.35
N GLU A 444 2.66 -9.75 -29.70
CA GLU A 444 1.76 -10.12 -28.62
C GLU A 444 0.28 -9.90 -28.95
N VAL A 445 -0.58 -10.64 -28.26
CA VAL A 445 -2.02 -10.50 -28.38
C VAL A 445 -2.58 -10.91 -27.02
N ILE A 446 -3.49 -10.09 -26.50
CA ILE A 446 -4.10 -10.37 -25.20
C ILE A 446 -5.47 -11.00 -25.46
N ILE A 447 -5.62 -12.25 -25.05
CA ILE A 447 -6.88 -12.97 -25.23
C ILE A 447 -7.51 -13.17 -23.85
N LYS A 448 -8.62 -12.46 -23.61
CA LYS A 448 -9.31 -12.54 -22.33
C LYS A 448 -8.44 -12.02 -21.19
N GLY A 449 -7.74 -10.91 -21.46
CA GLY A 449 -6.89 -10.33 -20.43
C GLY A 449 -5.58 -11.06 -20.20
N VAL A 450 -5.33 -12.11 -20.98
CA VAL A 450 -4.10 -12.89 -20.85
C VAL A 450 -3.23 -12.69 -22.09
N LYS A 451 -1.92 -12.54 -21.90
CA LYS A 451 -1.02 -12.32 -23.03
C LYS A 451 -0.55 -13.62 -23.68
N ARG A 452 -0.50 -13.61 -25.00
CA ARG A 452 -0.05 -14.76 -25.77
C ARG A 452 0.94 -14.22 -26.78
N TYR A 453 1.85 -15.06 -27.25
CA TYR A 453 2.81 -14.66 -28.28
C TYR A 453 2.38 -15.28 -29.60
N VAL A 454 2.38 -14.45 -30.65
CA VAL A 454 2.08 -14.95 -31.98
C VAL A 454 3.44 -15.04 -32.66
N VAL A 455 3.78 -16.25 -33.10
CA VAL A 455 5.06 -16.51 -33.75
C VAL A 455 4.88 -16.64 -35.26
N ASP A 456 5.34 -15.63 -35.99
CA ASP A 456 5.27 -15.67 -37.45
C ASP A 456 6.49 -16.41 -37.97
N ALA A 457 6.26 -17.35 -38.89
CA ALA A 457 7.33 -18.16 -39.46
C ALA A 457 7.04 -18.53 -40.91
N THR A 458 8.07 -19.02 -41.61
CA THR A 458 7.94 -19.43 -43.00
C THR A 458 8.50 -20.83 -43.19
N LEU A 459 7.68 -21.71 -43.75
CA LEU A 459 8.06 -23.10 -44.01
C LEU A 459 9.10 -23.16 -45.12
N LEU A 460 10.11 -24.00 -44.96
CA LEU A 460 11.11 -24.15 -46.00
C LEU A 460 10.61 -25.24 -46.97
N THR A 461 10.85 -25.04 -48.27
CA THR A 461 10.41 -26.00 -49.28
C THR A 461 11.60 -26.66 -49.95
N THR B 60 14.87 40.21 -30.40
CA THR B 60 14.08 40.17 -29.14
C THR B 60 12.62 40.48 -29.47
N ASP B 61 11.70 39.95 -28.66
CA ASP B 61 10.27 40.17 -28.89
C ASP B 61 9.80 41.58 -28.56
N LYS B 62 8.69 41.98 -29.18
CA LYS B 62 8.08 43.30 -28.95
C LYS B 62 7.59 43.40 -27.52
N VAL B 63 8.10 44.36 -26.77
CA VAL B 63 7.69 44.53 -25.38
C VAL B 63 7.55 46.01 -25.01
N GLU B 64 6.57 46.32 -24.17
CA GLU B 64 6.32 47.68 -23.69
C GLU B 64 7.03 47.85 -22.35
N ASP B 65 7.44 49.08 -22.04
CA ASP B 65 8.08 49.41 -20.77
C ASP B 65 7.93 50.91 -20.57
N PHE B 66 6.98 51.30 -19.73
CA PHE B 66 6.75 52.72 -19.48
C PHE B 66 7.68 53.37 -18.47
N LYS B 67 8.51 52.57 -17.81
CA LYS B 67 9.44 53.09 -16.80
C LYS B 67 8.74 53.94 -15.75
N GLU B 68 8.96 55.25 -15.75
CA GLU B 68 8.29 56.09 -14.75
C GLU B 68 7.21 57.00 -15.34
N ASP B 69 6.89 56.82 -16.62
CA ASP B 69 5.87 57.66 -17.25
C ASP B 69 4.46 57.16 -16.91
N LYS B 70 3.99 57.51 -15.71
CA LYS B 70 2.68 57.08 -15.26
C LYS B 70 1.55 57.52 -16.18
N GLU B 71 1.63 58.73 -16.71
CA GLU B 71 0.56 59.20 -17.58
C GLU B 71 0.41 58.37 -18.84
N LYS B 72 1.51 58.06 -19.52
CA LYS B 72 1.42 57.25 -20.73
C LYS B 72 0.95 55.84 -20.39
N ALA B 73 1.38 55.35 -19.23
CA ALA B 73 1.00 54.01 -18.79
C ALA B 73 -0.49 53.99 -18.51
N LYS B 74 -1.01 55.09 -17.98
CA LYS B 74 -2.43 55.19 -17.67
C LYS B 74 -3.25 55.06 -18.94
N GLU B 75 -2.83 55.74 -20.02
CA GLU B 75 -3.53 55.66 -21.29
C GLU B 75 -3.50 54.24 -21.85
N TRP B 76 -2.36 53.57 -21.75
CA TRP B 76 -2.23 52.21 -22.24
C TRP B 76 -3.13 51.29 -21.42
N GLY B 77 -3.15 51.51 -20.11
CA GLY B 77 -3.97 50.71 -19.24
C GLY B 77 -5.45 50.84 -19.49
N LYS B 78 -5.89 52.07 -19.77
CA LYS B 78 -7.30 52.33 -20.04
C LYS B 78 -7.79 51.53 -21.25
N GLU B 79 -6.94 51.41 -22.26
CA GLU B 79 -7.35 50.66 -23.45
C GLU B 79 -7.34 49.15 -23.17
N LYS B 80 -6.31 48.66 -22.49
CA LYS B 80 -6.21 47.23 -22.22
C LYS B 80 -7.19 46.69 -21.18
N GLU B 81 -7.66 47.55 -20.29
CA GLU B 81 -8.61 47.16 -19.23
C GLU B 81 -9.89 46.58 -19.80
N LYS B 82 -10.23 46.99 -21.02
CA LYS B 82 -11.45 46.53 -21.66
C LYS B 82 -11.38 45.15 -22.29
N GLU B 83 -10.17 44.67 -22.58
CA GLU B 83 -10.01 43.37 -23.23
C GLU B 83 -10.30 42.10 -22.42
N TRP B 84 -10.13 42.14 -21.10
CA TRP B 84 -10.40 40.97 -20.27
C TRP B 84 -11.91 40.69 -20.35
N LYS B 85 -12.68 41.77 -20.47
CA LYS B 85 -14.14 41.69 -20.56
C LYS B 85 -14.83 41.05 -19.36
N LEU B 86 -14.32 41.34 -18.17
CA LEU B 86 -14.93 40.84 -16.95
C LEU B 86 -16.25 41.58 -16.79
N THR B 87 -17.22 40.97 -16.11
CA THR B 87 -18.50 41.63 -15.89
C THR B 87 -18.36 42.56 -14.68
N ALA B 88 -19.36 43.41 -14.45
CA ALA B 88 -19.31 44.30 -13.31
C ALA B 88 -19.21 43.51 -12.00
N THR B 89 -19.92 42.38 -11.96
CA THR B 89 -19.91 41.54 -10.77
C THR B 89 -18.53 40.92 -10.55
N GLU B 90 -17.92 40.43 -11.63
CA GLU B 90 -16.59 39.83 -11.53
C GLU B 90 -15.55 40.86 -11.09
N LYS B 91 -15.60 42.06 -11.67
CA LYS B 91 -14.65 43.10 -11.30
C LYS B 91 -14.79 43.42 -9.81
N GLY B 92 -16.02 43.37 -9.32
CA GLY B 92 -16.27 43.65 -7.92
C GLY B 92 -15.62 42.63 -7.00
N LYS B 93 -15.76 41.35 -7.31
CA LYS B 93 -15.17 40.31 -6.49
C LYS B 93 -13.64 40.39 -6.55
N MET B 94 -13.10 40.66 -7.73
CA MET B 94 -11.64 40.75 -7.87
C MET B 94 -11.11 41.92 -7.06
N ASN B 95 -11.78 43.07 -7.13
CA ASN B 95 -11.34 44.23 -6.37
C ASN B 95 -11.50 44.01 -4.87
N ASN B 96 -12.51 43.23 -4.48
CA ASN B 96 -12.71 42.93 -3.06
C ASN B 96 -11.49 42.13 -2.59
N PHE B 97 -11.03 41.21 -3.43
CA PHE B 97 -9.87 40.40 -3.07
C PHE B 97 -8.63 41.29 -2.96
N LEU B 98 -8.37 42.07 -3.99
CA LEU B 98 -7.20 42.95 -4.00
C LEU B 98 -7.21 43.96 -2.85
N ASP B 99 -8.40 44.37 -2.42
CA ASP B 99 -8.51 45.33 -1.31
C ASP B 99 -8.55 44.63 0.05
N ASN B 100 -8.36 43.32 0.03
CA ASN B 100 -8.35 42.50 1.26
C ASN B 100 -9.62 42.62 2.09
N LYS B 101 -10.77 42.64 1.42
CA LYS B 101 -12.05 42.74 2.13
C LYS B 101 -12.24 41.50 3.01
N ASN B 102 -12.53 41.73 4.28
CA ASN B 102 -12.75 40.67 5.24
C ASN B 102 -11.51 39.78 5.40
N ASP B 103 -10.34 40.36 5.18
CA ASP B 103 -9.07 39.64 5.31
C ASP B 103 -8.89 38.46 4.36
N ILE B 104 -9.60 38.44 3.25
CA ILE B 104 -9.47 37.31 2.34
C ILE B 104 -8.06 37.21 1.74
N LYS B 105 -7.42 38.34 1.48
CA LYS B 105 -6.08 38.34 0.89
C LYS B 105 -5.05 37.94 1.96
N THR B 106 -5.23 38.45 3.18
CA THR B 106 -4.33 38.11 4.28
C THR B 106 -4.36 36.62 4.60
N ASN B 107 -5.55 36.02 4.50
CA ASN B 107 -5.76 34.61 4.79
C ASN B 107 -5.63 33.67 3.61
N TYR B 108 -5.42 34.22 2.42
CA TYR B 108 -5.33 33.39 1.22
C TYR B 108 -4.37 32.21 1.35
N LYS B 109 -3.14 32.45 1.81
CA LYS B 109 -2.17 31.37 1.93
C LYS B 109 -2.70 30.23 2.81
N GLU B 110 -3.17 30.58 4.00
CA GLU B 110 -3.73 29.57 4.90
C GLU B 110 -4.90 28.82 4.27
N ILE B 111 -5.77 29.56 3.60
CA ILE B 111 -6.91 28.95 2.94
C ILE B 111 -6.48 27.85 1.96
N THR B 112 -5.43 28.11 1.18
CA THR B 112 -4.99 27.11 0.21
C THR B 112 -4.41 25.85 0.84
N PHE B 113 -4.11 25.90 2.13
CA PHE B 113 -3.55 24.74 2.84
C PHE B 113 -4.51 24.26 3.93
N SER B 114 -5.79 24.61 3.82
CA SER B 114 -6.81 24.26 4.79
C SER B 114 -7.58 22.97 4.50
N MET B 115 -8.23 22.43 5.52
CA MET B 115 -9.04 21.23 5.34
C MET B 115 -10.33 21.65 4.65
N ALA B 116 -10.94 20.72 3.92
CA ALA B 116 -12.18 21.01 3.20
C ALA B 116 -13.26 21.50 4.16
N GLY B 117 -14.03 22.49 3.73
CA GLY B 117 -15.10 23.02 4.57
C GLY B 117 -14.73 24.28 5.34
N SER B 118 -13.44 24.58 5.40
CA SER B 118 -12.95 25.75 6.12
C SER B 118 -13.00 26.99 5.21
N PHE B 119 -13.24 28.16 5.79
CA PHE B 119 -13.35 29.41 5.05
C PHE B 119 -14.30 29.26 3.85
N GLU B 120 -15.49 28.72 4.11
CA GLU B 120 -16.47 28.49 3.05
C GLU B 120 -16.89 29.73 2.27
N ASP B 121 -17.12 30.85 2.96
CA ASP B 121 -17.52 32.06 2.26
C ASP B 121 -16.43 32.59 1.35
N GLU B 122 -15.18 32.54 1.80
CA GLU B 122 -14.06 33.00 0.99
C GLU B 122 -13.90 32.09 -0.23
N ILE B 123 -13.96 30.79 -0.01
CA ILE B 123 -13.83 29.82 -1.08
C ILE B 123 -14.84 30.08 -2.19
N LYS B 124 -16.05 30.48 -1.82
CA LYS B 124 -17.09 30.76 -2.82
C LYS B 124 -16.61 31.82 -3.80
N ASP B 125 -15.97 32.87 -3.28
CA ASP B 125 -15.44 33.94 -4.11
C ASP B 125 -14.20 33.51 -4.88
N LEU B 126 -13.32 32.77 -4.23
CA LEU B 126 -12.10 32.32 -4.88
C LEU B 126 -12.40 31.39 -6.07
N LYS B 127 -13.48 30.62 -6.01
CA LYS B 127 -13.81 29.75 -7.13
C LYS B 127 -14.12 30.59 -8.36
N GLU B 128 -14.83 31.69 -8.14
CA GLU B 128 -15.20 32.60 -9.22
C GLU B 128 -13.99 33.34 -9.76
N ILE B 129 -13.07 33.74 -8.87
CA ILE B 129 -11.88 34.44 -9.28
C ILE B 129 -11.00 33.53 -10.14
N ASP B 130 -10.91 32.26 -9.76
CA ASP B 130 -10.13 31.31 -10.52
C ASP B 130 -10.66 31.22 -11.95
N LYS B 131 -11.98 31.17 -12.08
CA LYS B 131 -12.61 31.08 -13.40
C LYS B 131 -12.40 32.33 -14.26
N MET B 132 -12.25 33.49 -13.63
CA MET B 132 -12.05 34.71 -14.40
C MET B 132 -10.78 34.65 -15.26
N PHE B 133 -9.77 33.93 -14.81
CA PHE B 133 -8.54 33.85 -15.59
C PHE B 133 -8.65 33.00 -16.86
N ASP B 134 -9.82 32.43 -17.10
CA ASP B 134 -10.02 31.63 -18.31
C ASP B 134 -10.50 32.52 -19.45
N LYS B 135 -10.78 33.78 -19.15
CA LYS B 135 -11.25 34.71 -20.18
C LYS B 135 -10.25 35.82 -20.48
N THR B 136 -9.01 35.64 -20.02
CA THR B 136 -8.00 36.65 -20.28
C THR B 136 -7.68 36.70 -21.77
N ASN B 137 -7.16 37.84 -22.23
CA ASN B 137 -6.79 38.01 -23.63
C ASN B 137 -5.79 39.16 -23.76
N LEU B 138 -4.64 38.98 -23.12
CA LEU B 138 -3.58 39.99 -23.13
C LEU B 138 -3.09 40.23 -24.55
N SER B 139 -3.23 41.46 -25.04
CA SER B 139 -2.85 41.77 -26.42
C SER B 139 -1.38 42.14 -26.66
N ASN B 140 -0.66 42.55 -25.62
CA ASN B 140 0.76 42.91 -25.78
C ASN B 140 1.63 42.54 -24.58
N SER B 141 2.91 42.29 -24.83
CA SER B 141 3.88 41.97 -23.79
C SER B 141 4.31 43.27 -23.12
N ILE B 142 4.62 43.23 -21.83
CA ILE B 142 5.00 44.43 -21.10
C ILE B 142 5.80 44.12 -19.84
N ILE B 143 6.67 45.06 -19.45
CA ILE B 143 7.48 44.92 -18.24
C ILE B 143 6.70 45.61 -17.13
N THR B 144 6.46 44.87 -16.04
CA THR B 144 5.72 45.40 -14.91
C THR B 144 6.61 45.51 -13.68
N TYR B 145 6.14 46.26 -12.69
CA TYR B 145 6.92 46.52 -11.48
C TYR B 145 6.20 46.24 -10.18
N LYS B 146 6.93 45.76 -9.18
CA LYS B 146 6.33 45.52 -7.88
C LYS B 146 7.43 45.50 -6.82
N ASN B 147 7.27 46.32 -5.78
CA ASN B 147 8.26 46.37 -4.70
C ASN B 147 7.75 45.48 -3.58
N VAL B 148 8.60 44.61 -3.05
CA VAL B 148 8.19 43.71 -1.98
C VAL B 148 9.20 43.63 -0.82
N GLU B 149 8.70 43.24 0.35
CA GLU B 149 9.55 43.07 1.54
C GLU B 149 10.24 41.74 1.26
N PRO B 150 11.54 41.62 1.60
CA PRO B 150 12.27 40.37 1.35
C PRO B 150 11.68 39.07 1.89
N THR B 151 11.12 39.07 3.10
CA THR B 151 10.59 37.81 3.63
C THR B 151 9.40 37.28 2.84
N THR B 152 8.69 38.16 2.13
CA THR B 152 7.53 37.71 1.38
C THR B 152 7.94 36.75 0.26
N ILE B 153 9.17 36.86 -0.22
CA ILE B 153 9.64 35.96 -1.27
C ILE B 153 10.67 34.96 -0.73
N GLY B 154 10.65 34.75 0.58
CA GLY B 154 11.54 33.79 1.19
C GLY B 154 12.99 34.19 1.46
N PHE B 155 13.31 35.47 1.44
CA PHE B 155 14.68 35.85 1.76
C PHE B 155 14.60 36.24 3.24
N ASN B 156 15.15 35.38 4.08
CA ASN B 156 15.09 35.57 5.53
C ASN B 156 16.31 36.15 6.24
N LYS B 157 17.19 36.80 5.48
CA LYS B 157 18.37 37.39 6.09
C LYS B 157 18.24 38.91 6.01
N SER B 158 19.02 39.62 6.82
CA SER B 158 18.97 41.08 6.82
C SER B 158 19.43 41.64 5.49
N LEU B 159 18.52 42.28 4.76
CA LEU B 159 18.85 42.84 3.46
C LEU B 159 19.45 44.23 3.50
N THR B 160 18.93 45.08 4.38
CA THR B 160 19.42 46.44 4.46
C THR B 160 19.83 46.89 5.86
N GLU B 161 20.52 48.02 5.89
CA GLU B 161 20.96 48.66 7.11
C GLU B 161 20.85 50.13 6.73
N GLY B 162 19.76 50.76 7.13
CA GLY B 162 19.54 52.15 6.76
C GLY B 162 19.17 52.24 5.30
N ASN B 163 19.68 53.25 4.60
CA ASN B 163 19.38 53.42 3.18
C ASN B 163 20.36 52.70 2.28
N THR B 164 21.11 51.76 2.83
CA THR B 164 22.11 51.00 2.07
C THR B 164 21.89 49.50 2.19
N ILE B 165 22.17 48.77 1.12
CA ILE B 165 22.02 47.32 1.14
C ILE B 165 23.17 46.68 1.89
N ASN B 166 22.87 45.70 2.74
CA ASN B 166 23.92 45.02 3.50
C ASN B 166 24.90 44.31 2.58
N SER B 167 26.19 44.54 2.82
CA SER B 167 27.26 43.95 2.02
C SER B 167 27.09 42.46 1.73
N ASP B 168 27.03 41.65 2.78
CA ASP B 168 26.90 40.20 2.63
C ASP B 168 25.55 39.74 2.12
N ALA B 169 24.51 40.51 2.41
CA ALA B 169 23.16 40.17 1.98
C ALA B 169 23.01 39.91 0.48
N MET B 170 23.56 40.81 -0.33
CA MET B 170 23.46 40.69 -1.77
C MET B 170 24.07 39.41 -2.35
N ALA B 171 25.21 38.99 -1.81
CA ALA B 171 25.85 37.77 -2.29
C ALA B 171 24.98 36.57 -1.96
N GLN B 172 24.34 36.60 -0.79
CA GLN B 172 23.46 35.52 -0.37
C GLN B 172 22.20 35.47 -1.23
N PHE B 173 21.72 36.64 -1.62
CA PHE B 173 20.50 36.73 -2.43
C PHE B 173 20.73 36.14 -3.82
N LYS B 174 21.86 36.51 -4.44
CA LYS B 174 22.19 36.01 -5.77
C LYS B 174 22.37 34.50 -5.68
N GLU B 175 23.06 34.05 -4.66
CA GLU B 175 23.30 32.62 -4.46
C GLU B 175 21.97 31.85 -4.36
N GLN B 176 21.01 32.42 -3.63
CA GLN B 176 19.72 31.76 -3.45
C GLN B 176 18.76 31.84 -4.63
N PHE B 177 18.77 32.95 -5.36
CA PHE B 177 17.81 33.14 -6.44
C PHE B 177 18.25 33.25 -7.91
N LEU B 178 19.49 33.65 -8.16
CA LEU B 178 19.90 33.81 -9.57
C LEU B 178 19.72 32.53 -10.38
N ASP B 179 19.07 32.68 -11.54
CA ASP B 179 18.80 31.58 -12.46
C ASP B 179 17.81 30.56 -11.96
N ARG B 180 17.08 30.90 -10.90
CA ARG B 180 16.07 29.99 -10.36
C ARG B 180 14.68 30.62 -10.48
N ASP B 181 13.65 29.83 -10.21
CA ASP B 181 12.27 30.30 -10.30
C ASP B 181 11.70 30.60 -8.93
N ILE B 182 11.05 31.76 -8.80
CA ILE B 182 10.42 32.13 -7.55
C ILE B 182 8.91 31.82 -7.60
N LYS B 183 8.46 30.97 -6.69
CA LYS B 183 7.05 30.60 -6.59
C LYS B 183 6.40 31.50 -5.55
N PHE B 184 5.33 32.19 -5.94
CA PHE B 184 4.63 33.09 -5.02
C PHE B 184 3.43 32.40 -4.37
N ASP B 185 2.97 32.96 -3.26
CA ASP B 185 1.85 32.37 -2.53
C ASP B 185 0.46 32.74 -3.02
N SER B 186 0.36 33.84 -3.74
CA SER B 186 -0.93 34.27 -4.26
C SER B 186 -0.78 34.99 -5.58
N TYR B 187 -1.91 35.43 -6.14
CA TYR B 187 -1.90 36.14 -7.40
C TYR B 187 -0.89 37.27 -7.38
N LEU B 188 -0.14 37.41 -8.47
CA LEU B 188 0.87 38.45 -8.56
C LEU B 188 0.25 39.70 -9.18
N ASP B 189 0.10 40.73 -8.35
CA ASP B 189 -0.46 42.00 -8.80
C ASP B 189 0.65 43.02 -8.96
N THR B 190 0.95 43.37 -10.21
CA THR B 190 2.03 44.29 -10.54
C THR B 190 1.56 45.62 -11.13
N HIS B 191 2.46 46.60 -11.15
CA HIS B 191 2.19 47.94 -11.65
C HIS B 191 2.77 48.16 -13.05
N LEU B 192 2.21 49.14 -13.77
CA LEU B 192 2.66 49.44 -15.12
C LEU B 192 3.84 50.40 -15.19
N THR B 193 4.25 50.94 -14.04
CA THR B 193 5.40 51.83 -13.96
C THR B 193 6.13 51.60 -12.65
N ALA B 194 7.37 52.06 -12.59
CA ALA B 194 8.18 51.92 -11.39
C ALA B 194 7.48 52.61 -10.21
N GLN B 195 7.55 51.98 -9.04
CA GLN B 195 6.90 52.50 -7.84
C GLN B 195 7.87 53.14 -6.85
N GLN B 196 7.36 54.11 -6.08
CA GLN B 196 8.17 54.80 -5.09
C GLN B 196 8.50 53.77 -4.01
N VAL B 197 9.72 53.82 -3.50
CA VAL B 197 10.14 52.87 -2.46
C VAL B 197 9.48 53.16 -1.12
N SER B 198 8.78 52.16 -0.58
CA SER B 198 8.10 52.32 0.71
C SER B 198 8.69 51.47 1.82
N SER B 199 9.24 52.14 2.83
CA SER B 199 9.82 51.51 4.01
C SER B 199 10.62 50.21 3.85
N LYS B 200 9.97 49.09 4.12
CA LYS B 200 10.62 47.78 4.07
C LYS B 200 10.57 47.05 2.73
N GLU B 201 9.75 47.52 1.81
CA GLU B 201 9.63 46.87 0.51
C GLU B 201 10.82 47.28 -0.37
N ARG B 202 12.00 46.80 0.02
CA ARG B 202 13.26 47.11 -0.63
C ARG B 202 13.72 46.23 -1.80
N VAL B 203 12.89 45.26 -2.17
CA VAL B 203 13.23 44.39 -3.31
C VAL B 203 12.34 44.80 -4.46
N ILE B 204 12.93 45.19 -5.58
CA ILE B 204 12.16 45.62 -6.74
C ILE B 204 12.06 44.52 -7.78
N LEU B 205 10.84 44.07 -8.05
CA LEU B 205 10.63 43.04 -9.05
C LEU B 205 10.26 43.68 -10.38
N LYS B 206 11.13 43.52 -11.38
CA LYS B 206 10.91 44.06 -12.72
C LYS B 206 10.62 42.81 -13.53
N VAL B 207 9.32 42.53 -13.67
CA VAL B 207 8.83 41.31 -14.32
C VAL B 207 8.30 41.44 -15.73
N THR B 208 8.93 40.74 -16.66
CA THR B 208 8.48 40.74 -18.05
C THR B 208 7.33 39.75 -18.19
N VAL B 209 6.19 40.27 -18.63
CA VAL B 209 4.97 39.49 -18.82
C VAL B 209 4.74 39.29 -20.33
N PRO B 210 5.10 38.11 -20.86
CA PRO B 210 4.91 37.82 -22.29
C PRO B 210 3.42 37.67 -22.57
N SER B 211 2.96 38.08 -23.74
CA SER B 211 1.54 37.94 -24.05
C SER B 211 1.20 36.51 -24.42
N GLY B 212 2.14 35.84 -25.08
CA GLY B 212 1.88 34.48 -25.53
C GLY B 212 0.82 34.51 -26.61
N LYS B 213 0.53 35.70 -27.13
CA LYS B 213 -0.50 35.83 -28.17
C LYS B 213 -0.12 34.99 -29.39
N GLY B 214 -1.08 34.26 -29.92
CA GLY B 214 -0.83 33.42 -31.08
C GLY B 214 -0.31 32.04 -30.78
N SER B 215 -0.03 31.74 -29.51
CA SER B 215 0.49 30.43 -29.13
C SER B 215 -0.63 29.56 -28.55
N THR B 216 -0.33 28.30 -28.27
CA THR B 216 -1.32 27.38 -27.71
C THR B 216 -1.53 27.65 -26.23
N THR B 217 -0.68 28.48 -25.64
CA THR B 217 -0.79 28.81 -24.23
C THR B 217 -0.71 30.31 -23.96
N PRO B 218 -1.76 31.06 -24.33
CA PRO B 218 -1.75 32.51 -24.09
C PRO B 218 -1.60 32.73 -22.59
N THR B 219 -0.92 33.80 -22.21
CA THR B 219 -0.70 34.09 -20.80
C THR B 219 -1.99 34.46 -20.06
N LYS B 220 -2.25 33.78 -18.95
CA LYS B 220 -3.42 34.06 -18.15
C LYS B 220 -3.10 35.22 -17.21
N ALA B 221 -3.23 36.42 -17.74
CA ALA B 221 -2.97 37.66 -17.02
C ALA B 221 -3.82 38.73 -17.71
N GLY B 222 -4.12 39.81 -16.99
CA GLY B 222 -4.93 40.86 -17.58
C GLY B 222 -4.88 42.14 -16.77
N VAL B 223 -5.24 43.24 -17.41
CA VAL B 223 -5.25 44.56 -16.77
C VAL B 223 -6.57 44.80 -16.05
N ILE B 224 -6.51 45.35 -14.85
CA ILE B 224 -7.70 45.67 -14.09
C ILE B 224 -7.53 47.04 -13.44
N LEU B 225 -8.64 47.75 -13.25
CA LEU B 225 -8.61 49.05 -12.62
C LEU B 225 -8.91 48.83 -11.15
N ASN B 226 -7.94 49.16 -10.30
CA ASN B 226 -8.09 48.99 -8.86
C ASN B 226 -7.39 50.10 -8.10
N ASN B 227 -8.05 50.63 -7.08
CA ASN B 227 -7.49 51.70 -6.26
C ASN B 227 -7.08 52.88 -7.15
N SER B 228 -7.93 53.20 -8.13
CA SER B 228 -7.71 54.30 -9.07
C SER B 228 -6.46 54.12 -9.95
N GLU B 229 -6.01 52.89 -10.10
CA GLU B 229 -4.83 52.61 -10.90
C GLU B 229 -5.00 51.36 -11.77
N TYR B 230 -4.46 51.41 -12.98
CA TYR B 230 -4.54 50.25 -13.86
C TYR B 230 -3.35 49.35 -13.51
N LYS B 231 -3.63 48.10 -13.17
CA LYS B 231 -2.59 47.15 -12.78
C LYS B 231 -2.68 45.84 -13.56
N MET B 232 -1.61 45.07 -13.56
CA MET B 232 -1.58 43.78 -14.24
C MET B 232 -1.79 42.69 -13.18
N LEU B 233 -2.76 41.80 -13.40
CA LEU B 233 -3.04 40.71 -12.47
C LEU B 233 -2.65 39.42 -13.17
N ILE B 234 -1.79 38.64 -12.51
CA ILE B 234 -1.27 37.40 -13.05
C ILE B 234 -1.73 36.16 -12.26
N ASP B 235 -2.21 35.16 -12.98
CA ASP B 235 -2.72 33.92 -12.36
C ASP B 235 -1.64 33.18 -11.56
N ASN B 236 -2.08 32.30 -10.66
CA ASN B 236 -1.17 31.52 -9.80
C ASN B 236 -0.29 30.54 -10.54
N GLY B 237 -0.68 30.19 -11.77
CA GLY B 237 0.08 29.23 -12.55
C GLY B 237 1.38 29.74 -13.16
N TYR B 238 1.97 30.77 -12.58
CA TYR B 238 3.23 31.32 -13.07
C TYR B 238 4.22 31.65 -11.97
N MET B 239 5.49 31.37 -12.25
CA MET B 239 6.57 31.69 -11.32
C MET B 239 7.39 32.78 -12.02
N VAL B 240 8.28 33.44 -11.28
CA VAL B 240 9.14 34.45 -11.88
C VAL B 240 10.55 33.85 -11.98
N HIS B 241 11.05 33.70 -13.20
CA HIS B 241 12.40 33.16 -13.42
C HIS B 241 13.37 34.34 -13.29
N VAL B 242 14.34 34.23 -12.38
CA VAL B 242 15.28 35.31 -12.15
C VAL B 242 16.42 35.38 -13.16
N ASP B 243 16.40 36.43 -13.99
CA ASP B 243 17.40 36.64 -15.04
C ASP B 243 18.60 37.45 -14.56
N LYS B 244 18.35 38.43 -13.69
CA LYS B 244 19.42 39.28 -13.21
C LYS B 244 19.12 39.91 -11.86
N VAL B 245 20.17 40.12 -11.06
CA VAL B 245 20.05 40.73 -9.75
C VAL B 245 21.09 41.86 -9.70
N SER B 246 20.67 43.05 -9.26
CA SER B 246 21.59 44.18 -9.18
C SER B 246 21.13 45.22 -8.19
N LYS B 247 22.07 46.08 -7.77
CA LYS B 247 21.75 47.15 -6.84
C LYS B 247 21.34 48.40 -7.59
N VAL B 248 20.36 49.11 -7.07
CA VAL B 248 19.89 50.34 -7.68
C VAL B 248 19.57 51.34 -6.57
N VAL B 249 19.68 52.63 -6.87
CA VAL B 249 19.40 53.65 -5.87
C VAL B 249 18.20 54.49 -6.32
N LYS B 250 17.21 54.58 -5.43
CA LYS B 250 16.00 55.34 -5.72
C LYS B 250 15.81 56.41 -4.65
N LYS B 251 15.84 57.67 -5.07
CA LYS B 251 15.65 58.79 -4.15
C LYS B 251 16.52 58.66 -2.89
N GLY B 252 17.79 58.33 -3.09
CA GLY B 252 18.70 58.20 -1.97
C GLY B 252 18.60 56.90 -1.18
N VAL B 253 17.78 55.97 -1.67
CA VAL B 253 17.62 54.68 -0.98
C VAL B 253 18.02 53.53 -1.90
N GLU B 254 19.02 52.77 -1.48
CA GLU B 254 19.52 51.64 -2.27
C GLU B 254 18.58 50.43 -2.13
N CYS B 255 18.24 49.82 -3.26
CA CYS B 255 17.36 48.65 -3.28
C CYS B 255 17.97 47.53 -4.10
N LEU B 256 17.36 46.35 -4.02
CA LEU B 256 17.84 45.21 -4.78
C LEU B 256 16.82 44.93 -5.88
N GLN B 257 17.26 45.02 -7.13
CA GLN B 257 16.38 44.81 -8.27
C GLN B 257 16.53 43.45 -8.95
N ILE B 258 15.42 42.72 -9.02
CA ILE B 258 15.37 41.42 -9.68
C ILE B 258 14.68 41.60 -11.02
N GLU B 259 15.34 41.20 -12.09
CA GLU B 259 14.73 41.27 -13.40
C GLU B 259 14.40 39.84 -13.76
N GLY B 260 13.13 39.57 -14.03
CA GLY B 260 12.74 38.21 -14.36
C GLY B 260 11.65 38.11 -15.40
N THR B 261 11.31 36.87 -15.76
CA THR B 261 10.30 36.62 -16.76
C THR B 261 9.36 35.54 -16.26
N LEU B 262 8.08 35.60 -16.62
CA LEU B 262 7.12 34.60 -16.17
C LEU B 262 7.41 33.22 -16.76
N LYS B 263 7.25 32.19 -15.94
CA LYS B 263 7.45 30.81 -16.34
C LYS B 263 6.23 30.04 -15.84
N LYS B 264 5.58 29.33 -16.75
CA LYS B 264 4.39 28.56 -16.42
C LYS B 264 4.61 27.24 -15.68
N SER B 265 3.78 27.00 -14.69
CA SER B 265 3.79 25.78 -13.89
C SER B 265 2.37 25.58 -13.37
N LEU B 266 1.72 24.49 -13.74
CA LEU B 266 0.36 24.23 -13.28
C LEU B 266 0.32 24.05 -11.77
N ASP B 267 -0.55 24.81 -11.12
CA ASP B 267 -0.66 24.71 -9.66
C ASP B 267 -2.13 24.71 -9.27
N PHE B 268 -2.65 23.54 -8.90
CA PHE B 268 -4.05 23.43 -8.52
C PHE B 268 -4.41 23.87 -7.11
N LYS B 269 -3.41 24.22 -6.30
CA LYS B 269 -3.67 24.65 -4.93
C LYS B 269 -4.53 23.58 -4.25
N ASN B 270 -5.56 23.99 -3.52
CA ASN B 270 -6.44 23.05 -2.85
C ASN B 270 -7.59 22.59 -3.77
N ASP B 271 -7.35 22.75 -5.07
CA ASP B 271 -8.27 22.30 -6.13
C ASP B 271 -9.74 22.60 -5.86
N ILE B 272 -10.04 23.89 -5.67
CA ILE B 272 -11.40 24.34 -5.35
C ILE B 272 -12.43 24.21 -6.46
N ASN B 273 -11.98 24.04 -7.70
CA ASN B 273 -12.90 23.87 -8.81
C ASN B 273 -12.86 22.47 -9.42
N ALA B 274 -12.26 21.54 -8.69
CA ALA B 274 -12.17 20.15 -9.13
C ALA B 274 -11.65 19.99 -10.57
N GLU B 275 -10.48 20.52 -10.86
CA GLU B 275 -9.91 20.41 -12.20
C GLU B 275 -8.68 19.51 -12.21
N ALA B 276 -8.16 19.20 -11.02
CA ALA B 276 -6.98 18.37 -10.89
C ALA B 276 -7.14 16.95 -11.42
N HIS B 277 -8.12 16.22 -10.91
CA HIS B 277 -8.36 14.85 -11.33
C HIS B 277 -8.57 14.72 -12.84
N SER B 278 -9.21 15.71 -13.43
CA SER B 278 -9.45 15.70 -14.88
C SER B 278 -8.13 15.78 -15.62
N TRP B 279 -7.31 16.77 -15.27
CA TRP B 279 -6.01 16.93 -15.91
C TRP B 279 -5.27 15.60 -15.84
N GLY B 280 -5.33 14.99 -14.66
CA GLY B 280 -4.67 13.71 -14.45
C GLY B 280 -5.11 12.62 -15.40
N MET B 281 -6.41 12.38 -15.50
CA MET B 281 -6.92 11.35 -16.39
C MET B 281 -6.66 11.69 -17.85
N LYS B 282 -6.88 12.94 -18.22
CA LYS B 282 -6.65 13.37 -19.59
C LYS B 282 -5.24 13.05 -20.07
N ASN B 283 -4.27 13.11 -19.16
CA ASN B 283 -2.88 12.83 -19.52
C ASN B 283 -2.38 11.42 -19.21
N TYR B 284 -3.02 10.72 -18.28
CA TYR B 284 -2.58 9.36 -17.95
C TYR B 284 -3.61 8.25 -18.10
N GLU B 285 -4.72 8.55 -18.78
CA GLU B 285 -5.77 7.56 -19.00
C GLU B 285 -5.18 6.37 -19.76
N GLU B 286 -4.61 6.68 -20.93
CA GLU B 286 -4.01 5.68 -21.79
C GLU B 286 -2.91 4.89 -21.06
N TRP B 287 -2.05 5.61 -20.35
CA TRP B 287 -0.96 5.01 -19.60
C TRP B 287 -1.42 3.84 -18.72
N ALA B 288 -2.49 4.07 -17.98
CA ALA B 288 -3.03 3.05 -17.08
C ALA B 288 -3.47 1.78 -17.79
N LYS B 289 -4.33 1.94 -18.79
CA LYS B 289 -4.84 0.79 -19.54
C LYS B 289 -3.76 -0.02 -20.25
N ASP B 290 -2.63 0.60 -20.54
CA ASP B 290 -1.54 -0.10 -21.23
C ASP B 290 -0.59 -0.84 -20.30
N LEU B 291 -0.83 -0.75 -18.99
CA LEU B 291 0.02 -1.41 -18.01
C LEU B 291 -0.13 -2.93 -18.07
N THR B 292 0.98 -3.64 -17.90
CA THR B 292 0.96 -5.10 -17.92
C THR B 292 0.56 -5.59 -16.54
N ASP B 293 -0.07 -6.76 -16.48
CA ASP B 293 -0.50 -7.32 -15.20
C ASP B 293 0.65 -7.34 -14.20
N SER B 294 1.85 -7.58 -14.69
CA SER B 294 3.03 -7.63 -13.84
C SER B 294 3.25 -6.26 -13.18
N GLN B 295 3.07 -5.19 -13.95
CA GLN B 295 3.26 -3.84 -13.43
C GLN B 295 1.99 -3.22 -12.86
N ARG B 296 0.83 -3.77 -13.22
CA ARG B 296 -0.42 -3.25 -12.69
C ARG B 296 -0.55 -3.72 -11.25
N GLU B 297 -0.26 -5.00 -11.03
CA GLU B 297 -0.34 -5.57 -9.69
C GLU B 297 0.79 -5.05 -8.81
N ALA B 298 1.93 -4.76 -9.43
CA ALA B 298 3.07 -4.24 -8.70
C ALA B 298 2.73 -2.85 -8.17
N LEU B 299 2.04 -2.07 -9.00
CA LEU B 299 1.64 -0.71 -8.62
C LEU B 299 0.43 -0.72 -7.70
N ASP B 300 -0.62 -1.42 -8.10
CA ASP B 300 -1.83 -1.49 -7.29
C ASP B 300 -1.46 -2.02 -5.91
N GLY B 301 -0.50 -2.94 -5.86
CA GLY B 301 -0.07 -3.50 -4.60
C GLY B 301 0.66 -2.44 -3.78
N TYR B 302 1.40 -1.58 -4.47
CA TYR B 302 2.15 -0.51 -3.83
C TYR B 302 1.13 0.38 -3.12
N ALA B 303 0.14 0.83 -3.88
CA ALA B 303 -0.91 1.71 -3.36
C ALA B 303 -1.65 1.10 -2.18
N ARG B 304 -1.84 -0.22 -2.23
CA ARG B 304 -2.54 -0.93 -1.16
C ARG B 304 -1.80 -0.78 0.16
N GLN B 305 -0.78 -1.62 0.37
CA GLN B 305 -0.02 -1.56 1.61
C GLN B 305 1.44 -1.99 1.41
N ASP B 306 1.80 -2.29 0.17
CA ASP B 306 3.16 -2.72 -0.14
C ASP B 306 4.19 -1.60 -0.01
N TYR B 307 3.74 -0.36 -0.25
CA TYR B 307 4.63 0.79 -0.19
C TYR B 307 5.46 0.84 1.09
N LYS B 308 4.85 0.47 2.21
CA LYS B 308 5.54 0.48 3.50
C LYS B 308 6.76 -0.45 3.48
N GLU B 309 6.57 -1.66 2.98
CA GLU B 309 7.64 -2.65 2.92
C GLU B 309 8.67 -2.33 1.85
N ILE B 310 8.20 -1.83 0.71
CA ILE B 310 9.07 -1.49 -0.40
C ILE B 310 10.07 -0.36 -0.10
N ASN B 311 9.55 0.79 0.33
CA ASN B 311 10.40 1.92 0.65
C ASN B 311 11.42 1.61 1.73
N ASN B 312 10.99 0.86 2.74
CA ASN B 312 11.89 0.48 3.82
C ASN B 312 13.06 -0.29 3.23
N TYR B 313 12.75 -1.20 2.31
CA TYR B 313 13.74 -2.03 1.63
C TYR B 313 14.77 -1.17 0.89
N LEU B 314 14.31 -0.08 0.30
CA LEU B 314 15.19 0.82 -0.44
C LEU B 314 15.91 1.81 0.46
N ARG B 315 15.18 2.37 1.42
CA ARG B 315 15.73 3.34 2.35
C ARG B 315 16.66 2.67 3.36
N ASN B 316 16.53 1.35 3.49
CA ASN B 316 17.37 0.58 4.41
C ASN B 316 17.90 -0.64 3.68
N GLN B 317 19.21 -0.85 3.75
CA GLN B 317 19.87 -1.98 3.09
C GLN B 317 19.95 -1.75 1.58
N GLY B 318 19.14 -0.82 1.09
CA GLY B 318 19.11 -0.49 -0.32
C GLY B 318 19.31 -1.66 -1.27
N GLY B 319 18.22 -2.28 -1.70
CA GLY B 319 18.32 -3.40 -2.61
C GLY B 319 19.10 -4.57 -2.05
N SER B 320 18.55 -5.20 -1.02
CA SER B 320 19.19 -6.35 -0.39
C SER B 320 19.16 -7.57 -1.32
N GLY B 321 18.67 -8.69 -0.81
CA GLY B 321 18.61 -9.90 -1.60
C GLY B 321 17.23 -10.50 -1.74
N ASN B 322 16.20 -9.66 -1.73
CA ASN B 322 14.84 -10.17 -1.87
C ASN B 322 14.42 -10.10 -3.34
N GLU B 323 14.60 -11.22 -4.04
CA GLU B 323 14.28 -11.32 -5.45
C GLU B 323 12.83 -10.92 -5.72
N LYS B 324 11.95 -11.21 -4.77
CA LYS B 324 10.53 -10.86 -4.92
C LYS B 324 10.35 -9.35 -4.96
N LEU B 325 10.98 -8.65 -4.02
CA LEU B 325 10.88 -7.19 -3.98
C LEU B 325 11.54 -6.60 -5.22
N ASP B 326 12.75 -7.06 -5.52
CA ASP B 326 13.48 -6.58 -6.69
C ASP B 326 12.60 -6.64 -7.92
N ALA B 327 11.85 -7.74 -8.04
CA ALA B 327 10.96 -7.94 -9.17
C ALA B 327 9.87 -6.88 -9.22
N GLN B 328 9.19 -6.70 -8.09
CA GLN B 328 8.12 -5.72 -8.02
C GLN B 328 8.67 -4.31 -8.22
N ILE B 329 9.86 -4.06 -7.66
CA ILE B 329 10.50 -2.75 -7.79
C ILE B 329 10.82 -2.49 -9.25
N LYS B 330 11.11 -3.55 -10.00
CA LYS B 330 11.40 -3.42 -11.42
C LYS B 330 10.14 -3.04 -12.20
N ASN B 331 9.03 -3.69 -11.88
CA ASN B 331 7.76 -3.42 -12.55
C ASN B 331 7.24 -2.02 -12.24
N ILE B 332 7.41 -1.58 -10.99
CA ILE B 332 6.95 -0.26 -10.60
C ILE B 332 7.71 0.81 -11.37
N SER B 333 9.04 0.77 -11.29
CA SER B 333 9.87 1.75 -11.97
C SER B 333 9.73 1.72 -13.48
N ASP B 334 9.46 0.55 -14.05
CA ASP B 334 9.26 0.45 -15.49
C ASP B 334 8.00 1.20 -15.88
N ALA B 335 6.94 1.01 -15.11
CA ALA B 335 5.68 1.68 -15.38
C ALA B 335 5.78 3.20 -15.20
N LEU B 336 6.51 3.63 -14.17
CA LEU B 336 6.66 5.06 -13.91
C LEU B 336 7.48 5.77 -14.97
N GLY B 337 8.23 5.02 -15.77
CA GLY B 337 9.04 5.63 -16.80
C GLY B 337 8.39 5.65 -18.18
N LYS B 338 7.31 4.89 -18.34
CA LYS B 338 6.62 4.83 -19.63
C LYS B 338 6.17 6.18 -20.16
N LYS B 339 5.66 7.04 -19.27
CA LYS B 339 5.20 8.35 -19.70
C LYS B 339 5.65 9.49 -18.80
N PRO B 340 6.70 10.20 -19.19
CA PRO B 340 7.23 11.32 -18.42
C PRO B 340 6.21 12.44 -18.24
N ILE B 341 6.34 13.18 -17.14
CA ILE B 341 5.44 14.29 -16.84
C ILE B 341 5.41 15.20 -18.07
N PRO B 342 4.22 15.34 -18.68
CA PRO B 342 3.96 16.14 -19.89
C PRO B 342 4.19 17.65 -19.86
N GLU B 343 4.20 18.26 -18.68
CA GLU B 343 4.42 19.70 -18.60
C GLU B 343 4.84 20.05 -17.18
N ASN B 344 5.32 21.26 -16.97
CA ASN B 344 5.72 21.66 -15.62
C ASN B 344 4.49 21.67 -14.72
N ILE B 345 4.61 21.07 -13.53
CA ILE B 345 3.52 21.08 -12.58
C ILE B 345 4.06 21.28 -11.17
N THR B 346 3.16 21.63 -10.25
CA THR B 346 3.48 21.83 -8.85
C THR B 346 2.76 20.70 -8.10
N VAL B 347 3.46 20.04 -7.18
CA VAL B 347 2.85 18.97 -6.39
C VAL B 347 3.12 19.23 -4.91
N TYR B 348 2.35 18.57 -4.06
CA TYR B 348 2.45 18.76 -2.62
C TYR B 348 2.63 17.49 -1.80
N ARG B 349 3.30 17.64 -0.66
CA ARG B 349 3.50 16.53 0.26
C ARG B 349 3.59 17.05 1.68
N TRP B 350 2.69 16.59 2.55
CA TRP B 350 2.74 16.99 3.95
C TRP B 350 3.70 16.03 4.63
N CYS B 351 4.76 16.56 5.24
CA CYS B 351 5.79 15.73 5.86
C CYS B 351 5.88 15.76 7.37
N GLY B 352 6.30 14.62 7.94
CA GLY B 352 6.48 14.53 9.38
C GLY B 352 7.87 15.03 9.70
N MET B 353 8.12 15.37 10.96
CA MET B 353 9.44 15.86 11.37
C MET B 353 10.59 14.90 11.07
N PRO B 354 10.40 13.58 11.27
CA PRO B 354 11.50 12.67 10.98
C PRO B 354 11.96 12.70 9.52
N GLU B 355 11.05 13.04 8.61
CA GLU B 355 11.41 13.11 7.19
C GLU B 355 12.44 14.20 6.96
N PHE B 356 12.48 15.20 7.84
CA PHE B 356 13.49 16.24 7.70
C PHE B 356 14.55 16.17 8.80
N GLY B 357 14.71 14.97 9.37
CA GLY B 357 15.75 14.78 10.38
C GLY B 357 15.52 15.29 11.79
N TYR B 358 14.27 15.58 12.15
CA TYR B 358 13.98 16.05 13.50
C TYR B 358 13.14 14.98 14.20
N GLN B 359 12.99 15.10 15.51
CA GLN B 359 12.21 14.13 16.27
C GLN B 359 10.75 14.58 16.30
N ILE B 360 9.83 13.62 16.39
CA ILE B 360 8.41 13.92 16.41
C ILE B 360 8.02 14.97 17.45
N SER B 361 8.65 14.90 18.62
CA SER B 361 8.37 15.82 19.72
C SER B 361 9.04 17.18 19.57
N ASP B 362 9.97 17.30 18.62
CA ASP B 362 10.68 18.56 18.40
C ASP B 362 9.86 19.69 17.81
N PRO B 363 10.12 20.92 18.27
CA PRO B 363 9.42 22.10 17.76
C PRO B 363 10.09 22.42 16.42
N LEU B 364 9.39 23.15 15.56
CA LEU B 364 10.02 23.56 14.31
C LEU B 364 11.16 24.49 14.72
N PRO B 365 12.35 24.29 14.14
CA PRO B 365 13.48 25.15 14.49
C PRO B 365 13.22 26.54 13.91
N SER B 366 14.03 27.52 14.25
CA SER B 366 13.83 28.87 13.71
C SER B 366 14.10 28.80 12.20
N LEU B 367 13.57 29.75 11.43
CA LEU B 367 13.81 29.74 9.99
C LEU B 367 15.31 29.79 9.71
N LYS B 368 16.03 30.55 10.55
CA LYS B 368 17.47 30.67 10.38
C LYS B 368 18.15 29.32 10.51
N ASP B 369 17.80 28.56 11.55
CA ASP B 369 18.39 27.24 11.75
C ASP B 369 17.92 26.25 10.70
N PHE B 370 16.67 26.37 10.26
CA PHE B 370 16.16 25.48 9.24
C PHE B 370 16.94 25.71 7.94
N GLU B 371 17.17 26.98 7.59
CA GLU B 371 17.90 27.30 6.36
C GLU B 371 19.34 26.82 6.41
N GLU B 372 19.99 26.99 7.56
CA GLU B 372 21.38 26.57 7.65
C GLU B 372 21.51 25.06 7.45
N GLN B 373 20.45 24.32 7.77
CA GLN B 373 20.43 22.88 7.60
C GLN B 373 19.95 22.45 6.21
N PHE B 374 18.98 23.18 5.64
CA PHE B 374 18.42 22.80 4.35
C PHE B 374 18.48 23.72 3.12
N LEU B 375 18.58 25.04 3.32
CA LEU B 375 18.59 25.92 2.15
C LEU B 375 19.71 25.60 1.17
N ASN B 376 19.38 25.63 -0.12
CA ASN B 376 20.33 25.35 -1.19
C ASN B 376 20.98 23.98 -1.11
N THR B 377 20.33 23.01 -0.49
CA THR B 377 20.90 21.66 -0.43
C THR B 377 20.04 20.76 -1.31
N ILE B 378 20.56 19.57 -1.58
CA ILE B 378 19.83 18.59 -2.38
C ILE B 378 19.35 17.50 -1.44
N LYS B 379 18.03 17.29 -1.39
CA LYS B 379 17.48 16.27 -0.51
C LYS B 379 17.19 15.05 -1.36
N GLU B 380 17.57 13.87 -0.86
CA GLU B 380 17.38 12.65 -1.62
C GLU B 380 16.53 11.60 -0.89
N ASP B 381 15.93 10.72 -1.68
CA ASP B 381 15.10 9.64 -1.15
C ASP B 381 15.34 8.38 -1.96
N LYS B 382 15.92 7.37 -1.33
CA LYS B 382 16.22 6.12 -2.00
C LYS B 382 14.94 5.38 -2.40
N GLY B 383 13.86 5.64 -1.67
CA GLY B 383 12.59 5.00 -1.98
C GLY B 383 11.77 5.87 -2.92
N TYR B 384 10.52 5.48 -3.14
CA TYR B 384 9.64 6.24 -4.01
C TYR B 384 9.02 7.38 -3.23
N MET B 385 8.65 8.45 -3.91
CA MET B 385 8.04 9.59 -3.24
C MET B 385 6.64 9.89 -3.74
N SER B 386 5.67 9.78 -2.83
CA SER B 386 4.28 10.05 -3.16
C SER B 386 3.97 11.53 -2.94
N THR B 387 3.31 12.14 -3.92
CA THR B 387 2.93 13.54 -3.84
C THR B 387 1.50 13.70 -4.35
N SER B 388 0.92 14.87 -4.15
CA SER B 388 -0.45 15.12 -4.58
C SER B 388 -0.59 16.42 -5.37
N LEU B 389 -1.47 16.42 -6.35
CA LEU B 389 -1.72 17.62 -7.15
C LEU B 389 -2.41 18.68 -6.30
N SER B 390 -3.02 18.24 -5.20
CA SER B 390 -3.74 19.14 -4.29
C SER B 390 -3.01 19.40 -2.99
N SER B 391 -3.08 20.64 -2.51
CA SER B 391 -2.44 21.02 -1.27
C SER B 391 -3.41 20.96 -0.09
N GLU B 392 -4.63 20.48 -0.35
CA GLU B 392 -5.65 20.37 0.68
C GLU B 392 -5.16 19.50 1.84
N ARG B 393 -5.44 19.92 3.07
CA ARG B 393 -5.01 19.14 4.22
C ARG B 393 -6.05 18.11 4.61
N LEU B 394 -5.60 16.91 4.89
CA LEU B 394 -6.48 15.81 5.29
C LEU B 394 -6.28 15.53 6.79
N ALA B 395 -7.30 14.92 7.40
CA ALA B 395 -7.26 14.60 8.82
C ALA B 395 -6.00 13.86 9.26
N ALA B 396 -5.55 12.90 8.44
CA ALA B 396 -4.36 12.12 8.76
C ALA B 396 -3.06 12.94 8.80
N PHE B 397 -3.13 14.20 8.40
CA PHE B 397 -1.97 15.09 8.37
C PHE B 397 -1.84 15.93 9.64
N GLY B 398 -2.53 15.51 10.69
CA GLY B 398 -2.51 16.26 11.95
C GLY B 398 -1.16 16.72 12.48
N SER B 399 -0.22 15.81 12.65
CA SER B 399 1.09 16.15 13.18
C SER B 399 2.19 16.45 12.18
N ARG B 400 1.81 16.78 10.94
CA ARG B 400 2.82 17.09 9.93
C ARG B 400 3.01 18.60 9.87
N LYS B 401 4.17 19.03 10.37
CA LYS B 401 4.52 20.43 10.46
C LYS B 401 5.18 21.06 9.24
N ILE B 402 5.58 20.23 8.27
CA ILE B 402 6.27 20.72 7.08
C ILE B 402 5.54 20.36 5.78
N ILE B 403 5.30 21.36 4.94
CA ILE B 403 4.60 21.16 3.68
C ILE B 403 5.56 21.39 2.51
N LEU B 404 5.82 20.34 1.74
CA LEU B 404 6.70 20.44 0.59
C LEU B 404 5.88 20.89 -0.63
N ARG B 405 6.30 22.00 -1.25
CA ARG B 405 5.65 22.50 -2.46
C ARG B 405 6.73 22.29 -3.51
N LEU B 406 6.59 21.21 -4.27
CA LEU B 406 7.59 20.79 -5.25
C LEU B 406 7.35 21.06 -6.73
N GLN B 407 8.31 21.72 -7.38
CA GLN B 407 8.19 21.95 -8.82
C GLN B 407 8.71 20.71 -9.52
N VAL B 408 7.85 20.13 -10.36
CA VAL B 408 8.17 18.95 -11.14
C VAL B 408 8.26 19.40 -12.60
N PRO B 409 9.47 19.55 -13.13
CA PRO B 409 9.63 19.99 -14.52
C PRO B 409 9.11 19.00 -15.54
N LYS B 410 8.76 19.50 -16.71
CA LYS B 410 8.30 18.67 -17.81
C LYS B 410 9.42 17.66 -18.08
N GLY B 411 9.04 16.40 -18.24
CA GLY B 411 10.04 15.37 -18.52
C GLY B 411 10.48 14.53 -17.34
N SER B 412 10.00 14.87 -16.15
CA SER B 412 10.36 14.11 -14.94
C SER B 412 9.80 12.69 -14.97
N THR B 413 10.46 11.79 -14.25
CA THR B 413 10.05 10.39 -14.19
C THR B 413 8.98 10.13 -13.12
N GLY B 414 7.73 10.03 -13.55
CA GLY B 414 6.65 9.77 -12.62
C GLY B 414 5.36 9.54 -13.35
N ALA B 415 4.26 9.41 -12.61
CA ALA B 415 2.97 9.17 -13.23
C ALA B 415 1.80 9.48 -12.29
N TYR B 416 0.65 9.77 -12.88
CA TYR B 416 -0.56 10.05 -12.11
C TYR B 416 -1.09 8.67 -11.72
N LEU B 417 -0.71 8.22 -10.53
CA LEU B 417 -1.12 6.91 -10.02
C LEU B 417 -2.63 6.75 -9.94
N SER B 418 -3.33 7.83 -9.61
CA SER B 418 -4.79 7.81 -9.48
C SER B 418 -5.53 7.56 -10.79
N ALA B 419 -4.78 7.27 -11.85
CA ALA B 419 -5.38 7.01 -13.16
C ALA B 419 -5.79 5.55 -13.28
N ILE B 420 -5.06 4.67 -12.61
CA ILE B 420 -5.35 3.24 -12.66
C ILE B 420 -6.61 2.93 -11.86
N GLY B 421 -6.85 3.71 -10.82
CA GLY B 421 -8.01 3.50 -9.99
C GLY B 421 -7.69 2.50 -8.89
N GLY B 422 -8.72 1.77 -8.44
CA GLY B 422 -8.50 0.78 -7.40
C GLY B 422 -8.11 1.42 -6.08
N PHE B 423 -7.03 0.92 -5.48
CA PHE B 423 -6.55 1.45 -4.21
C PHE B 423 -5.79 2.75 -4.40
N ALA B 424 -5.74 3.23 -5.64
CA ALA B 424 -5.06 4.48 -5.96
C ALA B 424 -5.62 5.63 -5.14
N SER B 425 -4.73 6.40 -4.51
CA SER B 425 -5.14 7.53 -3.69
C SER B 425 -5.87 8.58 -4.54
N GLU B 426 -5.98 9.79 -4.00
CA GLU B 426 -6.67 10.86 -4.70
C GLU B 426 -5.66 11.87 -5.24
N LYS B 427 -5.77 12.17 -6.54
CA LYS B 427 -4.90 13.15 -7.17
C LYS B 427 -3.43 12.90 -6.87
N GLU B 428 -3.02 11.64 -6.83
CA GLU B 428 -1.63 11.29 -6.52
C GLU B 428 -0.67 11.18 -7.70
N ILE B 429 0.51 11.76 -7.52
CA ILE B 429 1.59 11.71 -8.49
C ILE B 429 2.70 10.93 -7.80
N LEU B 430 3.03 9.76 -8.33
CA LEU B 430 4.09 8.97 -7.72
C LEU B 430 5.38 9.20 -8.50
N LEU B 431 6.44 9.60 -7.81
CA LEU B 431 7.73 9.84 -8.45
C LEU B 431 8.61 8.62 -8.25
N ASP B 432 9.45 8.32 -9.24
CA ASP B 432 10.32 7.16 -9.17
C ASP B 432 11.40 7.27 -8.09
N LYS B 433 11.84 6.12 -7.60
CA LYS B 433 12.84 6.04 -6.54
C LYS B 433 14.13 6.78 -6.92
N ASP B 434 14.91 7.14 -5.91
CA ASP B 434 16.16 7.86 -6.12
C ASP B 434 15.90 9.28 -6.62
N SER B 435 14.84 9.88 -6.13
CA SER B 435 14.49 11.25 -6.51
C SER B 435 15.42 12.19 -5.76
N LYS B 436 15.59 13.40 -6.30
CA LYS B 436 16.45 14.38 -5.69
C LYS B 436 15.86 15.74 -5.99
N TYR B 437 15.81 16.61 -4.99
CA TYR B 437 15.27 17.94 -5.22
C TYR B 437 16.08 18.99 -4.47
N HIS B 438 16.20 20.16 -5.09
CA HIS B 438 16.94 21.28 -4.53
C HIS B 438 15.98 22.17 -3.76
N ILE B 439 16.33 22.48 -2.52
CA ILE B 439 15.48 23.32 -1.68
C ILE B 439 15.75 24.78 -2.00
N ASP B 440 14.70 25.42 -2.54
CA ASP B 440 14.74 26.81 -2.99
C ASP B 440 14.53 27.89 -1.94
N LYS B 441 13.54 27.69 -1.07
CA LYS B 441 13.24 28.64 0.00
C LYS B 441 12.29 28.05 1.03
N VAL B 442 12.19 28.70 2.18
CA VAL B 442 11.32 28.25 3.24
C VAL B 442 10.57 29.46 3.79
N THR B 443 9.26 29.29 3.99
CA THR B 443 8.42 30.36 4.53
C THR B 443 7.47 29.79 5.58
N GLU B 444 6.85 30.68 6.36
CA GLU B 444 5.92 30.27 7.40
C GLU B 444 4.47 30.54 7.04
N VAL B 445 3.58 29.76 7.64
CA VAL B 445 2.15 29.94 7.44
C VAL B 445 1.48 29.39 8.69
N ILE B 446 0.58 30.17 9.29
CA ILE B 446 -0.13 29.72 10.47
C ILE B 446 -1.46 29.18 10.02
N ILE B 447 -1.68 27.90 10.27
CA ILE B 447 -2.91 27.23 9.88
C ILE B 447 -3.73 26.81 11.09
N LYS B 448 -4.90 27.40 11.22
CA LYS B 448 -5.81 27.08 12.31
C LYS B 448 -5.09 27.07 13.65
N GLY B 449 -4.31 28.11 13.90
CA GLY B 449 -3.61 28.22 15.17
C GLY B 449 -2.22 27.65 15.27
N VAL B 450 -1.90 26.62 14.49
CA VAL B 450 -0.58 26.01 14.55
C VAL B 450 0.36 26.46 13.44
N LYS B 451 1.64 26.58 13.79
CA LYS B 451 2.66 27.02 12.85
C LYS B 451 3.18 25.91 11.96
N ARG B 452 3.29 26.21 10.67
CA ARG B 452 3.80 25.26 9.69
C ARG B 452 4.80 25.93 8.75
N TYR B 453 5.73 25.16 8.21
CA TYR B 453 6.70 25.68 7.27
C TYR B 453 6.41 25.13 5.89
N VAL B 454 6.44 26.00 4.88
CA VAL B 454 6.24 25.60 3.49
C VAL B 454 7.63 25.58 2.88
N VAL B 455 8.04 24.43 2.35
CA VAL B 455 9.34 24.28 1.74
C VAL B 455 9.21 24.20 0.23
N ASP B 456 9.70 25.23 -0.47
CA ASP B 456 9.67 25.23 -1.93
C ASP B 456 10.94 24.55 -2.45
N ALA B 457 10.76 23.63 -3.38
CA ALA B 457 11.88 22.89 -3.94
C ALA B 457 11.62 22.58 -5.42
N THR B 458 12.68 22.17 -6.11
CA THR B 458 12.61 21.83 -7.52
C THR B 458 13.23 20.46 -7.74
N LEU B 459 12.47 19.55 -8.34
CA LEU B 459 12.95 18.20 -8.62
C LEU B 459 14.08 18.27 -9.64
N LEU B 460 15.17 17.57 -9.37
CA LEU B 460 16.30 17.57 -10.30
C LEU B 460 16.04 16.57 -11.42
N THR B 461 16.25 17.02 -12.65
CA THR B 461 16.03 16.18 -13.83
C THR B 461 17.34 15.55 -14.29
N THR C 60 -27.38 -30.98 19.31
CA THR C 60 -28.83 -30.60 19.45
C THR C 60 -29.23 -29.52 18.46
N ASP C 61 -28.26 -29.00 17.70
CA ASP C 61 -28.55 -27.96 16.71
C ASP C 61 -29.35 -28.50 15.54
N LYS C 62 -30.14 -27.62 14.92
CA LYS C 62 -30.94 -27.97 13.75
C LYS C 62 -30.02 -28.31 12.59
N VAL C 63 -30.17 -29.52 12.03
CA VAL C 63 -29.33 -29.96 10.91
C VAL C 63 -30.14 -30.81 9.93
N GLU C 64 -29.81 -30.69 8.65
CA GLU C 64 -30.47 -31.47 7.59
C GLU C 64 -29.61 -32.70 7.28
N ASP C 65 -30.25 -33.79 6.85
CA ASP C 65 -29.54 -35.00 6.44
C ASP C 65 -30.46 -35.78 5.52
N PHE C 66 -30.24 -35.66 4.22
CA PHE C 66 -31.09 -36.35 3.26
C PHE C 66 -30.74 -37.82 3.04
N LYS C 67 -29.66 -38.28 3.66
CA LYS C 67 -29.24 -39.67 3.55
C LYS C 67 -29.17 -40.19 2.10
N GLU C 68 -30.15 -41.00 1.71
CA GLU C 68 -30.18 -41.57 0.36
C GLU C 68 -31.21 -40.93 -0.57
N ASP C 69 -31.98 -39.98 -0.05
CA ASP C 69 -33.02 -39.34 -0.87
C ASP C 69 -32.47 -38.28 -1.83
N LYS C 70 -31.97 -38.74 -2.97
CA LYS C 70 -31.41 -37.88 -4.00
C LYS C 70 -32.41 -36.84 -4.48
N GLU C 71 -33.65 -37.27 -4.68
CA GLU C 71 -34.68 -36.35 -5.17
C GLU C 71 -35.01 -35.21 -4.23
N LYS C 72 -35.16 -35.50 -2.93
CA LYS C 72 -35.45 -34.43 -1.99
C LYS C 72 -34.24 -33.51 -1.84
N ALA C 73 -33.06 -34.09 -1.87
CA ALA C 73 -31.83 -33.31 -1.74
C ALA C 73 -31.69 -32.37 -2.93
N LYS C 74 -32.07 -32.85 -4.10
CA LYS C 74 -32.00 -32.04 -5.31
C LYS C 74 -32.89 -30.81 -5.18
N GLU C 75 -34.04 -30.99 -4.55
CA GLU C 75 -34.99 -29.88 -4.36
C GLU C 75 -34.39 -28.86 -3.39
N TRP C 76 -33.78 -29.34 -2.31
CA TRP C 76 -33.17 -28.47 -1.31
C TRP C 76 -31.99 -27.74 -1.97
N GLY C 77 -31.24 -28.47 -2.79
CA GLY C 77 -30.10 -27.90 -3.46
C GLY C 77 -30.47 -26.78 -4.41
N LYS C 78 -31.53 -26.99 -5.20
CA LYS C 78 -31.96 -25.99 -6.17
C LYS C 78 -32.25 -24.65 -5.48
N GLU C 79 -32.85 -24.71 -4.30
CA GLU C 79 -33.18 -23.49 -3.59
C GLU C 79 -31.96 -22.83 -2.96
N LYS C 80 -31.05 -23.63 -2.41
CA LYS C 80 -29.86 -23.07 -1.77
C LYS C 80 -28.82 -22.57 -2.77
N GLU C 81 -28.83 -23.11 -3.98
CA GLU C 81 -27.88 -22.73 -5.03
C GLU C 81 -27.91 -21.23 -5.33
N LYS C 82 -29.06 -20.61 -5.11
CA LYS C 82 -29.23 -19.20 -5.39
C LYS C 82 -28.70 -18.26 -4.31
N GLU C 83 -28.51 -18.75 -3.09
CA GLU C 83 -28.07 -17.87 -2.00
C GLU C 83 -26.60 -17.40 -2.04
N TRP C 84 -25.74 -18.13 -2.75
CA TRP C 84 -24.33 -17.72 -2.83
C TRP C 84 -24.25 -16.47 -3.71
N LYS C 85 -25.14 -16.40 -4.70
CA LYS C 85 -25.20 -15.26 -5.63
C LYS C 85 -23.96 -15.01 -6.48
N LEU C 86 -23.28 -16.08 -6.86
CA LEU C 86 -22.11 -15.97 -7.73
C LEU C 86 -22.60 -15.52 -9.10
N THR C 87 -21.75 -14.80 -9.84
CA THR C 87 -22.12 -14.37 -11.18
C THR C 87 -21.93 -15.54 -12.13
N ALA C 88 -22.41 -15.40 -13.37
CA ALA C 88 -22.25 -16.47 -14.35
C ALA C 88 -20.77 -16.70 -14.60
N THR C 89 -19.99 -15.63 -14.61
CA THR C 89 -18.56 -15.73 -14.83
C THR C 89 -17.89 -16.50 -13.68
N GLU C 90 -18.25 -16.16 -12.45
CA GLU C 90 -17.67 -16.86 -11.30
C GLU C 90 -18.03 -18.33 -11.28
N LYS C 91 -19.28 -18.66 -11.58
CA LYS C 91 -19.70 -20.06 -11.61
C LYS C 91 -18.90 -20.84 -12.63
N GLY C 92 -18.61 -20.19 -13.76
CA GLY C 92 -17.83 -20.82 -14.81
C GLY C 92 -16.42 -21.15 -14.37
N LYS C 93 -15.76 -20.21 -13.71
CA LYS C 93 -14.40 -20.44 -13.24
C LYS C 93 -14.39 -21.53 -12.16
N MET C 94 -15.40 -21.52 -11.30
CA MET C 94 -15.48 -22.51 -10.23
C MET C 94 -15.71 -23.91 -10.81
N ASN C 95 -16.62 -24.01 -11.77
CA ASN C 95 -16.87 -25.31 -12.39
C ASN C 95 -15.66 -25.78 -13.18
N ASN C 96 -14.92 -24.84 -13.76
CA ASN C 96 -13.71 -25.20 -14.51
C ASN C 96 -12.73 -25.86 -13.54
N PHE C 97 -12.66 -25.33 -12.32
CA PHE C 97 -11.77 -25.88 -11.31
C PHE C 97 -12.23 -27.29 -10.92
N LEU C 98 -13.50 -27.41 -10.55
CA LEU C 98 -14.05 -28.69 -10.14
C LEU C 98 -13.95 -29.74 -11.24
N ASP C 99 -14.04 -29.31 -12.50
CA ASP C 99 -13.95 -30.23 -13.63
C ASP C 99 -12.49 -30.45 -14.06
N ASN C 100 -11.56 -29.92 -13.29
CA ASN C 100 -10.13 -30.08 -13.55
C ASN C 100 -9.69 -29.61 -14.95
N LYS C 101 -10.24 -28.49 -15.39
CA LYS C 101 -9.88 -27.92 -16.69
C LYS C 101 -8.39 -27.63 -16.72
N ASN C 102 -7.71 -28.10 -17.76
CA ASN C 102 -6.27 -27.87 -17.91
C ASN C 102 -5.49 -28.36 -16.69
N ASP C 103 -6.01 -29.39 -16.03
CA ASP C 103 -5.36 -29.98 -14.85
C ASP C 103 -5.10 -29.03 -13.69
N ILE C 104 -5.91 -28.00 -13.55
CA ILE C 104 -5.71 -27.05 -12.47
C ILE C 104 -6.00 -27.71 -11.10
N LYS C 105 -6.91 -28.67 -11.08
CA LYS C 105 -7.26 -29.36 -9.84
C LYS C 105 -6.15 -30.35 -9.49
N THR C 106 -5.68 -31.09 -10.50
CA THR C 106 -4.60 -32.04 -10.32
C THR C 106 -3.34 -31.36 -9.79
N ASN C 107 -3.05 -30.17 -10.32
CA ASN C 107 -1.86 -29.40 -9.94
C ASN C 107 -2.02 -28.46 -8.76
N TYR C 108 -3.23 -28.36 -8.22
CA TYR C 108 -3.47 -27.44 -7.11
C TYR C 108 -2.52 -27.57 -5.93
N LYS C 109 -2.30 -28.78 -5.44
CA LYS C 109 -1.40 -28.95 -4.28
C LYS C 109 -0.01 -28.39 -4.61
N GLU C 110 0.55 -28.80 -5.74
CA GLU C 110 1.86 -28.31 -6.16
C GLU C 110 1.87 -26.77 -6.31
N ILE C 111 0.81 -26.23 -6.89
CA ILE C 111 0.72 -24.79 -7.07
C ILE C 111 0.85 -24.05 -5.73
N THR C 112 0.17 -24.54 -4.69
CA THR C 112 0.24 -23.86 -3.40
C THR C 112 1.60 -23.93 -2.71
N PHE C 113 2.49 -24.81 -3.18
CA PHE C 113 3.83 -24.92 -2.61
C PHE C 113 4.87 -24.49 -3.64
N SER C 114 4.42 -23.74 -4.63
CA SER C 114 5.29 -23.28 -5.72
C SER C 114 5.99 -21.96 -5.48
N MET C 115 7.00 -21.71 -6.32
CA MET C 115 7.80 -20.50 -6.26
C MET C 115 7.03 -19.41 -7.00
N ALA C 116 7.10 -18.19 -6.48
CA ALA C 116 6.40 -17.05 -7.07
C ALA C 116 6.70 -16.94 -8.56
N GLY C 117 5.66 -17.05 -9.38
CA GLY C 117 5.84 -16.94 -10.81
C GLY C 117 5.31 -18.14 -11.61
N SER C 118 5.32 -19.31 -10.99
CA SER C 118 4.83 -20.53 -11.64
C SER C 118 3.32 -20.59 -11.72
N PHE C 119 2.82 -21.33 -12.71
CA PHE C 119 1.39 -21.49 -12.93
C PHE C 119 0.66 -20.15 -12.87
N GLU C 120 1.20 -19.17 -13.58
CA GLU C 120 0.63 -17.83 -13.60
C GLU C 120 -0.82 -17.80 -14.07
N ASP C 121 -1.14 -18.56 -15.12
CA ASP C 121 -2.51 -18.57 -15.62
C ASP C 121 -3.47 -19.18 -14.60
N GLU C 122 -3.04 -20.25 -13.94
CA GLU C 122 -3.87 -20.89 -12.92
C GLU C 122 -4.03 -19.97 -11.71
N ILE C 123 -2.96 -19.30 -11.34
CA ILE C 123 -3.01 -18.39 -10.20
C ILE C 123 -4.07 -17.31 -10.44
N LYS C 124 -4.19 -16.82 -11.67
CA LYS C 124 -5.17 -15.79 -11.96
C LYS C 124 -6.59 -16.26 -11.60
N ASP C 125 -6.93 -17.48 -11.99
CA ASP C 125 -8.24 -18.04 -11.70
C ASP C 125 -8.41 -18.36 -10.21
N LEU C 126 -7.36 -18.88 -9.58
CA LEU C 126 -7.44 -19.20 -8.17
C LEU C 126 -7.67 -17.97 -7.29
N LYS C 127 -7.12 -16.83 -7.69
CA LYS C 127 -7.32 -15.60 -6.92
C LYS C 127 -8.80 -15.25 -6.88
N GLU C 128 -9.46 -15.42 -8.03
CA GLU C 128 -10.88 -15.13 -8.14
C GLU C 128 -11.70 -16.11 -7.32
N ILE C 129 -11.34 -17.39 -7.39
CA ILE C 129 -12.03 -18.41 -6.64
C ILE C 129 -11.94 -18.14 -5.14
N ASP C 130 -10.75 -17.72 -4.70
CA ASP C 130 -10.55 -17.40 -3.29
C ASP C 130 -11.51 -16.29 -2.87
N LYS C 131 -11.67 -15.27 -3.70
CA LYS C 131 -12.57 -14.17 -3.40
C LYS C 131 -14.05 -14.56 -3.41
N MET C 132 -14.41 -15.60 -4.15
CA MET C 132 -15.81 -16.01 -4.20
C MET C 132 -16.31 -16.48 -2.83
N PHE C 133 -15.41 -16.97 -1.99
CA PHE C 133 -15.84 -17.44 -0.68
C PHE C 133 -16.16 -16.35 0.32
N ASP C 134 -15.96 -15.09 -0.07
CA ASP C 134 -16.27 -13.97 0.81
C ASP C 134 -17.74 -13.56 0.64
N LYS C 135 -18.43 -14.18 -0.31
CA LYS C 135 -19.83 -13.84 -0.53
C LYS C 135 -20.78 -15.00 -0.21
N THR C 136 -20.28 -15.99 0.52
CA THR C 136 -21.10 -17.13 0.92
C THR C 136 -22.19 -16.68 1.90
N ASN C 137 -23.29 -17.44 1.94
CA ASN C 137 -24.40 -17.13 2.83
C ASN C 137 -25.19 -18.40 3.10
N LEU C 138 -24.56 -19.37 3.76
CA LEU C 138 -25.22 -20.66 4.05
C LEU C 138 -26.37 -20.47 5.03
N SER C 139 -27.59 -20.75 4.57
CA SER C 139 -28.78 -20.56 5.39
C SER C 139 -29.12 -21.69 6.38
N ASN C 140 -28.66 -22.90 6.12
CA ASN C 140 -28.94 -24.03 7.01
C ASN C 140 -27.78 -25.03 7.14
N SER C 141 -27.68 -25.67 8.31
CA SER C 141 -26.66 -26.67 8.59
C SER C 141 -27.09 -27.98 7.94
N ILE C 142 -26.13 -28.79 7.49
CA ILE C 142 -26.47 -30.04 6.82
C ILE C 142 -25.32 -31.04 6.88
N ILE C 143 -25.66 -32.33 6.83
CA ILE C 143 -24.64 -33.39 6.84
C ILE C 143 -24.38 -33.72 5.37
N THR C 144 -23.11 -33.68 4.97
CA THR C 144 -22.74 -33.96 3.60
C THR C 144 -21.91 -35.24 3.52
N TYR C 145 -21.74 -35.75 2.30
CA TYR C 145 -21.04 -37.01 2.08
C TYR C 145 -19.97 -36.96 1.01
N LYS C 146 -18.90 -37.72 1.19
CA LYS C 146 -17.86 -37.80 0.17
C LYS C 146 -17.03 -39.05 0.40
N ASN C 147 -16.91 -39.88 -0.63
CA ASN C 147 -16.12 -41.09 -0.53
C ASN C 147 -14.73 -40.81 -1.08
N VAL C 148 -13.69 -41.20 -0.34
CA VAL C 148 -12.32 -40.96 -0.79
C VAL C 148 -11.40 -42.17 -0.64
N GLU C 149 -10.32 -42.16 -1.42
CA GLU C 149 -9.34 -43.23 -1.38
C GLU C 149 -8.48 -42.87 -0.16
N PRO C 150 -8.12 -43.86 0.66
CA PRO C 150 -7.33 -43.61 1.87
C PRO C 150 -6.05 -42.77 1.79
N THR C 151 -5.22 -42.96 0.76
CA THR C 151 -4.00 -42.17 0.71
C THR C 151 -4.24 -40.68 0.51
N THR C 152 -5.43 -40.31 0.02
CA THR C 152 -5.71 -38.89 -0.18
C THR C 152 -5.84 -38.14 1.15
N ILE C 153 -6.15 -38.86 2.23
CA ILE C 153 -6.22 -38.23 3.54
C ILE C 153 -5.08 -38.68 4.44
N GLY C 154 -4.01 -39.16 3.82
CA GLY C 154 -2.84 -39.59 4.57
C GLY C 154 -2.85 -40.93 5.26
N PHE C 155 -3.77 -41.83 4.92
CA PHE C 155 -3.76 -43.14 5.54
C PHE C 155 -3.00 -44.00 4.54
N ASN C 156 -1.77 -44.35 4.91
CA ASN C 156 -0.88 -45.09 4.03
C ASN C 156 -0.76 -46.61 4.22
N LYS C 157 -1.67 -47.21 4.99
CA LYS C 157 -1.64 -48.65 5.17
C LYS C 157 -2.74 -49.28 4.33
N SER C 158 -2.64 -50.60 4.11
CA SER C 158 -3.64 -51.30 3.34
C SER C 158 -4.97 -51.27 4.09
N LEU C 159 -5.97 -50.66 3.48
CA LEU C 159 -7.28 -50.52 4.08
C LEU C 159 -8.20 -51.73 3.86
N THR C 160 -8.21 -52.26 2.65
CA THR C 160 -9.09 -53.38 2.33
C THR C 160 -8.42 -54.62 1.78
N GLU C 161 -9.19 -55.70 1.79
CA GLU C 161 -8.79 -57.00 1.27
C GLU C 161 -10.09 -57.45 0.61
N GLY C 162 -10.22 -57.11 -0.67
CA GLY C 162 -11.43 -57.45 -1.39
C GLY C 162 -12.57 -56.57 -0.91
N ASN C 163 -13.75 -57.16 -0.68
CA ASN C 163 -14.90 -56.39 -0.22
C ASN C 163 -14.98 -56.29 1.30
N THR C 164 -13.87 -56.55 1.98
CA THR C 164 -13.82 -56.50 3.43
C THR C 164 -12.69 -55.61 3.93
N ILE C 165 -12.94 -54.91 5.03
CA ILE C 165 -11.94 -54.03 5.62
C ILE C 165 -10.85 -54.87 6.28
N ASN C 166 -9.60 -54.51 6.00
CA ASN C 166 -8.45 -55.20 6.56
C ASN C 166 -8.55 -55.22 8.09
N SER C 167 -8.52 -56.44 8.64
CA SER C 167 -8.64 -56.64 10.09
C SER C 167 -7.88 -55.67 10.99
N ASP C 168 -6.62 -55.42 10.68
CA ASP C 168 -5.81 -54.51 11.50
C ASP C 168 -5.93 -53.04 11.09
N ALA C 169 -6.17 -52.82 9.81
CA ALA C 169 -6.28 -51.46 9.27
C ALA C 169 -7.12 -50.54 10.13
N MET C 170 -8.31 -51.01 10.52
CA MET C 170 -9.22 -50.20 11.32
C MET C 170 -8.64 -49.70 12.64
N ALA C 171 -7.93 -50.57 13.36
CA ALA C 171 -7.34 -50.16 14.63
C ALA C 171 -6.31 -49.06 14.38
N GLN C 172 -5.56 -49.19 13.30
CA GLN C 172 -4.54 -48.20 12.96
C GLN C 172 -5.17 -46.87 12.54
N PHE C 173 -6.32 -46.94 11.88
CA PHE C 173 -7.01 -45.74 11.44
C PHE C 173 -7.51 -44.96 12.65
N LYS C 174 -8.11 -45.68 13.58
CA LYS C 174 -8.63 -45.10 14.81
C LYS C 174 -7.52 -44.39 15.56
N GLU C 175 -6.42 -45.09 15.73
CA GLU C 175 -5.27 -44.55 16.44
C GLU C 175 -4.74 -43.27 15.78
N GLN C 176 -4.69 -43.27 14.45
CA GLN C 176 -4.18 -42.09 13.75
C GLN C 176 -5.13 -40.90 13.66
N PHE C 177 -6.43 -41.16 13.52
CA PHE C 177 -7.38 -40.08 13.34
C PHE C 177 -8.46 -39.75 14.37
N LEU C 178 -8.88 -40.72 15.17
CA LEU C 178 -9.96 -40.43 16.13
C LEU C 178 -9.64 -39.26 17.04
N ASP C 179 -10.60 -38.33 17.15
CA ASP C 179 -10.48 -37.15 18.00
C ASP C 179 -9.46 -36.13 17.52
N ARG C 180 -8.98 -36.28 16.30
CA ARG C 180 -8.03 -35.34 15.74
C ARG C 180 -8.65 -34.63 14.54
N ASP C 181 -7.94 -33.63 14.03
CA ASP C 181 -8.43 -32.88 12.88
C ASP C 181 -7.71 -33.28 11.60
N ILE C 182 -8.48 -33.46 10.53
CA ILE C 182 -7.89 -33.80 9.25
C ILE C 182 -7.78 -32.55 8.36
N LYS C 183 -6.55 -32.25 7.95
CA LYS C 183 -6.29 -31.10 7.08
C LYS C 183 -6.26 -31.59 5.63
N PHE C 184 -7.08 -31.01 4.77
CA PHE C 184 -7.11 -31.40 3.36
C PHE C 184 -6.23 -30.48 2.50
N ASP C 185 -5.88 -30.96 1.31
CA ASP C 185 -5.01 -30.20 0.40
C ASP C 185 -5.72 -29.21 -0.52
N SER C 186 -7.02 -29.42 -0.72
CA SER C 186 -7.77 -28.55 -1.62
C SER C 186 -9.18 -28.35 -1.09
N TYR C 187 -9.94 -27.51 -1.76
CA TYR C 187 -11.32 -27.25 -1.36
C TYR C 187 -12.06 -28.57 -1.22
N LEU C 188 -12.89 -28.65 -0.19
CA LEU C 188 -13.65 -29.87 0.05
C LEU C 188 -14.99 -29.80 -0.68
N ASP C 189 -15.14 -30.64 -1.71
CA ASP C 189 -16.38 -30.69 -2.47
C ASP C 189 -17.15 -31.93 -2.05
N THR C 190 -18.27 -31.73 -1.35
CA THR C 190 -19.06 -32.83 -0.83
C THR C 190 -20.46 -32.91 -1.44
N HIS C 191 -21.11 -34.06 -1.28
CA HIS C 191 -22.45 -34.31 -1.83
C HIS C 191 -23.54 -34.18 -0.79
N LEU C 192 -24.77 -33.99 -1.26
CA LEU C 192 -25.89 -33.83 -0.37
C LEU C 192 -26.55 -35.14 0.05
N THR C 193 -26.13 -36.25 -0.57
CA THR C 193 -26.65 -37.56 -0.23
C THR C 193 -25.54 -38.60 -0.29
N ALA C 194 -25.75 -39.73 0.37
CA ALA C 194 -24.77 -40.83 0.38
C ALA C 194 -24.48 -41.24 -1.06
N GLN C 195 -23.21 -41.49 -1.34
CA GLN C 195 -22.75 -41.86 -2.68
C GLN C 195 -22.44 -43.33 -2.86
N GLN C 196 -22.69 -43.84 -4.06
CA GLN C 196 -22.43 -45.23 -4.38
C GLN C 196 -20.92 -45.43 -4.22
N VAL C 197 -20.52 -46.55 -3.63
CA VAL C 197 -19.11 -46.82 -3.42
C VAL C 197 -18.44 -47.29 -4.69
N SER C 198 -17.52 -46.48 -5.22
CA SER C 198 -16.79 -46.82 -6.42
C SER C 198 -15.80 -47.90 -6.03
N SER C 199 -14.65 -47.89 -6.69
CA SER C 199 -13.59 -48.84 -6.40
C SER C 199 -12.42 -48.06 -5.82
N LYS C 200 -11.97 -48.47 -4.65
CA LYS C 200 -10.84 -47.84 -3.95
C LYS C 200 -11.24 -46.71 -3.00
N GLU C 201 -12.25 -45.93 -3.37
CA GLU C 201 -12.72 -44.84 -2.51
C GLU C 201 -13.57 -45.46 -1.41
N ARG C 202 -12.90 -46.21 -0.54
CA ARG C 202 -13.54 -46.95 0.54
C ARG C 202 -13.68 -46.25 1.90
N VAL C 203 -13.28 -44.98 1.98
CA VAL C 203 -13.43 -44.24 3.22
C VAL C 203 -14.58 -43.25 2.98
N ILE C 204 -15.65 -43.39 3.76
CA ILE C 204 -16.81 -42.52 3.63
C ILE C 204 -16.77 -41.38 4.64
N LEU C 205 -16.70 -40.15 4.13
CA LEU C 205 -16.66 -38.99 5.00
C LEU C 205 -18.07 -38.43 5.15
N LYS C 206 -18.61 -38.49 6.37
CA LYS C 206 -19.95 -37.97 6.67
C LYS C 206 -19.65 -36.71 7.48
N VAL C 207 -19.63 -35.59 6.79
CA VAL C 207 -19.26 -34.31 7.38
C VAL C 207 -20.38 -33.33 7.70
N THR C 208 -20.49 -32.96 8.97
CA THR C 208 -21.50 -31.99 9.38
C THR C 208 -20.96 -30.59 9.09
N VAL C 209 -21.71 -29.86 8.28
CA VAL C 209 -21.36 -28.49 7.90
C VAL C 209 -22.28 -27.51 8.65
N PRO C 210 -21.77 -26.87 9.71
CA PRO C 210 -22.59 -25.93 10.47
C PRO C 210 -22.77 -24.67 9.64
N SER C 211 -23.93 -24.01 9.75
CA SER C 211 -24.14 -22.79 8.99
C SER C 211 -23.41 -21.61 9.62
N GLY C 212 -23.32 -21.62 10.95
CA GLY C 212 -22.69 -20.51 11.62
C GLY C 212 -23.55 -19.26 11.47
N LYS C 213 -24.80 -19.44 11.03
CA LYS C 213 -25.71 -18.30 10.86
C LYS C 213 -25.88 -17.55 12.18
N GLY C 214 -25.82 -16.23 12.11
CA GLY C 214 -25.98 -15.43 13.31
C GLY C 214 -24.72 -15.19 14.13
N SER C 215 -23.64 -15.91 13.82
CA SER C 215 -22.39 -15.73 14.56
C SER C 215 -21.46 -14.74 13.87
N THR C 216 -20.33 -14.43 14.51
CA THR C 216 -19.37 -13.51 13.95
C THR C 216 -18.52 -14.19 12.88
N THR C 217 -18.65 -15.51 12.76
CA THR C 217 -17.89 -16.26 11.78
C THR C 217 -18.74 -17.24 10.97
N PRO C 218 -19.64 -16.72 10.12
CA PRO C 218 -20.47 -17.61 9.32
C PRO C 218 -19.57 -18.54 8.51
N THR C 219 -20.05 -19.76 8.26
CA THR C 219 -19.25 -20.73 7.53
C THR C 219 -19.07 -20.36 6.07
N LYS C 220 -17.81 -20.33 5.63
CA LYS C 220 -17.53 -20.02 4.25
C LYS C 220 -17.66 -21.29 3.41
N ALA C 221 -18.91 -21.61 3.08
CA ALA C 221 -19.25 -22.77 2.29
C ALA C 221 -20.54 -22.40 1.56
N GLY C 222 -20.79 -23.08 0.44
CA GLY C 222 -21.99 -22.80 -0.33
C GLY C 222 -22.34 -23.89 -1.33
N VAL C 223 -23.58 -23.88 -1.80
CA VAL C 223 -24.07 -24.86 -2.77
C VAL C 223 -23.84 -24.39 -4.19
N ILE C 224 -23.38 -25.31 -5.04
CA ILE C 224 -23.14 -24.99 -6.45
C ILE C 224 -23.63 -26.14 -7.31
N LEU C 225 -24.05 -25.82 -8.53
CA LEU C 225 -24.52 -26.82 -9.48
C LEU C 225 -23.33 -27.19 -10.35
N ASN C 226 -22.92 -28.46 -10.27
CA ASN C 226 -21.78 -28.96 -11.04
C ASN C 226 -21.99 -30.41 -11.43
N ASN C 227 -21.71 -30.73 -12.68
CA ASN C 227 -21.84 -32.10 -13.18
C ASN C 227 -23.30 -32.56 -12.96
N SER C 228 -24.25 -31.69 -13.28
CA SER C 228 -25.68 -31.97 -13.14
C SER C 228 -26.10 -32.33 -11.71
N GLU C 229 -25.32 -31.89 -10.74
CA GLU C 229 -25.63 -32.20 -9.35
C GLU C 229 -25.36 -31.00 -8.43
N TYR C 230 -26.20 -30.84 -7.42
CA TYR C 230 -26.01 -29.76 -6.45
C TYR C 230 -25.08 -30.29 -5.38
N LYS C 231 -23.97 -29.61 -5.18
CA LYS C 231 -22.97 -30.03 -4.21
C LYS C 231 -22.60 -28.89 -3.27
N MET C 232 -21.95 -29.22 -2.16
CA MET C 232 -21.51 -28.23 -1.18
C MET C 232 -20.01 -28.01 -1.36
N LEU C 233 -19.60 -26.76 -1.52
CA LEU C 233 -18.17 -26.46 -1.69
C LEU C 233 -17.74 -25.73 -0.42
N ILE C 234 -16.67 -26.23 0.19
CA ILE C 234 -16.16 -25.69 1.45
C ILE C 234 -14.77 -25.07 1.30
N ASP C 235 -14.60 -23.86 1.82
CA ASP C 235 -13.32 -23.17 1.73
C ASP C 235 -12.18 -23.95 2.40
N ASN C 236 -10.94 -23.60 2.01
CA ASN C 236 -9.74 -24.25 2.56
C ASN C 236 -9.51 -24.01 4.04
N GLY C 237 -10.12 -22.96 4.58
CA GLY C 237 -9.94 -22.63 5.99
C GLY C 237 -10.69 -23.50 6.98
N TYR C 238 -10.96 -24.75 6.61
CA TYR C 238 -11.65 -25.70 7.48
C TYR C 238 -11.07 -27.09 7.42
N MET C 239 -10.95 -27.69 8.61
CA MET C 239 -10.47 -29.06 8.74
C MET C 239 -11.68 -29.89 9.17
N VAL C 240 -11.56 -31.22 9.09
CA VAL C 240 -12.64 -32.09 9.53
C VAL C 240 -12.23 -32.73 10.87
N HIS C 241 -12.95 -32.41 11.94
CA HIS C 241 -12.65 -32.97 13.26
C HIS C 241 -13.35 -34.33 13.32
N VAL C 242 -12.60 -35.40 13.55
CA VAL C 242 -13.13 -36.75 13.59
C VAL C 242 -13.80 -37.13 14.91
N ASP C 243 -15.12 -37.24 14.88
CA ASP C 243 -15.93 -37.57 16.04
C ASP C 243 -16.10 -39.08 16.23
N LYS C 244 -16.22 -39.82 15.13
CA LYS C 244 -16.43 -41.26 15.22
C LYS C 244 -15.92 -42.01 13.99
N VAL C 245 -15.48 -43.24 14.22
CA VAL C 245 -14.99 -44.09 13.14
C VAL C 245 -15.70 -45.43 13.27
N SER C 246 -16.32 -45.89 12.20
CA SER C 246 -17.02 -47.17 12.25
C SER C 246 -16.97 -47.90 10.93
N LYS C 247 -17.35 -49.17 10.98
CA LYS C 247 -17.35 -50.02 9.79
C LYS C 247 -18.79 -50.11 9.29
N VAL C 248 -18.98 -49.99 7.98
CA VAL C 248 -20.31 -50.06 7.38
C VAL C 248 -20.29 -50.86 6.08
N VAL C 249 -21.41 -51.48 5.73
CA VAL C 249 -21.48 -52.27 4.50
C VAL C 249 -22.44 -51.65 3.49
N LYS C 250 -21.94 -51.40 2.28
CA LYS C 250 -22.75 -50.82 1.23
C LYS C 250 -22.79 -51.74 0.03
N LYS C 251 -23.97 -52.26 -0.29
CA LYS C 251 -24.16 -53.15 -1.42
C LYS C 251 -23.10 -54.27 -1.44
N GLY C 252 -22.93 -54.93 -0.30
CA GLY C 252 -21.98 -56.02 -0.22
C GLY C 252 -20.52 -55.62 -0.11
N VAL C 253 -20.25 -54.33 0.06
CA VAL C 253 -18.87 -53.84 0.18
C VAL C 253 -18.68 -53.09 1.48
N GLU C 254 -17.75 -53.57 2.29
CA GLU C 254 -17.48 -52.96 3.60
C GLU C 254 -16.57 -51.73 3.45
N CYS C 255 -16.96 -50.65 4.13
CA CYS C 255 -16.19 -49.41 4.07
C CYS C 255 -15.91 -48.89 5.49
N LEU C 256 -15.09 -47.84 5.58
CA LEU C 256 -14.79 -47.25 6.87
C LEU C 256 -15.44 -45.87 6.85
N GLN C 257 -16.36 -45.63 7.78
CA GLN C 257 -17.08 -44.37 7.85
C GLN C 257 -16.60 -43.42 8.94
N ILE C 258 -16.16 -42.24 8.52
CA ILE C 258 -15.71 -41.20 9.44
C ILE C 258 -16.82 -40.17 9.57
N GLU C 259 -17.23 -39.90 10.79
CA GLU C 259 -18.24 -38.89 11.02
C GLU C 259 -17.51 -37.74 11.69
N GLY C 260 -17.58 -36.56 11.07
CA GLY C 260 -16.89 -35.41 11.61
C GLY C 260 -17.61 -34.09 11.44
N THR C 261 -17.02 -33.05 11.99
CA THR C 261 -17.58 -31.71 11.92
C THR C 261 -16.50 -30.72 11.48
N LEU C 262 -16.90 -29.68 10.75
CA LEU C 262 -15.93 -28.68 10.30
C LEU C 262 -15.34 -27.90 11.47
N LYS C 263 -14.05 -27.61 11.39
CA LYS C 263 -13.33 -26.86 12.40
C LYS C 263 -12.48 -25.83 11.66
N LYS C 264 -12.65 -24.56 12.00
CA LYS C 264 -11.95 -23.48 11.35
C LYS C 264 -10.49 -23.28 11.75
N SER C 265 -9.65 -23.04 10.76
CA SER C 265 -8.23 -22.75 10.93
C SER C 265 -7.81 -21.91 9.74
N LEU C 266 -7.31 -20.71 9.99
CA LEU C 266 -6.90 -19.85 8.90
C LEU C 266 -5.71 -20.45 8.16
N ASP C 267 -5.83 -20.55 6.84
CA ASP C 267 -4.77 -21.09 6.02
C ASP C 267 -4.60 -20.23 4.77
N PHE C 268 -3.53 -19.43 4.77
CA PHE C 268 -3.28 -18.53 3.64
C PHE C 268 -2.59 -19.19 2.45
N LYS C 269 -2.20 -20.45 2.57
CA LYS C 269 -1.52 -21.13 1.45
C LYS C 269 -0.34 -20.28 1.01
N ASN C 270 -0.20 -20.10 -0.30
CA ASN C 270 0.89 -19.29 -0.84
C ASN C 270 0.51 -17.81 -0.93
N ASP C 271 -0.52 -17.45 -0.19
CA ASP C 271 -1.00 -16.07 -0.07
C ASP C 271 -1.11 -15.32 -1.39
N ILE C 272 -1.93 -15.85 -2.30
CA ILE C 272 -2.11 -15.27 -3.62
C ILE C 272 -2.87 -13.95 -3.68
N ASN C 273 -3.60 -13.61 -2.63
CA ASN C 273 -4.31 -12.32 -2.62
C ASN C 273 -3.73 -11.37 -1.58
N ALA C 274 -2.52 -11.68 -1.11
CA ALA C 274 -1.81 -10.87 -0.13
C ALA C 274 -2.66 -10.41 1.05
N GLU C 275 -3.23 -11.36 1.78
CA GLU C 275 -4.04 -11.05 2.95
C GLU C 275 -3.31 -11.43 4.23
N ALA C 276 -2.27 -12.24 4.09
CA ALA C 276 -1.49 -12.71 5.22
C ALA C 276 -0.90 -11.61 6.09
N HIS C 277 -0.08 -10.75 5.49
CA HIS C 277 0.57 -9.66 6.22
C HIS C 277 -0.41 -8.76 6.96
N SER C 278 -1.54 -8.47 6.34
CA SER C 278 -2.54 -7.62 6.97
C SER C 278 -3.00 -8.27 8.27
N TRP C 279 -3.47 -9.52 8.18
CA TRP C 279 -3.93 -10.24 9.35
C TRP C 279 -2.90 -10.11 10.47
N GLY C 280 -1.63 -10.31 10.11
CA GLY C 280 -0.56 -10.23 11.06
C GLY C 280 -0.46 -8.88 11.74
N MET C 281 -0.48 -7.82 10.94
CA MET C 281 -0.40 -6.46 11.47
C MET C 281 -1.63 -6.14 12.30
N LYS C 282 -2.81 -6.45 11.77
CA LYS C 282 -4.04 -6.17 12.47
C LYS C 282 -4.09 -6.81 13.85
N ASN C 283 -3.39 -7.93 14.02
CA ASN C 283 -3.37 -8.62 15.31
C ASN C 283 -2.12 -8.39 16.15
N TYR C 284 -1.04 -7.93 15.54
CA TYR C 284 0.18 -7.71 16.31
C TYR C 284 0.87 -6.35 16.25
N GLU C 285 0.22 -5.33 15.68
CA GLU C 285 0.84 -4.00 15.62
C GLU C 285 1.03 -3.46 17.04
N GLU C 286 -0.02 -3.52 17.85
CA GLU C 286 0.04 -3.03 19.23
C GLU C 286 1.16 -3.74 19.98
N TRP C 287 1.20 -5.06 19.82
CA TRP C 287 2.22 -5.88 20.46
C TRP C 287 3.63 -5.34 20.21
N ALA C 288 3.92 -5.06 18.95
CA ALA C 288 5.23 -4.54 18.57
C ALA C 288 5.48 -3.15 19.15
N LYS C 289 4.41 -2.45 19.47
CA LYS C 289 4.51 -1.11 20.04
C LYS C 289 4.87 -1.12 21.52
N ASP C 290 4.28 -2.05 22.26
CA ASP C 290 4.52 -2.14 23.70
C ASP C 290 5.84 -2.83 24.07
N LEU C 291 6.55 -3.32 23.06
CA LEU C 291 7.82 -3.99 23.31
C LEU C 291 8.83 -3.05 23.96
N THR C 292 9.42 -3.48 25.08
CA THR C 292 10.40 -2.68 25.78
C THR C 292 11.70 -2.70 25.00
N ASP C 293 12.56 -1.72 25.27
CA ASP C 293 13.85 -1.61 24.61
C ASP C 293 14.58 -2.95 24.56
N SER C 294 14.73 -3.58 25.72
CA SER C 294 15.42 -4.86 25.81
C SER C 294 14.74 -5.98 25.03
N GLN C 295 13.41 -5.99 25.04
CA GLN C 295 12.66 -7.03 24.33
C GLN C 295 12.81 -6.91 22.82
N ARG C 296 12.32 -5.80 22.26
CA ARG C 296 12.40 -5.60 20.83
C ARG C 296 13.83 -5.48 20.34
N GLU C 297 14.77 -5.34 21.27
CA GLU C 297 16.17 -5.24 20.91
C GLU C 297 16.72 -6.66 20.77
N ALA C 298 16.27 -7.53 21.67
CA ALA C 298 16.70 -8.93 21.66
C ALA C 298 16.04 -9.66 20.49
N LEU C 299 14.85 -9.21 20.11
CA LEU C 299 14.12 -9.80 18.99
C LEU C 299 14.69 -9.37 17.66
N ASP C 300 15.03 -8.09 17.55
CA ASP C 300 15.60 -7.56 16.32
C ASP C 300 16.98 -8.18 16.12
N GLY C 301 17.62 -8.54 17.23
CA GLY C 301 18.93 -9.16 17.17
C GLY C 301 18.81 -10.62 16.78
N TYR C 302 17.74 -11.26 17.26
CA TYR C 302 17.47 -12.66 16.94
C TYR C 302 17.31 -12.80 15.44
N ALA C 303 16.41 -11.99 14.89
CA ALA C 303 16.11 -12.00 13.46
C ALA C 303 17.28 -11.51 12.63
N ARG C 304 18.22 -10.80 13.27
CA ARG C 304 19.38 -10.27 12.58
C ARG C 304 20.44 -11.33 12.28
N GLN C 305 20.88 -12.03 13.33
CA GLN C 305 21.90 -13.05 13.16
C GLN C 305 22.10 -13.85 14.44
N ASP C 306 21.54 -13.36 15.54
CA ASP C 306 21.67 -14.01 16.83
C ASP C 306 20.97 -15.37 16.92
N TYR C 307 20.02 -15.61 16.03
CA TYR C 307 19.28 -16.86 16.04
C TYR C 307 20.18 -18.09 15.95
N LYS C 308 21.29 -17.96 15.21
CA LYS C 308 22.22 -19.08 15.07
C LYS C 308 22.86 -19.47 16.40
N GLU C 309 23.41 -18.48 17.10
CA GLU C 309 24.06 -18.73 18.38
C GLU C 309 23.06 -19.11 19.46
N ILE C 310 21.92 -18.43 19.46
CA ILE C 310 20.87 -18.69 20.44
C ILE C 310 20.35 -20.12 20.41
N ASN C 311 19.76 -20.52 19.28
CA ASN C 311 19.22 -21.86 19.15
C ASN C 311 20.27 -22.93 19.42
N ASN C 312 21.47 -22.70 18.91
CA ASN C 312 22.57 -23.64 19.10
C ASN C 312 22.84 -23.77 20.60
N TYR C 313 22.80 -22.62 21.28
CA TYR C 313 23.01 -22.54 22.72
C TYR C 313 21.93 -23.29 23.50
N LEU C 314 20.75 -23.41 22.92
CA LEU C 314 19.63 -24.08 23.56
C LEU C 314 19.53 -25.55 23.17
N ARG C 315 19.63 -25.82 21.87
CA ARG C 315 19.54 -27.18 21.36
C ARG C 315 20.74 -28.01 21.80
N ASN C 316 21.89 -27.34 21.89
CA ASN C 316 23.13 -28.00 22.30
C ASN C 316 23.71 -27.30 23.53
N GLN C 317 24.16 -28.08 24.50
CA GLN C 317 24.73 -27.52 25.71
C GLN C 317 23.73 -26.59 26.38
N GLY C 318 22.45 -26.87 26.18
CA GLY C 318 21.39 -26.05 26.74
C GLY C 318 21.60 -25.64 28.18
N GLY C 319 21.12 -24.44 28.52
CA GLY C 319 21.26 -23.93 29.87
C GLY C 319 22.59 -23.24 30.09
N SER C 320 23.66 -24.04 30.16
CA SER C 320 25.01 -23.52 30.36
C SER C 320 25.04 -22.41 31.41
N GLY C 321 25.15 -21.17 30.96
CA GLY C 321 25.18 -20.06 31.89
C GLY C 321 25.49 -18.72 31.26
N ASN C 322 25.84 -18.73 29.98
CA ASN C 322 26.17 -17.48 29.28
C ASN C 322 25.22 -16.36 29.66
N GLU C 323 25.69 -15.50 30.55
CA GLU C 323 24.93 -14.37 31.06
C GLU C 323 24.21 -13.52 30.00
N LYS C 324 24.96 -13.03 29.02
CA LYS C 324 24.38 -12.18 27.99
C LYS C 324 23.28 -12.90 27.21
N LEU C 325 23.58 -14.08 26.67
CA LEU C 325 22.59 -14.85 25.92
C LEU C 325 21.44 -15.27 26.84
N ASP C 326 21.79 -15.86 27.97
CA ASP C 326 20.81 -16.32 28.95
C ASP C 326 19.82 -15.20 29.26
N ALA C 327 20.29 -13.96 29.19
CA ALA C 327 19.46 -12.80 29.47
C ALA C 327 18.68 -12.37 28.24
N GLN C 328 19.23 -12.64 27.05
CA GLN C 328 18.56 -12.29 25.82
C GLN C 328 17.41 -13.26 25.63
N ILE C 329 17.61 -14.49 26.11
CA ILE C 329 16.61 -15.54 26.03
C ILE C 329 15.34 -15.10 26.77
N LYS C 330 15.51 -14.57 27.97
CA LYS C 330 14.37 -14.11 28.77
C LYS C 330 13.61 -12.99 28.07
N ASN C 331 14.35 -12.06 27.45
CA ASN C 331 13.70 -10.95 26.76
C ASN C 331 12.87 -11.40 25.56
N ILE C 332 13.35 -12.43 24.87
CA ILE C 332 12.64 -12.96 23.71
C ILE C 332 11.38 -13.70 24.16
N SER C 333 11.56 -14.67 25.05
CA SER C 333 10.43 -15.46 25.57
C SER C 333 9.40 -14.58 26.25
N ASP C 334 9.85 -13.56 26.97
CA ASP C 334 8.93 -12.66 27.64
C ASP C 334 8.05 -11.97 26.60
N ALA C 335 8.67 -11.48 25.53
CA ALA C 335 7.94 -10.81 24.47
C ALA C 335 7.00 -11.73 23.70
N LEU C 336 7.45 -12.97 23.45
CA LEU C 336 6.62 -13.92 22.72
C LEU C 336 5.41 -14.42 23.50
N GLY C 337 5.37 -14.12 24.80
CA GLY C 337 4.25 -14.56 25.60
C GLY C 337 3.24 -13.47 25.92
N LYS C 338 3.53 -12.26 25.47
CA LYS C 338 2.64 -11.12 25.73
C LYS C 338 1.27 -11.23 25.08
N LYS C 339 1.23 -11.72 23.84
CA LYS C 339 -0.03 -11.85 23.12
C LYS C 339 -0.18 -13.23 22.48
N PRO C 340 -0.98 -14.11 23.10
CA PRO C 340 -1.19 -15.46 22.58
C PRO C 340 -1.82 -15.42 21.20
N ILE C 341 -1.53 -16.45 20.39
CA ILE C 341 -2.09 -16.52 19.05
C ILE C 341 -3.60 -16.40 19.24
N PRO C 342 -4.20 -15.36 18.65
CA PRO C 342 -5.63 -15.01 18.69
C PRO C 342 -6.68 -16.00 18.17
N GLU C 343 -6.31 -16.85 17.22
CA GLU C 343 -7.26 -17.81 16.68
C GLU C 343 -6.49 -18.96 16.04
N ASN C 344 -7.18 -20.04 15.74
CA ASN C 344 -6.49 -21.18 15.11
C ASN C 344 -5.94 -20.75 13.76
N ILE C 345 -4.66 -21.06 13.51
CA ILE C 345 -4.03 -20.74 12.24
C ILE C 345 -3.16 -21.89 11.79
N THR C 346 -2.80 -21.86 10.51
CA THR C 346 -1.93 -22.85 9.90
C THR C 346 -0.65 -22.11 9.51
N VAL C 347 0.51 -22.66 9.89
CA VAL C 347 1.78 -22.04 9.52
C VAL C 347 2.63 -23.08 8.79
N TYR C 348 3.69 -22.61 8.12
CA TYR C 348 4.56 -23.47 7.33
C TYR C 348 6.06 -23.32 7.59
N ARG C 349 6.79 -24.42 7.42
CA ARG C 349 8.24 -24.41 7.59
C ARG C 349 8.89 -25.39 6.63
N TRP C 350 9.77 -24.91 5.75
CA TRP C 350 10.48 -25.80 4.84
C TRP C 350 11.70 -26.30 5.60
N CYS C 351 11.79 -27.62 5.75
CA CYS C 351 12.86 -28.22 6.53
C CYS C 351 13.92 -29.03 5.79
N GLY C 352 15.14 -28.97 6.31
CA GLY C 352 16.23 -29.72 5.73
C GLY C 352 16.18 -31.13 6.31
N MET C 353 16.87 -32.07 5.67
CA MET C 353 16.88 -33.45 6.14
C MET C 353 17.42 -33.64 7.55
N PRO C 354 18.48 -32.90 7.93
CA PRO C 354 19.00 -33.08 9.29
C PRO C 354 17.98 -32.73 10.37
N GLU C 355 17.05 -31.82 10.07
CA GLU C 355 16.05 -31.44 11.05
C GLU C 355 15.15 -32.63 11.40
N PHE C 356 15.06 -33.60 10.50
CA PHE C 356 14.27 -34.80 10.75
C PHE C 356 15.14 -36.03 10.97
N GLY C 357 16.40 -35.80 11.34
CA GLY C 357 17.30 -36.90 11.62
C GLY C 357 17.92 -37.66 10.47
N TYR C 358 17.89 -37.09 9.27
CA TYR C 358 18.50 -37.77 8.12
C TYR C 358 19.72 -36.97 7.68
N GLN C 359 20.53 -37.57 6.81
CA GLN C 359 21.73 -36.93 6.30
C GLN C 359 21.35 -36.08 5.08
N ILE C 360 22.04 -34.96 4.89
CA ILE C 360 21.72 -34.07 3.78
C ILE C 360 21.73 -34.71 2.40
N SER C 361 22.49 -35.79 2.24
CA SER C 361 22.58 -36.49 0.97
C SER C 361 21.58 -37.64 0.88
N ASP C 362 20.91 -37.93 1.98
CA ASP C 362 19.93 -39.03 2.02
C ASP C 362 18.68 -38.79 1.20
N PRO C 363 18.17 -39.85 0.58
CA PRO C 363 16.96 -39.74 -0.22
C PRO C 363 15.81 -39.76 0.80
N LEU C 364 14.66 -39.22 0.46
CA LEU C 364 13.53 -39.31 1.36
C LEU C 364 13.23 -40.80 1.52
N PRO C 365 12.98 -41.27 2.75
CA PRO C 365 12.68 -42.69 2.92
C PRO C 365 11.27 -42.95 2.39
N SER C 366 10.88 -44.22 2.29
CA SER C 366 9.54 -44.53 1.82
C SER C 366 8.56 -43.98 2.86
N LEU C 367 7.30 -43.76 2.48
CA LEU C 367 6.34 -43.23 3.44
C LEU C 367 6.18 -44.18 4.62
N LYS C 368 6.27 -45.47 4.35
CA LYS C 368 6.15 -46.48 5.40
C LYS C 368 7.26 -46.31 6.44
N ASP C 369 8.50 -46.17 5.97
CA ASP C 369 9.61 -45.99 6.90
C ASP C 369 9.54 -44.64 7.60
N PHE C 370 9.09 -43.62 6.88
CA PHE C 370 8.97 -42.29 7.48
C PHE C 370 7.93 -42.36 8.60
N GLU C 371 6.79 -42.99 8.34
CA GLU C 371 5.74 -43.10 9.36
C GLU C 371 6.21 -43.89 10.58
N GLU C 372 6.92 -44.98 10.35
CA GLU C 372 7.40 -45.76 11.48
C GLU C 372 8.32 -44.96 12.39
N GLN C 373 8.99 -43.96 11.82
CA GLN C 373 9.89 -43.11 12.60
C GLN C 373 9.19 -41.92 13.21
N PHE C 374 8.22 -41.35 12.49
CA PHE C 374 7.53 -40.15 12.97
C PHE C 374 6.03 -40.13 13.20
N LEU C 375 5.27 -40.97 12.51
CA LEU C 375 3.82 -40.91 12.70
C LEU C 375 3.39 -41.11 14.15
N ASN C 376 2.48 -40.26 14.60
CA ASN C 376 1.95 -40.33 15.95
C ASN C 376 2.99 -40.11 17.04
N THR C 377 4.04 -39.34 16.74
CA THR C 377 5.06 -39.05 17.75
C THR C 377 5.03 -37.55 18.04
N ILE C 378 5.75 -37.17 19.08
CA ILE C 378 5.84 -35.77 19.45
C ILE C 378 7.25 -35.31 19.13
N LYS C 379 7.37 -34.26 18.31
CA LYS C 379 8.67 -33.74 17.94
C LYS C 379 8.93 -32.47 18.74
N GLU C 380 10.11 -32.40 19.35
CA GLU C 380 10.46 -31.28 20.20
C GLU C 380 11.65 -30.46 19.70
N ASP C 381 11.72 -29.22 20.18
CA ASP C 381 12.81 -28.31 19.82
C ASP C 381 13.10 -27.38 20.99
N LYS C 382 14.27 -27.54 21.60
CA LYS C 382 14.65 -26.72 22.74
C LYS C 382 14.90 -25.26 22.34
N GLY C 383 15.14 -25.05 21.05
CA GLY C 383 15.36 -23.70 20.56
C GLY C 383 14.04 -23.12 20.08
N TYR C 384 14.08 -21.94 19.48
CA TYR C 384 12.85 -21.32 18.99
C TYR C 384 12.56 -21.85 17.59
N MET C 385 11.29 -21.83 17.22
CA MET C 385 10.89 -22.31 15.90
C MET C 385 10.25 -21.24 15.03
N SER C 386 10.92 -20.92 13.94
CA SER C 386 10.43 -19.93 12.99
C SER C 386 9.53 -20.59 11.95
N THR C 387 8.38 -19.97 11.69
CA THR C 387 7.43 -20.48 10.70
C THR C 387 6.88 -19.30 9.91
N SER C 388 6.14 -19.58 8.85
CA SER C 388 5.56 -18.53 8.01
C SER C 388 4.08 -18.78 7.72
N LEU C 389 3.31 -17.70 7.59
CA LEU C 389 1.89 -17.79 7.28
C LEU C 389 1.73 -18.25 5.83
N SER C 390 2.80 -18.09 5.04
CA SER C 390 2.78 -18.47 3.63
C SER C 390 3.56 -19.75 3.34
N SER C 391 3.01 -20.58 2.45
CA SER C 391 3.67 -21.82 2.07
C SER C 391 4.52 -21.64 0.82
N GLU C 392 4.57 -20.41 0.30
CA GLU C 392 5.32 -20.10 -0.91
C GLU C 392 6.78 -20.54 -0.77
N ARG C 393 7.31 -21.13 -1.84
CA ARG C 393 8.69 -21.61 -1.84
C ARG C 393 9.65 -20.49 -2.25
N LEU C 394 10.70 -20.30 -1.46
CA LEU C 394 11.71 -19.28 -1.75
C LEU C 394 12.96 -19.98 -2.28
N ALA C 395 13.77 -19.23 -3.04
CA ALA C 395 14.99 -19.78 -3.63
C ALA C 395 15.92 -20.51 -2.66
N ALA C 396 16.10 -19.96 -1.47
CA ALA C 396 16.98 -20.55 -0.46
C ALA C 396 16.51 -21.90 0.10
N PHE C 397 15.37 -22.39 -0.38
CA PHE C 397 14.81 -23.66 0.09
C PHE C 397 15.07 -24.82 -0.88
N GLY C 398 16.08 -24.67 -1.73
CA GLY C 398 16.40 -25.69 -2.71
C GLY C 398 16.64 -27.12 -2.25
N SER C 399 17.32 -27.30 -1.13
CA SER C 399 17.62 -28.64 -0.62
C SER C 399 16.67 -29.09 0.48
N ARG C 400 15.60 -28.34 0.71
CA ARG C 400 14.65 -28.72 1.75
C ARG C 400 13.57 -29.61 1.15
N LYS C 401 13.64 -30.89 1.52
CA LYS C 401 12.74 -31.92 1.03
C LYS C 401 11.47 -32.14 1.85
N ILE C 402 11.40 -31.53 3.03
CA ILE C 402 10.26 -31.71 3.93
C ILE C 402 9.55 -30.39 4.25
N ILE C 403 8.23 -30.38 4.08
CA ILE C 403 7.43 -29.19 4.33
C ILE C 403 6.50 -29.45 5.52
N LEU C 404 6.69 -28.69 6.60
CA LEU C 404 5.84 -28.84 7.77
C LEU C 404 4.63 -27.92 7.65
N ARG C 405 3.44 -28.51 7.73
CA ARG C 405 2.20 -27.75 7.70
C ARG C 405 1.67 -27.91 9.12
N LEU C 406 1.93 -26.91 9.94
CA LEU C 406 1.60 -26.94 11.36
C LEU C 406 0.36 -26.20 11.83
N GLN C 407 -0.51 -26.90 12.56
CA GLN C 407 -1.69 -26.28 13.13
C GLN C 407 -1.28 -25.66 14.47
N VAL C 408 -1.52 -24.37 14.58
CA VAL C 408 -1.22 -23.61 15.80
C VAL C 408 -2.55 -23.20 16.41
N PRO C 409 -2.97 -23.90 17.48
CA PRO C 409 -4.24 -23.60 18.15
C PRO C 409 -4.30 -22.21 18.78
N LYS C 410 -5.51 -21.69 18.87
CA LYS C 410 -5.72 -20.40 19.52
C LYS C 410 -5.12 -20.58 20.92
N GLY C 411 -4.39 -19.58 21.40
CA GLY C 411 -3.80 -19.67 22.71
C GLY C 411 -2.33 -20.07 22.75
N SER C 412 -1.79 -20.52 21.63
CA SER C 412 -0.38 -20.91 21.57
C SER C 412 0.56 -19.75 21.89
N THR C 413 1.75 -20.08 22.37
CA THR C 413 2.75 -19.07 22.74
C THR C 413 3.61 -18.67 21.54
N GLY C 414 3.31 -17.52 20.96
CA GLY C 414 4.06 -17.05 19.82
C GLY C 414 3.64 -15.64 19.41
N ALA C 415 4.22 -15.13 18.33
CA ALA C 415 3.89 -13.79 17.86
C ALA C 415 4.29 -13.56 16.40
N TYR C 416 3.58 -12.63 15.75
CA TYR C 416 3.88 -12.29 14.36
C TYR C 416 5.08 -11.34 14.41
N LEU C 417 6.27 -11.92 14.27
CA LEU C 417 7.53 -11.19 14.33
C LEU C 417 7.65 -10.11 13.27
N SER C 418 6.99 -10.30 12.13
CA SER C 418 7.03 -9.35 11.02
C SER C 418 6.24 -8.07 11.29
N ALA C 419 5.90 -7.81 12.54
CA ALA C 419 5.14 -6.61 12.88
C ALA C 419 5.97 -5.60 13.67
N ILE C 420 7.18 -6.00 14.08
CA ILE C 420 8.05 -5.13 14.85
C ILE C 420 8.60 -3.96 14.05
N GLY C 421 9.12 -4.25 12.87
CA GLY C 421 9.67 -3.19 12.03
C GLY C 421 11.10 -3.47 11.61
N GLY C 422 11.82 -4.27 12.39
CA GLY C 422 13.19 -4.60 12.06
C GLY C 422 13.26 -5.41 10.77
N PHE C 423 12.14 -5.46 10.06
CA PHE C 423 12.01 -6.18 8.80
C PHE C 423 11.82 -7.67 9.05
N ALA C 424 12.51 -8.52 8.29
CA ALA C 424 12.35 -9.96 8.44
C ALA C 424 10.86 -10.22 8.26
N SER C 425 10.22 -9.28 7.56
CA SER C 425 8.79 -9.29 7.30
C SER C 425 8.32 -10.45 6.40
N GLU C 426 9.03 -11.57 6.45
CA GLU C 426 8.66 -12.73 5.65
C GLU C 426 7.41 -13.41 6.21
N LYS C 427 6.41 -12.63 6.58
CA LYS C 427 5.16 -13.16 7.13
C LYS C 427 5.48 -14.22 8.18
N GLU C 428 6.47 -13.90 9.01
CA GLU C 428 6.95 -14.82 10.04
C GLU C 428 6.21 -14.87 11.39
N ILE C 429 6.02 -16.09 11.86
CA ILE C 429 5.40 -16.36 13.15
C ILE C 429 6.48 -17.09 13.93
N LEU C 430 6.98 -16.47 14.99
CA LEU C 430 8.01 -17.10 15.81
C LEU C 430 7.38 -17.75 17.02
N LEU C 431 7.61 -19.05 17.19
CA LEU C 431 7.06 -19.79 18.32
C LEU C 431 8.12 -19.89 19.42
N ASP C 432 7.68 -19.79 20.68
CA ASP C 432 8.58 -19.84 21.81
C ASP C 432 9.36 -21.15 21.91
N LYS C 433 10.51 -21.10 22.60
CA LYS C 433 11.37 -22.26 22.76
C LYS C 433 10.67 -23.40 23.49
N ASP C 434 11.21 -24.61 23.32
CA ASP C 434 10.64 -25.80 23.94
C ASP C 434 9.29 -26.16 23.36
N SER C 435 9.11 -25.91 22.07
CA SER C 435 7.85 -26.24 21.41
C SER C 435 7.77 -27.75 21.22
N LYS C 436 6.56 -28.25 21.05
CA LYS C 436 6.34 -29.68 20.86
C LYS C 436 5.15 -29.80 19.94
N TYR C 437 5.22 -30.69 18.97
CA TYR C 437 4.08 -30.90 18.09
C TYR C 437 3.90 -32.36 17.76
N HIS C 438 2.63 -32.76 17.63
CA HIS C 438 2.27 -34.12 17.32
C HIS C 438 2.14 -34.27 15.80
N ILE C 439 2.83 -35.25 15.25
CA ILE C 439 2.77 -35.48 13.81
C ILE C 439 1.52 -36.30 13.48
N ASP C 440 0.64 -35.67 12.71
CA ASP C 440 -0.65 -36.23 12.33
C ASP C 440 -0.67 -37.14 11.10
N LYS C 441 0.03 -36.75 10.04
CA LYS C 441 0.10 -37.53 8.81
C LYS C 441 1.19 -37.02 7.88
N VAL C 442 1.55 -37.84 6.91
CA VAL C 442 2.56 -37.47 5.93
C VAL C 442 2.05 -37.85 4.54
N THR C 443 2.21 -36.94 3.59
CA THR C 443 1.80 -37.14 2.21
C THR C 443 2.86 -36.68 1.23
N GLU C 444 2.72 -37.06 -0.03
CA GLU C 444 3.68 -36.69 -1.05
C GLU C 444 3.17 -35.61 -1.99
N VAL C 445 4.11 -34.94 -2.64
CA VAL C 445 3.78 -33.92 -3.62
C VAL C 445 5.02 -33.71 -4.48
N ILE C 446 4.84 -33.71 -5.81
CA ILE C 446 5.96 -33.50 -6.71
C ILE C 446 5.93 -32.03 -7.12
N ILE C 447 7.02 -31.34 -6.82
CA ILE C 447 7.14 -29.92 -7.15
C ILE C 447 8.25 -29.75 -8.18
N LYS C 448 7.87 -29.30 -9.36
CA LYS C 448 8.80 -29.11 -10.47
C LYS C 448 9.68 -30.34 -10.65
N GLY C 449 9.03 -31.49 -10.72
CA GLY C 449 9.75 -32.73 -10.92
C GLY C 449 10.51 -33.33 -9.74
N VAL C 450 10.50 -32.66 -8.60
CA VAL C 450 11.20 -33.18 -7.43
C VAL C 450 10.24 -33.59 -6.31
N LYS C 451 10.52 -34.74 -5.70
CA LYS C 451 9.69 -35.28 -4.63
C LYS C 451 9.84 -34.57 -3.30
N ARG C 452 8.72 -34.24 -2.67
CA ARG C 452 8.71 -33.57 -1.38
C ARG C 452 7.64 -34.20 -0.49
N TYR C 453 7.87 -34.20 0.82
CA TYR C 453 6.90 -34.74 1.75
C TYR C 453 6.30 -33.60 2.55
N VAL C 454 4.97 -33.62 2.71
CA VAL C 454 4.27 -32.60 3.50
C VAL C 454 3.92 -33.30 4.80
N VAL C 455 4.40 -32.74 5.92
CA VAL C 455 4.12 -33.31 7.22
C VAL C 455 3.12 -32.46 7.98
N ASP C 456 1.92 -33.00 8.19
CA ASP C 456 0.89 -32.30 8.95
C ASP C 456 1.10 -32.57 10.44
N ALA C 457 1.06 -31.52 11.24
CA ALA C 457 1.26 -31.66 12.67
C ALA C 457 0.43 -30.63 13.44
N THR C 458 0.31 -30.84 14.74
CA THR C 458 -0.45 -29.95 15.60
C THR C 458 0.40 -29.57 16.81
N LEU C 459 0.54 -28.27 17.04
CA LEU C 459 1.34 -27.77 18.15
C LEU C 459 0.61 -28.06 19.46
N LEU C 460 1.34 -28.59 20.43
CA LEU C 460 0.74 -28.88 21.72
C LEU C 460 0.75 -27.55 22.49
N THR C 461 -0.41 -27.14 23.00
CA THR C 461 -0.50 -25.86 23.71
C THR C 461 -0.11 -25.97 25.19
N THR D 60 -24.86 11.31 56.51
CA THR D 60 -23.82 11.51 55.47
C THR D 60 -24.35 12.47 54.41
N ASP D 61 -23.44 13.21 53.76
CA ASP D 61 -23.80 14.17 52.74
C ASP D 61 -24.76 13.65 51.67
N LYS D 62 -25.56 14.58 51.14
CA LYS D 62 -26.52 14.24 50.09
C LYS D 62 -25.72 13.93 48.84
N VAL D 63 -25.87 12.71 48.31
CA VAL D 63 -25.13 12.31 47.12
C VAL D 63 -25.99 11.47 46.19
N GLU D 64 -25.83 11.69 44.90
CA GLU D 64 -26.56 10.93 43.89
C GLU D 64 -25.77 9.66 43.55
N ASP D 65 -26.48 8.60 43.21
CA ASP D 65 -25.84 7.34 42.81
C ASP D 65 -26.85 6.57 41.96
N PHE D 66 -26.66 6.60 40.66
CA PHE D 66 -27.58 5.92 39.76
C PHE D 66 -27.34 4.43 39.61
N LYS D 67 -26.25 3.94 40.19
CA LYS D 67 -25.92 2.52 40.13
C LYS D 67 -25.88 1.99 38.70
N GLU D 68 -26.89 1.26 38.26
CA GLU D 68 -26.88 0.75 36.90
C GLU D 68 -28.01 1.29 36.02
N ASP D 69 -28.72 2.30 36.52
CA ASP D 69 -29.83 2.91 35.78
C ASP D 69 -29.33 3.99 34.80
N LYS D 70 -29.01 3.57 33.58
CA LYS D 70 -28.51 4.48 32.55
C LYS D 70 -29.49 5.57 32.14
N GLU D 71 -30.77 5.24 32.10
CA GLU D 71 -31.78 6.21 31.69
C GLU D 71 -31.93 7.36 32.69
N LYS D 72 -31.94 7.03 33.97
CA LYS D 72 -32.08 8.04 34.99
C LYS D 72 -30.80 8.87 35.00
N ALA D 73 -29.67 8.21 34.80
CA ALA D 73 -28.38 8.90 34.76
C ALA D 73 -28.28 9.86 33.59
N LYS D 74 -28.79 9.46 32.43
CA LYS D 74 -28.71 10.31 31.25
C LYS D 74 -29.53 11.58 31.39
N GLU D 75 -30.68 11.50 32.07
CA GLU D 75 -31.49 12.70 32.26
C GLU D 75 -30.76 13.67 33.17
N TRP D 76 -30.10 13.15 34.20
CA TRP D 76 -29.35 13.97 35.13
C TRP D 76 -28.16 14.57 34.37
N GLY D 77 -27.53 13.74 33.55
CA GLY D 77 -26.39 14.19 32.77
C GLY D 77 -26.71 15.30 31.79
N LYS D 78 -27.83 15.20 31.10
CA LYS D 78 -28.20 16.22 30.12
C LYS D 78 -28.35 17.58 30.78
N GLU D 79 -28.89 17.61 32.00
CA GLU D 79 -29.07 18.86 32.72
C GLU D 79 -27.74 19.45 33.20
N LYS D 80 -26.90 18.62 33.81
CA LYS D 80 -25.61 19.11 34.30
C LYS D 80 -24.64 19.51 33.19
N GLU D 81 -24.77 18.88 32.02
CA GLU D 81 -23.90 19.18 30.90
C GLU D 81 -24.02 20.66 30.52
N LYS D 82 -25.23 21.20 30.64
CA LYS D 82 -25.49 22.59 30.30
C LYS D 82 -24.88 23.58 31.28
N GLU D 83 -24.56 23.13 32.50
CA GLU D 83 -24.03 24.05 33.50
C GLU D 83 -22.54 24.40 33.38
N TRP D 84 -21.77 23.62 32.64
CA TRP D 84 -20.35 23.93 32.49
C TRP D 84 -20.24 25.13 31.55
N LYS D 85 -21.14 25.20 30.58
CA LYS D 85 -21.16 26.31 29.61
C LYS D 85 -19.93 26.43 28.73
N LEU D 86 -19.44 25.30 28.24
CA LEU D 86 -18.29 25.32 27.34
C LEU D 86 -18.78 25.75 25.97
N THR D 87 -17.94 26.45 25.20
CA THR D 87 -18.33 26.86 23.85
C THR D 87 -18.19 25.63 22.96
N ALA D 88 -18.70 25.72 21.73
CA ALA D 88 -18.59 24.61 20.81
C ALA D 88 -17.11 24.33 20.53
N THR D 89 -16.30 25.39 20.46
CA THR D 89 -14.88 25.21 20.20
C THR D 89 -14.21 24.46 21.36
N GLU D 90 -14.55 24.85 22.59
CA GLU D 90 -13.96 24.21 23.75
C GLU D 90 -14.34 22.73 23.83
N LYS D 91 -15.63 22.44 23.62
CA LYS D 91 -16.09 21.06 23.63
C LYS D 91 -15.30 20.24 22.62
N GLY D 92 -15.05 20.84 21.46
CA GLY D 92 -14.31 20.15 20.42
C GLY D 92 -12.92 19.73 20.87
N LYS D 93 -12.20 20.66 21.49
CA LYS D 93 -10.86 20.38 21.96
C LYS D 93 -10.86 19.35 23.08
N MET D 94 -11.85 19.42 23.97
CA MET D 94 -11.93 18.47 25.07
C MET D 94 -12.22 17.07 24.55
N ASN D 95 -13.12 16.98 23.58
CA ASN D 95 -13.45 15.67 23.02
C ASN D 95 -12.28 15.13 22.20
N ASN D 96 -11.53 16.02 21.55
CA ASN D 96 -10.37 15.58 20.77
C ASN D 96 -9.36 14.96 21.72
N PHE D 97 -9.21 15.53 22.92
CA PHE D 97 -8.29 14.99 23.90
C PHE D 97 -8.77 13.62 24.39
N LEU D 98 -10.04 13.54 24.80
CA LEU D 98 -10.60 12.28 25.28
C LEU D 98 -10.56 11.20 24.22
N ASP D 99 -10.65 11.59 22.95
CA ASP D 99 -10.62 10.63 21.85
C ASP D 99 -9.21 10.36 21.34
N ASN D 100 -8.22 10.90 22.04
CA ASN D 100 -6.81 10.70 21.70
C ASN D 100 -6.42 11.12 20.27
N LYS D 101 -6.95 12.24 19.81
CA LYS D 101 -6.63 12.76 18.49
C LYS D 101 -5.13 13.07 18.45
N ASN D 102 -4.45 12.58 17.41
CA ASN D 102 -3.00 12.78 17.25
C ASN D 102 -2.21 12.28 18.46
N ASP D 103 -2.73 11.25 19.12
CA ASP D 103 -2.08 10.63 20.29
C ASP D 103 -1.80 11.57 21.46
N ILE D 104 -2.56 12.65 21.57
CA ILE D 104 -2.33 13.60 22.65
C ILE D 104 -2.56 12.97 24.03
N LYS D 105 -3.49 12.03 24.11
CA LYS D 105 -3.80 11.36 25.37
C LYS D 105 -2.71 10.34 25.73
N THR D 106 -2.25 9.61 24.72
CA THR D 106 -1.19 8.63 24.92
C THR D 106 0.11 9.32 25.34
N ASN D 107 0.39 10.47 24.73
CA ASN D 107 1.60 11.22 25.03
C ASN D 107 1.50 12.19 26.20
N TYR D 108 0.31 12.33 26.80
CA TYR D 108 0.12 13.31 27.88
C TYR D 108 1.11 13.21 29.04
N LYS D 109 1.28 12.01 29.61
CA LYS D 109 2.22 11.87 30.74
C LYS D 109 3.61 12.37 30.35
N GLU D 110 4.14 11.93 29.21
CA GLU D 110 5.45 12.38 28.76
C GLU D 110 5.47 13.90 28.55
N ILE D 111 4.41 14.43 27.94
CA ILE D 111 4.31 15.87 27.72
C ILE D 111 4.50 16.65 29.02
N THR D 112 3.82 16.23 30.08
CA THR D 112 3.92 16.94 31.36
C THR D 112 5.30 16.89 32.02
N PHE D 113 6.16 15.97 31.56
CA PHE D 113 7.51 15.86 32.10
C PHE D 113 8.56 16.22 31.03
N SER D 114 8.12 16.97 30.02
CA SER D 114 9.02 17.34 28.93
C SER D 114 9.74 18.68 29.07
N MET D 115 10.71 18.88 28.21
CA MET D 115 11.48 20.10 28.20
C MET D 115 10.72 21.14 27.38
N ALA D 116 10.88 22.41 27.74
CA ALA D 116 10.23 23.51 27.04
C ALA D 116 10.48 23.44 25.54
N GLY D 117 9.42 23.53 24.75
CA GLY D 117 9.56 23.49 23.31
C GLY D 117 9.06 22.19 22.70
N SER D 118 8.97 21.14 23.50
CA SER D 118 8.48 19.85 23.01
C SER D 118 6.97 19.86 22.93
N PHE D 119 6.45 19.09 21.97
CA PHE D 119 5.01 18.97 21.75
C PHE D 119 4.30 20.31 21.74
N GLU D 120 4.83 21.27 20.97
CA GLU D 120 4.23 22.61 20.92
C GLU D 120 2.76 22.64 20.52
N ASP D 121 2.40 21.92 19.48
CA ASP D 121 1.00 21.94 19.05
C ASP D 121 0.08 21.37 20.12
N GLU D 122 0.50 20.31 20.79
CA GLU D 122 -0.33 19.70 21.82
C GLU D 122 -0.52 20.65 23.00
N ILE D 123 0.57 21.30 23.41
CA ILE D 123 0.50 22.23 24.52
C ILE D 123 -0.48 23.39 24.30
N LYS D 124 -0.63 23.85 23.06
CA LYS D 124 -1.60 24.92 22.79
C LYS D 124 -2.98 24.44 23.19
N ASP D 125 -3.30 23.20 22.84
CA ASP D 125 -4.59 22.61 23.19
C ASP D 125 -4.73 22.38 24.70
N LEU D 126 -3.65 21.90 25.32
CA LEU D 126 -3.69 21.63 26.74
C LEU D 126 -3.86 22.92 27.56
N LYS D 127 -3.35 24.04 27.04
CA LYS D 127 -3.49 25.32 27.75
C LYS D 127 -4.97 25.70 27.80
N GLU D 128 -5.68 25.49 26.69
CA GLU D 128 -7.09 25.83 26.64
C GLU D 128 -7.92 24.90 27.50
N ILE D 129 -7.57 23.61 27.52
CA ILE D 129 -8.28 22.64 28.33
C ILE D 129 -8.12 22.98 29.81
N ASP D 130 -6.91 23.35 30.20
CA ASP D 130 -6.67 23.71 31.60
C ASP D 130 -7.59 24.88 32.01
N LYS D 131 -7.75 25.87 31.13
CA LYS D 131 -8.59 27.01 31.46
C LYS D 131 -10.08 26.65 31.52
N MET D 132 -10.47 25.58 30.84
CA MET D 132 -11.87 25.17 30.88
C MET D 132 -12.27 24.76 32.28
N PHE D 133 -11.35 24.17 33.05
CA PHE D 133 -11.73 23.77 34.40
C PHE D 133 -11.94 24.94 35.33
N ASP D 134 -11.62 26.14 34.86
CA ASP D 134 -11.82 27.36 35.65
C ASP D 134 -13.27 27.84 35.52
N LYS D 135 -14.04 27.20 34.65
CA LYS D 135 -15.43 27.63 34.46
C LYS D 135 -16.46 26.59 34.88
N THR D 136 -16.04 25.64 35.71
CA THR D 136 -16.92 24.59 36.21
C THR D 136 -17.93 25.13 37.21
N ASN D 137 -19.04 24.41 37.38
CA ASN D 137 -20.09 24.81 38.32
C ASN D 137 -20.93 23.57 38.60
N LEU D 138 -20.36 22.65 39.38
CA LEU D 138 -21.04 21.39 39.72
C LEU D 138 -22.13 21.64 40.77
N SER D 139 -23.38 21.41 40.39
CA SER D 139 -24.51 21.66 41.28
C SER D 139 -24.83 20.57 42.31
N ASN D 140 -24.47 19.33 42.01
CA ASN D 140 -24.74 18.25 42.96
C ASN D 140 -23.64 17.19 43.05
N SER D 141 -23.48 16.64 44.25
CA SER D 141 -22.48 15.59 44.51
C SER D 141 -22.99 14.29 43.93
N ILE D 142 -22.09 13.44 43.45
CA ILE D 142 -22.50 12.18 42.85
C ILE D 142 -21.40 11.13 42.93
N ILE D 143 -21.82 9.87 42.95
CA ILE D 143 -20.88 8.77 42.98
C ILE D 143 -20.66 8.36 41.53
N THR D 144 -19.40 8.31 41.09
CA THR D 144 -19.11 7.95 39.72
C THR D 144 -18.32 6.62 39.65
N TYR D 145 -18.24 6.05 38.46
CA TYR D 145 -17.58 4.76 38.28
C TYR D 145 -16.58 4.73 37.13
N LYS D 146 -15.50 3.98 37.32
CA LYS D 146 -14.50 3.82 36.27
C LYS D 146 -13.72 2.53 36.52
N ASN D 147 -13.66 1.65 35.52
CA ASN D 147 -12.91 0.40 35.65
C ASN D 147 -11.55 0.61 35.04
N VAL D 148 -10.50 0.20 35.75
CA VAL D 148 -9.14 0.39 35.24
C VAL D 148 -8.25 -0.84 35.40
N GLU D 149 -7.21 -0.91 34.57
CA GLU D 149 -6.24 -1.99 34.66
C GLU D 149 -5.37 -1.64 35.87
N PRO D 150 -4.97 -2.64 36.65
CA PRO D 150 -4.13 -2.38 37.83
C PRO D 150 -2.86 -1.53 37.64
N THR D 151 -2.11 -1.76 36.57
CA THR D 151 -0.89 -0.98 36.40
C THR D 151 -1.14 0.51 36.16
N THR D 152 -2.34 0.88 35.73
CA THR D 152 -2.61 2.30 35.49
C THR D 152 -2.60 3.09 36.80
N ILE D 153 -2.83 2.41 37.93
CA ILE D 153 -2.78 3.09 39.22
C ILE D 153 -1.59 2.62 40.06
N GLY D 154 -0.58 2.07 39.39
CA GLY D 154 0.60 1.63 40.11
C GLY D 154 0.60 0.32 40.86
N PHE D 155 -0.35 -0.57 40.57
CA PHE D 155 -0.33 -1.87 41.23
C PHE D 155 0.37 -2.75 40.21
N ASN D 156 1.61 -3.13 40.54
CA ASN D 156 2.45 -3.89 39.63
C ASN D 156 2.63 -5.38 39.89
N LYS D 157 1.74 -5.98 40.67
CA LYS D 157 1.82 -7.43 40.89
C LYS D 157 0.68 -8.07 40.14
N SER D 158 0.74 -9.39 40.03
CA SER D 158 -0.33 -10.12 39.36
C SER D 158 -1.58 -9.93 40.21
N LEU D 159 -2.70 -9.62 39.57
CA LEU D 159 -3.95 -9.40 40.30
C LEU D 159 -4.97 -10.51 40.08
N THR D 160 -5.07 -10.98 38.84
CA THR D 160 -6.05 -12.00 38.49
C THR D 160 -5.51 -13.32 37.98
N GLU D 161 -6.38 -14.33 38.05
CA GLU D 161 -6.12 -15.68 37.57
C GLU D 161 -7.44 -15.99 36.88
N GLY D 162 -7.55 -15.56 35.63
CA GLY D 162 -8.80 -15.77 34.92
C GLY D 162 -9.84 -14.91 35.61
N ASN D 163 -11.01 -15.48 35.90
CA ASN D 163 -12.09 -14.75 36.53
C ASN D 163 -12.04 -14.63 38.06
N THR D 164 -10.93 -15.02 38.66
CA THR D 164 -10.80 -14.93 40.12
C THR D 164 -9.65 -14.03 40.53
N ILE D 165 -9.71 -13.51 41.76
CA ILE D 165 -8.67 -12.64 42.30
C ILE D 165 -7.74 -13.42 43.21
N ASN D 166 -6.45 -13.21 43.05
CA ASN D 166 -5.44 -13.87 43.87
C ASN D 166 -5.60 -13.42 45.32
N SER D 167 -5.76 -14.37 46.23
CA SER D 167 -5.91 -14.06 47.64
C SER D 167 -4.72 -13.25 48.16
N ASP D 168 -3.52 -13.59 47.70
CA ASP D 168 -2.32 -12.89 48.12
C ASP D 168 -2.21 -11.51 47.47
N ALA D 169 -2.59 -11.43 46.20
CA ALA D 169 -2.54 -10.17 45.49
C ALA D 169 -3.47 -9.17 46.18
N MET D 170 -4.58 -9.66 46.68
CA MET D 170 -5.55 -8.81 47.35
C MET D 170 -5.01 -8.22 48.66
N ALA D 171 -4.24 -9.01 49.40
CA ALA D 171 -3.65 -8.54 50.64
C ALA D 171 -2.60 -7.48 50.29
N GLN D 172 -1.86 -7.70 49.21
CA GLN D 172 -0.85 -6.74 48.78
C GLN D 172 -1.51 -5.43 48.37
N PHE D 173 -2.63 -5.52 47.66
CA PHE D 173 -3.35 -4.35 47.20
C PHE D 173 -3.83 -3.49 48.37
N LYS D 174 -4.44 -4.10 49.37
CA LYS D 174 -4.90 -3.35 50.54
C LYS D 174 -3.77 -2.68 51.28
N GLU D 175 -2.67 -3.40 51.47
CA GLU D 175 -1.53 -2.85 52.17
C GLU D 175 -0.99 -1.64 51.44
N GLN D 176 -1.00 -1.68 50.11
CA GLN D 176 -0.49 -0.55 49.34
C GLN D 176 -1.44 0.63 49.19
N PHE D 177 -2.75 0.38 49.14
CA PHE D 177 -3.69 1.48 48.92
C PHE D 177 -4.69 1.88 49.98
N LEU D 178 -5.07 0.99 50.89
CA LEU D 178 -6.07 1.37 51.88
C LEU D 178 -5.64 2.56 52.73
N ASP D 179 -6.54 3.53 52.89
CA ASP D 179 -6.28 4.73 53.67
C ASP D 179 -5.25 5.67 53.09
N ARG D 180 -4.85 5.43 51.84
CA ARG D 180 -3.90 6.32 51.20
C ARG D 180 -4.56 7.05 50.03
N ASP D 181 -3.83 7.98 49.43
CA ASP D 181 -4.35 8.75 48.29
C ASP D 181 -3.73 8.27 46.99
N ILE D 182 -4.56 8.13 45.97
CA ILE D 182 -4.09 7.74 44.66
C ILE D 182 -3.99 8.96 43.74
N LYS D 183 -2.78 9.23 43.25
CA LYS D 183 -2.54 10.35 42.34
C LYS D 183 -2.53 9.80 40.91
N PHE D 184 -3.37 10.35 40.03
CA PHE D 184 -3.43 9.92 38.64
C PHE D 184 -2.55 10.77 37.73
N ASP D 185 -2.25 10.25 36.54
CA ASP D 185 -1.38 10.95 35.60
C ASP D 185 -2.07 11.91 34.66
N SER D 186 -3.38 11.78 34.55
CA SER D 186 -4.16 12.62 33.64
C SER D 186 -5.54 12.89 34.22
N TYR D 187 -6.31 13.71 33.51
CA TYR D 187 -7.66 14.02 33.95
C TYR D 187 -8.43 12.74 34.20
N LEU D 188 -9.23 12.72 35.27
CA LEU D 188 -9.99 11.54 35.60
C LEU D 188 -11.37 11.62 34.93
N ASP D 189 -11.58 10.78 33.92
CA ASP D 189 -12.87 10.75 33.21
C ASP D 189 -13.66 9.54 33.70
N THR D 190 -14.76 9.81 34.40
CA THR D 190 -15.58 8.76 34.99
C THR D 190 -17.01 8.72 34.45
N HIS D 191 -17.69 7.61 34.71
CA HIS D 191 -19.05 7.35 34.23
C HIS D 191 -20.10 7.55 35.31
N LEU D 192 -21.35 7.80 34.89
CA LEU D 192 -22.41 8.03 35.85
C LEU D 192 -23.13 6.78 36.34
N THR D 193 -22.77 5.63 35.77
CA THR D 193 -23.33 4.34 36.17
C THR D 193 -22.24 3.30 36.13
N ALA D 194 -22.44 2.21 36.88
CA ALA D 194 -21.50 1.11 36.94
C ALA D 194 -21.27 0.60 35.51
N GLN D 195 -20.01 0.31 35.22
CA GLN D 195 -19.61 -0.14 33.91
C GLN D 195 -19.35 -1.63 33.80
N GLN D 196 -19.62 -2.17 32.61
CA GLN D 196 -19.40 -3.59 32.37
C GLN D 196 -17.91 -3.86 32.51
N VAL D 197 -17.57 -4.94 33.20
CA VAL D 197 -16.19 -5.31 33.44
C VAL D 197 -15.58 -6.04 32.25
N SER D 198 -14.38 -5.60 31.86
CA SER D 198 -13.70 -6.23 30.74
C SER D 198 -12.71 -7.25 31.28
N SER D 199 -11.89 -7.76 30.37
CA SER D 199 -10.88 -8.75 30.68
C SER D 199 -9.81 -8.24 31.65
N LYS D 200 -9.15 -7.14 31.29
CA LYS D 200 -8.06 -6.59 32.09
C LYS D 200 -8.37 -5.43 33.05
N GLU D 201 -9.42 -4.67 32.74
CA GLU D 201 -9.78 -3.55 33.61
C GLU D 201 -10.58 -4.10 34.79
N ARG D 202 -9.86 -4.77 35.68
CA ARG D 202 -10.44 -5.43 36.84
C ARG D 202 -10.47 -4.71 38.18
N VAL D 203 -10.09 -3.43 38.18
CA VAL D 203 -10.15 -2.63 39.40
C VAL D 203 -11.28 -1.63 39.21
N ILE D 204 -12.30 -1.71 40.05
CA ILE D 204 -13.45 -0.82 39.94
C ILE D 204 -13.30 0.38 40.88
N LEU D 205 -13.27 1.58 40.32
CA LEU D 205 -13.16 2.81 41.11
C LEU D 205 -14.55 3.40 41.30
N LYS D 206 -15.03 3.41 42.55
CA LYS D 206 -16.34 3.97 42.86
C LYS D 206 -15.97 5.24 43.60
N VAL D 207 -15.97 6.34 42.87
CA VAL D 207 -15.52 7.63 43.40
C VAL D 207 -16.59 8.66 43.72
N THR D 208 -16.62 9.10 44.97
CA THR D 208 -17.56 10.12 45.39
C THR D 208 -16.98 11.47 44.99
N VAL D 209 -17.73 12.19 44.16
CA VAL D 209 -17.33 13.50 43.69
C VAL D 209 -18.20 14.54 44.41
N PRO D 210 -17.65 15.18 45.45
CA PRO D 210 -18.41 16.19 46.19
C PRO D 210 -18.52 17.44 45.32
N SER D 211 -19.63 18.17 45.44
CA SER D 211 -19.82 19.39 44.67
C SER D 211 -19.05 20.54 45.31
N GLY D 212 -18.95 20.53 46.63
CA GLY D 212 -18.26 21.62 47.30
C GLY D 212 -19.09 22.88 47.16
N LYS D 213 -20.36 22.72 46.82
CA LYS D 213 -21.25 23.87 46.67
C LYS D 213 -21.43 24.51 48.04
N GLY D 214 -21.30 25.83 48.10
CA GLY D 214 -21.45 26.53 49.36
C GLY D 214 -20.16 26.66 50.13
N SER D 215 -19.08 26.06 49.61
CA SER D 215 -17.79 26.12 50.27
C SER D 215 -16.87 27.09 49.54
N THR D 216 -15.69 27.32 50.10
CA THR D 216 -14.74 28.25 49.51
C THR D 216 -13.95 27.58 48.38
N THR D 217 -14.06 26.26 48.28
CA THR D 217 -13.36 25.51 47.25
C THR D 217 -14.28 24.62 46.43
N PRO D 218 -15.13 25.22 45.58
CA PRO D 218 -16.03 24.39 44.77
C PRO D 218 -15.19 23.42 43.93
N THR D 219 -15.73 22.23 43.71
CA THR D 219 -15.01 21.21 42.97
C THR D 219 -14.86 21.49 41.47
N LYS D 220 -13.62 21.45 40.98
CA LYS D 220 -13.37 21.68 39.58
C LYS D 220 -13.57 20.40 38.76
N ALA D 221 -14.84 20.09 38.52
CA ALA D 221 -15.27 18.93 37.76
C ALA D 221 -16.54 19.34 37.02
N GLY D 222 -16.84 18.63 35.93
CA GLY D 222 -18.02 18.95 35.16
C GLY D 222 -18.40 17.82 34.23
N VAL D 223 -19.65 17.88 33.75
CA VAL D 223 -20.16 16.86 32.85
C VAL D 223 -20.01 17.27 31.40
N ILE D 224 -19.58 16.30 30.59
CA ILE D 224 -19.39 16.51 29.17
C ILE D 224 -20.03 15.37 28.40
N LEU D 225 -20.46 15.67 27.18
CA LEU D 225 -21.05 14.65 26.31
C LEU D 225 -19.93 14.17 25.39
N ASN D 226 -19.52 12.92 25.56
CA ASN D 226 -18.46 12.35 24.76
C ASN D 226 -18.82 10.93 24.37
N ASN D 227 -18.70 10.63 23.08
CA ASN D 227 -19.02 9.30 22.56
C ASN D 227 -20.41 8.83 22.92
N SER D 228 -21.39 9.73 22.79
CA SER D 228 -22.80 9.43 23.05
C SER D 228 -23.13 9.12 24.50
N GLU D 229 -22.29 9.59 25.43
CA GLU D 229 -22.52 9.34 26.85
C GLU D 229 -22.12 10.53 27.69
N TYR D 230 -22.89 10.81 28.74
CA TYR D 230 -22.55 11.90 29.65
C TYR D 230 -21.56 11.37 30.67
N LYS D 231 -20.40 12.01 30.75
CA LYS D 231 -19.33 11.59 31.65
C LYS D 231 -18.88 12.73 32.56
N MET D 232 -18.33 12.38 33.71
CA MET D 232 -17.83 13.39 34.65
C MET D 232 -16.32 13.55 34.44
N LEU D 233 -15.87 14.76 34.17
CA LEU D 233 -14.44 15.01 33.98
C LEU D 233 -13.96 15.78 35.19
N ILE D 234 -12.88 15.29 35.80
CA ILE D 234 -12.32 15.88 37.00
C ILE D 234 -10.93 16.43 36.77
N ASP D 235 -10.68 17.64 37.25
CA ASP D 235 -9.37 18.27 37.06
C ASP D 235 -8.21 17.49 37.69
N ASN D 236 -7.00 17.78 37.23
CA ASN D 236 -5.79 17.13 37.76
C ASN D 236 -5.50 17.45 39.23
N GLY D 237 -6.08 18.53 39.73
CA GLY D 237 -5.85 18.91 41.11
C GLY D 237 -6.59 18.11 42.16
N TYR D 238 -6.84 16.84 41.88
CA TYR D 238 -7.54 15.97 42.84
C TYR D 238 -7.00 14.56 42.83
N MET D 239 -6.90 13.98 44.01
CA MET D 239 -6.47 12.59 44.17
C MET D 239 -7.70 11.84 44.69
N VAL D 240 -7.61 10.52 44.70
CA VAL D 240 -8.71 9.71 45.22
C VAL D 240 -8.24 9.09 46.54
N HIS D 241 -8.88 9.49 47.63
CA HIS D 241 -8.53 8.96 48.95
C HIS D 241 -9.27 7.63 49.04
N VAL D 242 -8.55 6.55 49.33
CA VAL D 242 -9.14 5.22 49.41
C VAL D 242 -9.79 4.94 50.76
N ASP D 243 -11.12 4.86 50.78
CA ASP D 243 -11.88 4.63 52.00
C ASP D 243 -12.08 3.16 52.29
N LYS D 244 -12.18 2.35 51.23
CA LYS D 244 -12.41 0.93 51.40
C LYS D 244 -12.03 0.11 50.19
N VAL D 245 -11.56 -1.10 50.43
CA VAL D 245 -11.20 -2.03 49.37
C VAL D 245 -11.89 -3.35 49.66
N SER D 246 -12.62 -3.87 48.68
CA SER D 246 -13.30 -5.14 48.85
C SER D 246 -13.38 -5.91 47.54
N LYS D 247 -13.60 -7.21 47.65
CA LYS D 247 -13.70 -8.05 46.46
C LYS D 247 -15.18 -8.14 46.09
N VAL D 248 -15.47 -7.94 44.81
CA VAL D 248 -16.85 -8.01 44.33
C VAL D 248 -16.92 -8.93 43.13
N VAL D 249 -18.12 -9.38 42.81
CA VAL D 249 -18.30 -10.28 41.68
C VAL D 249 -19.32 -9.68 40.72
N LYS D 250 -18.94 -9.53 39.46
CA LYS D 250 -19.81 -8.97 38.44
C LYS D 250 -19.97 -10.01 37.33
N LYS D 251 -21.12 -10.66 37.31
CA LYS D 251 -21.40 -11.69 36.30
C LYS D 251 -20.36 -12.79 36.35
N GLY D 252 -20.10 -13.30 37.56
CA GLY D 252 -19.13 -14.37 37.73
C GLY D 252 -17.66 -13.99 37.73
N VAL D 253 -17.35 -12.75 37.38
CA VAL D 253 -15.97 -12.28 37.34
C VAL D 253 -15.62 -11.49 38.60
N GLU D 254 -14.58 -11.92 39.32
CA GLU D 254 -14.18 -11.22 40.53
C GLU D 254 -13.32 -10.01 40.22
N CYS D 255 -13.61 -8.89 40.89
CA CYS D 255 -12.87 -7.65 40.69
C CYS D 255 -12.60 -7.04 42.06
N LEU D 256 -11.66 -6.08 42.11
CA LEU D 256 -11.38 -5.39 43.35
C LEU D 256 -12.02 -4.02 43.23
N GLN D 257 -12.85 -3.69 44.19
CA GLN D 257 -13.53 -2.40 44.20
C GLN D 257 -12.95 -1.44 45.21
N ILE D 258 -12.58 -0.26 44.71
CA ILE D 258 -12.05 0.80 45.55
C ILE D 258 -13.14 1.84 45.70
N GLU D 259 -13.49 2.14 46.94
CA GLU D 259 -14.47 3.18 47.20
C GLU D 259 -13.65 4.32 47.78
N GLY D 260 -13.67 5.47 47.10
CA GLY D 260 -12.91 6.60 47.56
C GLY D 260 -13.61 7.92 47.34
N THR D 261 -12.99 8.98 47.83
CA THR D 261 -13.54 10.33 47.75
C THR D 261 -12.45 11.28 47.24
N LEU D 262 -12.85 12.29 46.45
CA LEU D 262 -11.86 13.22 45.94
C LEU D 262 -11.22 14.02 47.07
N LYS D 263 -9.92 14.24 46.93
CA LYS D 263 -9.11 15.00 47.88
C LYS D 263 -8.32 16.02 47.08
N LYS D 264 -8.48 17.29 47.40
CA LYS D 264 -7.81 18.37 46.67
C LYS D 264 -6.31 18.49 46.94
N SER D 265 -5.54 18.66 45.86
CA SER D 265 -4.09 18.87 45.93
C SER D 265 -3.67 19.60 44.66
N LEU D 266 -3.22 20.85 44.79
CA LEU D 266 -2.83 21.59 43.60
C LEU D 266 -1.69 20.92 42.84
N ASP D 267 -1.83 20.87 41.52
CA ASP D 267 -0.79 20.26 40.69
C ASP D 267 -0.63 21.08 39.42
N PHE D 268 0.45 21.86 39.37
CA PHE D 268 0.71 22.70 38.22
C PHE D 268 1.36 21.97 37.05
N LYS D 269 1.69 20.69 37.22
CA LYS D 269 2.34 19.92 36.17
C LYS D 269 3.50 20.74 35.63
N ASN D 270 3.64 20.83 34.32
CA ASN D 270 4.73 21.60 33.73
C ASN D 270 4.41 23.09 33.55
N ASP D 271 3.40 23.53 34.30
CA ASP D 271 2.97 24.94 34.38
C ASP D 271 2.85 25.66 33.03
N ILE D 272 2.05 25.09 32.13
CA ILE D 272 1.87 25.62 30.79
C ILE D 272 1.12 26.96 30.71
N ASN D 273 0.39 27.33 31.76
CA ASN D 273 -0.30 28.62 31.78
C ASN D 273 0.34 29.62 32.73
N ALA D 274 1.55 29.31 33.18
CA ALA D 274 2.31 30.20 34.07
C ALA D 274 1.50 30.71 35.25
N GLU D 275 0.96 29.77 36.04
CA GLU D 275 0.15 30.13 37.19
C GLU D 275 0.85 29.77 38.51
N ALA D 276 1.86 28.92 38.42
CA ALA D 276 2.59 28.48 39.61
C ALA D 276 3.21 29.62 40.41
N HIS D 277 3.93 30.51 39.73
CA HIS D 277 4.56 31.62 40.43
C HIS D 277 3.55 32.57 41.07
N SER D 278 2.44 32.82 40.39
CA SER D 278 1.40 33.70 40.95
C SER D 278 0.87 33.13 42.25
N TRP D 279 0.70 31.81 42.30
CA TRP D 279 0.21 31.15 43.50
C TRP D 279 1.25 31.33 44.61
N GLY D 280 2.51 31.07 44.26
CA GLY D 280 3.59 31.19 45.24
C GLY D 280 3.71 32.57 45.84
N MET D 281 3.62 33.59 45.00
CA MET D 281 3.73 34.96 45.49
C MET D 281 2.49 35.34 46.28
N LYS D 282 1.32 34.90 45.83
CA LYS D 282 0.10 35.24 46.54
C LYS D 282 0.16 34.70 47.96
N ASN D 283 0.74 33.51 48.14
CA ASN D 283 0.83 32.90 49.47
C ASN D 283 2.08 33.20 50.27
N TYR D 284 3.17 33.59 49.61
CA TYR D 284 4.40 33.86 50.35
C TYR D 284 5.07 35.22 50.19
N GLU D 285 4.47 36.12 49.41
CA GLU D 285 5.09 37.44 49.25
C GLU D 285 5.17 38.17 50.59
N GLU D 286 4.16 38.02 51.44
CA GLU D 286 4.18 38.68 52.74
C GLU D 286 5.21 38.02 53.65
N TRP D 287 5.36 36.71 53.52
CA TRP D 287 6.31 35.93 54.29
C TRP D 287 7.72 36.48 54.05
N ALA D 288 8.07 36.61 52.77
CA ALA D 288 9.38 37.10 52.37
C ALA D 288 9.60 38.53 52.83
N LYS D 289 8.52 39.30 52.91
CA LYS D 289 8.60 40.70 53.33
C LYS D 289 8.84 40.83 54.82
N ASP D 290 8.28 39.90 55.60
CA ASP D 290 8.44 39.94 57.05
C ASP D 290 9.65 39.18 57.59
N LEU D 291 10.53 38.71 56.71
CA LEU D 291 11.72 37.99 57.16
C LEU D 291 12.62 38.95 57.92
N THR D 292 13.20 38.48 59.02
CA THR D 292 14.09 39.33 59.80
C THR D 292 15.38 39.47 59.02
N ASP D 293 16.20 40.44 59.40
CA ASP D 293 17.46 40.67 58.72
C ASP D 293 18.34 39.42 58.71
N SER D 294 18.43 38.75 59.85
CA SER D 294 19.24 37.54 59.96
C SER D 294 18.67 36.38 59.16
N GLN D 295 17.34 36.30 59.07
CA GLN D 295 16.71 35.22 58.31
C GLN D 295 16.89 35.44 56.82
N ARG D 296 16.65 36.67 56.37
CA ARG D 296 16.80 37.00 54.95
C ARG D 296 18.25 36.82 54.50
N GLU D 297 19.19 37.21 55.37
CA GLU D 297 20.61 37.07 55.04
C GLU D 297 20.97 35.58 54.91
N ALA D 298 20.43 34.77 55.82
CA ALA D 298 20.69 33.33 55.82
C ALA D 298 20.12 32.64 54.59
N LEU D 299 18.89 33.02 54.20
CA LEU D 299 18.25 32.43 53.03
C LEU D 299 18.97 32.82 51.75
N ASP D 300 19.38 34.09 51.67
CA ASP D 300 20.11 34.59 50.50
C ASP D 300 21.42 33.83 50.33
N GLY D 301 22.14 33.65 51.42
CA GLY D 301 23.41 32.94 51.36
C GLY D 301 23.17 31.51 50.90
N TYR D 302 22.18 30.87 51.51
CA TYR D 302 21.83 29.50 51.18
C TYR D 302 21.65 29.31 49.67
N ALA D 303 20.77 30.12 49.09
CA ALA D 303 20.48 30.05 47.67
C ALA D 303 21.68 30.40 46.78
N ARG D 304 22.43 31.42 47.17
CA ARG D 304 23.58 31.85 46.37
C ARG D 304 24.62 30.73 46.22
N GLN D 305 25.05 30.12 47.32
CA GLN D 305 26.03 29.03 47.22
C GLN D 305 26.16 28.19 48.48
N ASP D 306 25.67 28.69 49.61
CA ASP D 306 25.80 27.97 50.87
C ASP D 306 25.00 26.67 50.99
N TYR D 307 24.07 26.44 50.07
CA TYR D 307 23.25 25.22 50.14
C TYR D 307 24.10 23.96 50.03
N LYS D 308 25.15 24.01 49.22
CA LYS D 308 26.03 22.86 49.02
C LYS D 308 26.75 22.51 50.32
N GLU D 309 27.35 23.53 50.93
CA GLU D 309 28.08 23.35 52.18
C GLU D 309 27.14 22.92 53.28
N ILE D 310 26.05 23.67 53.44
CA ILE D 310 25.06 23.40 54.47
C ILE D 310 24.48 21.99 54.46
N ASN D 311 24.07 21.49 53.29
CA ASN D 311 23.50 20.15 53.23
C ASN D 311 24.51 19.02 53.43
N ASN D 312 25.76 19.25 53.02
CA ASN D 312 26.79 18.23 53.20
C ASN D 312 27.06 18.10 54.69
N TYR D 313 27.01 19.24 55.37
CA TYR D 313 27.24 19.34 56.81
C TYR D 313 26.19 18.58 57.61
N LEU D 314 24.94 18.66 57.17
CA LEU D 314 23.84 18.00 57.85
C LEU D 314 23.73 16.51 57.51
N ARG D 315 23.95 16.17 56.24
CA ARG D 315 23.85 14.80 55.76
C ARG D 315 25.06 13.90 56.01
N ASN D 316 26.25 14.40 55.70
CA ASN D 316 27.47 13.62 55.86
C ASN D 316 28.35 14.02 57.03
N GLN D 317 27.76 14.67 58.03
CA GLN D 317 28.55 15.09 59.18
C GLN D 317 27.68 15.25 60.42
N GLY D 318 26.43 14.79 60.31
CA GLY D 318 25.49 14.85 61.42
C GLY D 318 25.51 16.15 62.20
N GLY D 319 25.62 17.28 61.50
CA GLY D 319 25.65 18.57 62.17
C GLY D 319 26.75 18.61 63.21
N SER D 320 27.67 17.66 63.13
CA SER D 320 28.80 17.53 64.04
C SER D 320 29.14 18.76 64.86
N GLY D 321 30.25 19.40 64.49
CA GLY D 321 30.68 20.59 65.20
C GLY D 321 30.95 21.76 64.28
N ASN D 322 30.57 22.94 64.74
CA ASN D 322 30.75 24.18 63.99
C ASN D 322 29.96 25.22 64.78
N GLU D 323 29.72 26.37 64.17
CA GLU D 323 28.96 27.44 64.82
C GLU D 323 28.46 28.42 63.77
N LYS D 324 29.30 28.67 62.77
CA LYS D 324 28.96 29.57 61.69
C LYS D 324 27.77 28.99 60.92
N LEU D 325 27.82 27.68 60.69
CA LEU D 325 26.76 26.99 59.96
C LEU D 325 25.54 26.76 60.84
N ASP D 326 25.78 26.46 62.13
CA ASP D 326 24.69 26.23 63.06
C ASP D 326 23.81 27.47 63.15
N ALA D 327 24.46 28.63 63.21
CA ALA D 327 23.73 29.89 63.29
C ALA D 327 22.89 30.11 62.05
N GLN D 328 23.48 29.89 60.88
CA GLN D 328 22.76 30.07 59.62
C GLN D 328 21.62 29.07 59.50
N ILE D 329 21.90 27.82 59.84
CA ILE D 329 20.90 26.75 59.79
C ILE D 329 19.72 27.09 60.68
N LYS D 330 19.99 27.65 61.85
CA LYS D 330 18.92 28.03 62.76
C LYS D 330 18.04 29.10 62.12
N ASN D 331 18.66 30.10 61.49
CA ASN D 331 17.90 31.16 60.85
C ASN D 331 17.06 30.63 59.69
N ILE D 332 17.60 29.69 58.93
CA ILE D 332 16.88 29.11 57.79
C ILE D 332 15.66 28.33 58.27
N SER D 333 15.86 27.43 59.23
CA SER D 333 14.75 26.63 59.74
C SER D 333 13.72 27.50 60.45
N ASP D 334 14.16 28.59 61.07
CA ASP D 334 13.23 29.48 61.73
C ASP D 334 12.31 30.09 60.67
N ALA D 335 12.90 30.55 59.58
CA ALA D 335 12.14 31.17 58.49
C ALA D 335 11.19 30.17 57.84
N LEU D 336 11.65 28.93 57.66
CA LEU D 336 10.83 27.92 57.03
C LEU D 336 9.67 27.47 57.91
N GLY D 337 9.75 27.74 59.20
CA GLY D 337 8.68 27.36 60.11
C GLY D 337 7.66 28.46 60.31
N LYS D 338 7.96 29.65 59.80
CA LYS D 338 7.06 30.78 59.95
C LYS D 338 5.67 30.61 59.37
N LYS D 339 5.59 30.13 58.12
CA LYS D 339 4.28 29.94 57.51
C LYS D 339 4.14 28.55 56.91
N PRO D 340 3.34 27.69 57.55
CA PRO D 340 3.13 26.34 57.06
C PRO D 340 2.47 26.35 55.69
N ILE D 341 2.78 25.36 54.87
CA ILE D 341 2.18 25.25 53.54
C ILE D 341 0.66 25.42 53.77
N PRO D 342 0.06 26.45 53.15
CA PRO D 342 -1.37 26.75 53.29
C PRO D 342 -2.44 25.79 52.78
N GLU D 343 -2.10 24.92 51.84
CA GLU D 343 -3.05 23.95 51.32
C GLU D 343 -2.29 22.76 50.74
N ASN D 344 -2.99 21.66 50.49
CA ASN D 344 -2.32 20.48 49.93
C ASN D 344 -1.79 20.84 48.54
N ILE D 345 -0.51 20.53 48.28
CA ILE D 345 0.06 20.78 46.96
C ILE D 345 0.94 19.60 46.53
N THR D 346 1.26 19.58 45.24
CA THR D 346 2.11 18.56 44.65
C THR D 346 3.39 19.26 44.20
N VAL D 347 4.55 18.70 44.52
CA VAL D 347 5.84 19.26 44.09
C VAL D 347 6.68 18.18 43.41
N TYR D 348 7.71 18.62 42.70
CA TYR D 348 8.56 17.72 41.94
C TYR D 348 10.06 17.84 42.14
N ARG D 349 10.75 16.71 42.01
CA ARG D 349 12.21 16.67 42.15
C ARG D 349 12.78 15.60 41.23
N TRP D 350 13.69 16.01 40.34
CA TRP D 350 14.33 15.05 39.45
C TRP D 350 15.57 14.59 40.22
N CYS D 351 15.68 13.27 40.42
CA CYS D 351 16.76 12.69 41.22
C CYS D 351 17.77 11.80 40.50
N GLY D 352 19.04 11.90 40.91
CA GLY D 352 20.07 11.09 40.31
C GLY D 352 20.04 9.70 40.95
N MET D 353 20.67 8.72 40.31
CA MET D 353 20.69 7.35 40.84
C MET D 353 21.21 7.23 42.27
N PRO D 354 22.29 7.96 42.62
CA PRO D 354 22.81 7.89 43.99
C PRO D 354 21.80 8.31 45.06
N GLU D 355 20.90 9.22 44.71
CA GLU D 355 19.91 9.67 45.68
C GLU D 355 19.05 8.48 46.09
N PHE D 356 18.95 7.48 45.22
CA PHE D 356 18.18 6.28 45.53
C PHE D 356 19.04 5.04 45.77
N GLY D 357 20.29 5.26 46.16
CA GLY D 357 21.18 4.16 46.48
C GLY D 357 21.74 3.32 45.34
N TYR D 358 21.72 3.84 44.12
CA TYR D 358 22.26 3.11 42.98
C TYR D 358 23.50 3.85 42.49
N GLN D 359 24.26 3.20 41.62
CA GLN D 359 25.46 3.82 41.07
C GLN D 359 25.14 4.54 39.77
N ILE D 360 25.95 5.52 39.41
CA ILE D 360 25.72 6.28 38.18
C ILE D 360 25.76 5.37 36.96
N SER D 361 26.54 4.30 37.03
CA SER D 361 26.68 3.37 35.91
C SER D 361 25.59 2.32 35.82
N ASP D 362 24.81 2.14 36.89
CA ASP D 362 23.77 1.13 36.92
C ASP D 362 22.55 1.42 36.05
N PRO D 363 21.99 0.37 35.42
CA PRO D 363 20.81 0.57 34.59
C PRO D 363 19.66 0.73 35.59
N LEU D 364 18.49 1.13 35.11
CA LEU D 364 17.37 1.28 36.01
C LEU D 364 16.96 -0.16 36.37
N PRO D 365 16.81 -0.46 37.66
CA PRO D 365 16.42 -1.82 38.06
C PRO D 365 15.01 -2.14 37.58
N SER D 366 14.66 -3.41 37.57
CA SER D 366 13.33 -3.82 37.13
C SER D 366 12.32 -3.19 38.10
N LEU D 367 11.09 -3.06 37.65
CA LEU D 367 10.05 -2.47 38.47
C LEU D 367 9.88 -3.28 39.77
N LYS D 368 9.94 -4.61 39.64
CA LYS D 368 9.81 -5.50 40.80
C LYS D 368 10.89 -5.25 41.83
N ASP D 369 12.13 -5.19 41.37
CA ASP D 369 13.28 -4.94 42.26
C ASP D 369 13.22 -3.56 42.89
N PHE D 370 12.80 -2.56 42.12
CA PHE D 370 12.71 -1.20 42.64
C PHE D 370 11.66 -1.17 43.77
N GLU D 371 10.49 -1.77 43.54
CA GLU D 371 9.45 -1.78 44.57
C GLU D 371 9.89 -2.54 45.82
N GLU D 372 10.59 -3.65 45.63
CA GLU D 372 11.04 -4.42 46.79
C GLU D 372 11.97 -3.59 47.65
N GLN D 373 12.71 -2.67 47.03
CA GLN D 373 13.64 -1.82 47.75
C GLN D 373 12.97 -0.58 48.35
N PHE D 374 12.00 0.00 47.64
CA PHE D 374 11.37 1.23 48.10
C PHE D 374 9.86 1.31 48.39
N LEU D 375 9.05 0.46 47.77
CA LEU D 375 7.61 0.57 48.01
C LEU D 375 7.26 0.45 49.49
N ASN D 376 6.43 1.36 49.97
CA ASN D 376 5.99 1.40 51.37
C ASN D 376 7.11 1.59 52.38
N THR D 377 8.13 2.38 52.02
CA THR D 377 9.23 2.67 52.94
C THR D 377 9.22 4.16 53.22
N ILE D 378 9.99 4.58 54.22
CA ILE D 378 10.09 6.00 54.57
C ILE D 378 11.47 6.45 54.13
N LYS D 379 11.53 7.52 53.34
CA LYS D 379 12.81 8.04 52.89
C LYS D 379 13.02 9.40 53.55
N GLU D 380 14.17 9.59 54.19
CA GLU D 380 14.43 10.86 54.86
C GLU D 380 15.70 11.58 54.39
N ASP D 381 15.74 12.88 54.66
CA ASP D 381 16.87 13.72 54.29
C ASP D 381 17.25 14.61 55.48
N LYS D 382 18.51 14.53 55.88
CA LYS D 382 19.00 15.33 57.00
C LYS D 382 19.19 16.79 56.60
N GLY D 383 19.39 17.01 55.30
CA GLY D 383 19.57 18.36 54.79
C GLY D 383 18.24 18.91 54.33
N TYR D 384 18.26 20.05 53.64
CA TYR D 384 17.04 20.66 53.15
C TYR D 384 16.74 20.11 51.76
N MET D 385 15.47 19.81 51.50
CA MET D 385 15.11 19.27 50.20
C MET D 385 14.40 20.29 49.31
N SER D 386 15.07 20.59 48.19
CA SER D 386 14.58 21.54 47.21
C SER D 386 13.64 20.83 46.24
N THR D 387 12.49 21.43 45.98
CA THR D 387 11.50 20.87 45.06
C THR D 387 10.90 22.02 44.26
N SER D 388 10.18 21.67 43.19
CA SER D 388 9.56 22.70 42.35
C SER D 388 8.08 22.43 42.12
N LEU D 389 7.31 23.52 41.96
CA LEU D 389 5.89 23.43 41.68
C LEU D 389 5.70 22.93 40.25
N SER D 390 6.75 23.00 39.44
CA SER D 390 6.70 22.58 38.04
C SER D 390 7.46 21.29 37.77
N SER D 391 6.88 20.42 36.95
CA SER D 391 7.52 19.16 36.60
C SER D 391 8.32 19.27 35.30
N GLU D 392 8.42 20.49 34.78
CA GLU D 392 9.16 20.74 33.55
C GLU D 392 10.59 20.22 33.66
N ARG D 393 11.07 19.59 32.59
CA ARG D 393 12.43 19.07 32.59
C ARG D 393 13.41 20.14 32.11
N LEU D 394 14.43 20.40 32.92
CA LEU D 394 15.45 21.39 32.59
C LEU D 394 16.72 20.66 32.17
N ALA D 395 17.52 21.30 31.31
CA ALA D 395 18.75 20.67 30.81
C ALA D 395 19.74 20.30 31.91
N ALA D 396 19.76 21.07 33.01
CA ALA D 396 20.69 20.80 34.10
C ALA D 396 20.44 19.46 34.79
N PHE D 397 19.21 18.97 34.75
CA PHE D 397 18.88 17.70 35.39
C PHE D 397 17.98 16.82 34.53
N GLY D 398 17.95 17.11 33.23
CA GLY D 398 17.11 16.35 32.32
C GLY D 398 17.49 14.90 32.11
N SER D 399 18.66 14.49 32.60
CA SER D 399 19.11 13.11 32.43
C SER D 399 18.62 12.18 33.55
N ARG D 400 18.34 12.76 34.72
CA ARG D 400 17.86 11.97 35.86
C ARG D 400 16.84 10.95 35.40
N LYS D 401 16.90 9.75 35.98
CA LYS D 401 16.01 8.66 35.62
C LYS D 401 14.86 8.46 36.61
N ILE D 402 14.93 9.16 37.75
CA ILE D 402 13.92 9.05 38.78
C ILE D 402 13.27 10.38 39.10
N ILE D 403 11.95 10.44 38.93
CA ILE D 403 11.21 11.67 39.17
C ILE D 403 10.33 11.52 40.40
N LEU D 404 10.58 12.34 41.41
CA LEU D 404 9.77 12.30 42.63
C LEU D 404 8.56 13.23 42.47
N ARG D 405 7.35 12.68 42.66
CA ARG D 405 6.12 13.47 42.59
C ARG D 405 5.59 13.38 44.02
N LEU D 406 5.90 14.41 44.80
CA LEU D 406 5.61 14.48 46.23
C LEU D 406 4.40 15.28 46.70
N GLN D 407 3.54 14.63 47.48
CA GLN D 407 2.38 15.30 48.05
C GLN D 407 2.83 15.98 49.33
N VAL D 408 2.65 17.30 49.37
CA VAL D 408 3.01 18.13 50.52
C VAL D 408 1.68 18.55 51.14
N PRO D 409 1.29 17.90 52.24
CA PRO D 409 0.04 18.22 52.92
C PRO D 409 -0.03 19.63 53.51
N LYS D 410 -1.25 20.13 53.69
CA LYS D 410 -1.44 21.43 54.30
C LYS D 410 -0.82 21.32 55.69
N GLY D 411 -0.04 22.32 56.09
CA GLY D 411 0.58 22.27 57.40
C GLY D 411 2.03 21.84 57.38
N SER D 412 2.53 21.39 56.23
CA SER D 412 3.92 20.98 56.14
C SER D 412 4.86 22.15 56.41
N THR D 413 6.08 21.83 56.79
CA THR D 413 7.09 22.83 57.12
C THR D 413 7.98 23.18 55.93
N GLY D 414 7.71 24.32 55.31
CA GLY D 414 8.48 24.78 54.17
C GLY D 414 8.01 26.13 53.68
N ALA D 415 8.55 26.59 52.56
CA ALA D 415 8.15 27.90 52.02
C ALA D 415 8.45 28.05 50.54
N TYR D 416 7.77 29.00 49.90
CA TYR D 416 8.01 29.27 48.48
C TYR D 416 9.23 30.18 48.46
N LEU D 417 10.41 29.57 48.41
CA LEU D 417 11.66 30.30 48.44
C LEU D 417 11.78 31.38 47.37
N SER D 418 11.24 31.10 46.19
CA SER D 418 11.31 32.05 45.09
C SER D 418 10.74 33.44 45.38
N ALA D 419 10.03 33.58 46.50
CA ALA D 419 9.46 34.87 46.86
C ALA D 419 10.52 35.86 47.35
N ILE D 420 11.72 35.36 47.66
CA ILE D 420 12.79 36.24 48.14
C ILE D 420 13.59 36.83 46.99
N GLY D 421 13.30 36.39 45.77
CA GLY D 421 13.99 36.90 44.59
C GLY D 421 15.51 36.93 44.68
N GLY D 422 16.10 35.99 45.41
CA GLY D 422 17.56 35.96 45.51
C GLY D 422 18.11 34.93 44.55
N PHE D 423 17.51 34.87 43.37
CA PHE D 423 17.88 33.91 42.33
C PHE D 423 17.28 32.56 42.68
N ALA D 424 17.50 32.12 43.92
CA ALA D 424 17.00 30.84 44.44
C ALA D 424 16.08 30.09 43.47
N SER D 425 16.64 29.69 42.33
CA SER D 425 15.90 28.96 41.30
C SER D 425 14.48 29.48 41.07
N GLU D 426 13.74 28.80 40.19
CA GLU D 426 12.38 29.21 39.87
C GLU D 426 11.32 28.25 40.38
N LYS D 427 10.18 28.81 40.81
CA LYS D 427 9.05 28.03 41.29
C LYS D 427 9.49 27.03 42.36
N GLU D 428 10.41 27.46 43.22
CA GLU D 428 10.94 26.58 44.25
C GLU D 428 10.27 26.57 45.62
N ILE D 429 10.01 25.37 46.10
CA ILE D 429 9.45 25.11 47.42
C ILE D 429 10.59 24.43 48.17
N LEU D 430 11.06 25.06 49.24
CA LEU D 430 12.13 24.50 50.04
C LEU D 430 11.54 23.91 51.32
N LEU D 431 11.77 22.61 51.53
CA LEU D 431 11.24 21.94 52.72
C LEU D 431 12.29 21.94 53.81
N ASP D 432 11.86 22.03 55.06
CA ASP D 432 12.80 22.07 56.18
C ASP D 432 13.58 20.77 56.30
N LYS D 433 14.74 20.84 56.94
CA LYS D 433 15.61 19.69 57.12
C LYS D 433 14.92 18.58 57.94
N ASP D 434 15.44 17.37 57.83
CA ASP D 434 14.87 16.22 58.54
C ASP D 434 13.49 15.86 58.01
N SER D 435 13.34 15.95 56.70
CA SER D 435 12.10 15.61 56.05
C SER D 435 12.01 14.10 55.89
N LYS D 436 10.78 13.58 55.85
CA LYS D 436 10.54 12.15 55.70
C LYS D 436 9.32 11.97 54.81
N TYR D 437 9.40 11.03 53.87
CA TYR D 437 8.24 10.80 53.02
C TYR D 437 8.01 9.32 52.77
N HIS D 438 6.74 8.96 52.66
CA HIS D 438 6.33 7.57 52.44
C HIS D 438 6.11 7.33 50.95
N ILE D 439 6.80 6.35 50.40
CA ILE D 439 6.66 6.02 48.99
C ILE D 439 5.39 5.21 48.77
N ASP D 440 4.45 5.83 48.05
CA ASP D 440 3.13 5.27 47.77
C ASP D 440 3.04 4.32 46.58
N LYS D 441 3.69 4.67 45.48
CA LYS D 441 3.67 3.83 44.28
C LYS D 441 4.71 4.27 43.27
N VAL D 442 4.99 3.39 42.31
CA VAL D 442 5.94 3.65 41.26
C VAL D 442 5.35 3.28 39.90
N THR D 443 5.48 4.18 38.93
CA THR D 443 4.98 3.95 37.57
C THR D 443 6.05 4.37 36.58
N GLU D 444 5.79 4.12 35.31
CA GLU D 444 6.76 4.44 34.26
C GLU D 444 6.29 5.53 33.30
N VAL D 445 7.26 6.18 32.67
CA VAL D 445 7.00 7.20 31.67
C VAL D 445 8.20 7.17 30.73
N ILE D 446 7.93 7.15 29.44
CA ILE D 446 9.00 7.11 28.44
C ILE D 446 9.21 8.53 27.93
N ILE D 447 10.38 9.09 28.20
CA ILE D 447 10.69 10.45 27.77
C ILE D 447 11.79 10.39 26.70
N LYS D 448 11.43 10.75 25.47
CA LYS D 448 12.37 10.72 24.35
C LYS D 448 12.88 9.31 24.12
N GLY D 449 11.98 8.34 24.20
CA GLY D 449 12.36 6.94 23.99
C GLY D 449 13.13 6.30 25.13
N VAL D 450 13.25 7.01 26.25
CA VAL D 450 13.97 6.50 27.42
C VAL D 450 13.01 6.31 28.59
N LYS D 451 13.02 5.14 29.22
CA LYS D 451 12.11 4.88 30.35
C LYS D 451 12.60 5.53 31.63
N ARG D 452 11.66 6.06 32.41
CA ARG D 452 11.98 6.69 33.68
C ARG D 452 10.93 6.30 34.68
N TYR D 453 11.29 6.32 35.96
CA TYR D 453 10.34 5.97 37.01
C TYR D 453 9.80 7.20 37.72
N VAL D 454 8.48 7.25 37.87
CA VAL D 454 7.84 8.33 38.59
C VAL D 454 7.51 7.74 39.95
N VAL D 455 8.09 8.31 40.99
CA VAL D 455 7.87 7.86 42.35
C VAL D 455 6.89 8.76 43.09
N ASP D 456 5.68 8.27 43.33
CA ASP D 456 4.68 9.03 44.08
C ASP D 456 4.91 8.80 45.57
N ALA D 457 4.93 9.89 46.33
CA ALA D 457 5.15 9.81 47.77
C ALA D 457 4.38 10.90 48.50
N THR D 458 4.28 10.76 49.82
CA THR D 458 3.57 11.73 50.66
C THR D 458 4.47 12.16 51.81
N LEU D 459 4.67 13.47 51.94
CA LEU D 459 5.50 14.04 52.99
C LEU D 459 4.81 13.87 54.35
N LEU D 460 5.57 13.51 55.37
CA LEU D 460 4.99 13.34 56.70
C LEU D 460 5.05 14.69 57.42
N THR D 461 4.01 14.99 58.19
CA THR D 461 3.94 16.27 58.90
C THR D 461 4.09 16.12 60.40
#